data_2L7Y
#
_entry.id   2L7Y
#
_entity_poly.entity_id   1
_entity_poly.type   'polypeptide(L)'
_entity_poly.pdbx_seq_one_letter_code
;MSPKTILGIEVSQEPKKDYLVGDSLDLSEGRFAVAYSNDTMEEHSFTDEGVEISGYDAQKTGRQTLTLHYQGHEVSFDVL
VSPKAALNDELEHHHHHH
;
_entity_poly.pdbx_strand_id   A
#
# COMPACT_ATOMS: atom_id res chain seq x y z
N SER A 2 27.91 11.27 -2.56
CA SER A 2 27.01 11.56 -3.67
C SER A 2 25.56 11.30 -3.27
N PRO A 3 24.63 11.89 -4.03
CA PRO A 3 23.19 11.75 -3.78
C PRO A 3 22.68 10.34 -4.09
N LYS A 4 21.65 9.92 -3.38
CA LYS A 4 21.07 8.59 -3.57
C LYS A 4 19.67 8.69 -4.16
N THR A 5 19.55 8.43 -5.45
CA THR A 5 18.27 8.48 -6.13
C THR A 5 17.93 7.15 -6.81
N ILE A 6 16.68 7.00 -7.22
CA ILE A 6 16.24 5.78 -7.88
C ILE A 6 16.09 5.99 -9.38
N LEU A 7 15.56 4.98 -10.06
CA LEU A 7 15.36 5.05 -11.50
C LEU A 7 14.31 4.06 -11.96
N GLY A 8 14.55 2.77 -11.69
CA GLY A 8 13.60 1.74 -12.08
C GLY A 8 12.64 1.38 -10.96
N ILE A 9 11.41 1.09 -11.32
CA ILE A 9 10.38 0.72 -10.34
C ILE A 9 9.76 -0.63 -10.67
N GLU A 10 9.43 -1.38 -9.64
CA GLU A 10 8.82 -2.70 -9.81
C GLU A 10 7.64 -2.89 -8.86
N VAL A 11 6.49 -3.24 -9.42
CA VAL A 11 5.29 -3.45 -8.61
C VAL A 11 5.37 -4.76 -7.83
N SER A 12 5.19 -4.67 -6.51
CA SER A 12 5.25 -5.85 -5.65
C SER A 12 4.17 -5.78 -4.57
N GLN A 13 3.06 -5.12 -4.89
CA GLN A 13 1.96 -4.98 -3.95
C GLN A 13 0.96 -6.11 -4.12
N GLU A 14 0.57 -6.72 -3.00
CA GLU A 14 -0.39 -7.83 -3.03
C GLU A 14 -1.75 -7.38 -2.51
N PRO A 15 -2.80 -8.09 -2.93
CA PRO A 15 -4.18 -7.78 -2.52
C PRO A 15 -4.43 -8.10 -1.06
N LYS A 16 -5.01 -7.14 -0.34
CA LYS A 16 -5.31 -7.32 1.08
C LYS A 16 -6.11 -6.14 1.62
N LYS A 17 -5.40 -5.05 1.92
CA LYS A 17 -6.05 -3.85 2.45
C LYS A 17 -7.07 -4.21 3.52
N ASP A 18 -6.58 -4.64 4.67
CA ASP A 18 -7.45 -5.00 5.79
C ASP A 18 -7.30 -4.03 6.94
N TYR A 19 -8.41 -3.40 7.33
CA TYR A 19 -8.39 -2.44 8.42
C TYR A 19 -9.38 -2.84 9.52
N LEU A 20 -8.97 -2.67 10.77
CA LEU A 20 -9.82 -3.01 11.89
C LEU A 20 -10.48 -1.77 12.48
N VAL A 21 -11.61 -1.97 13.14
CA VAL A 21 -12.35 -0.86 13.75
C VAL A 21 -11.44 -0.01 14.64
N GLY A 22 -11.56 1.31 14.52
CA GLY A 22 -10.76 2.19 15.33
C GLY A 22 -9.27 1.99 15.09
N ASP A 23 -8.92 1.38 13.96
CA ASP A 23 -7.53 1.12 13.63
C ASP A 23 -7.11 1.90 12.39
N SER A 24 -8.11 2.29 11.59
CA SER A 24 -7.84 3.05 10.36
C SER A 24 -7.00 2.22 9.38
N LEU A 25 -6.51 2.88 8.34
CA LEU A 25 -5.68 2.22 7.34
C LEU A 25 -4.55 1.45 7.99
N ASP A 26 -3.97 0.51 7.25
CA ASP A 26 -2.87 -0.30 7.77
C ASP A 26 -2.36 -1.26 6.69
N LEU A 27 -2.42 -0.83 5.44
CA LEU A 27 -1.97 -1.65 4.32
C LEU A 27 -0.52 -2.10 4.53
N SER A 28 -0.30 -3.40 4.44
CA SER A 28 1.04 -3.95 4.62
C SER A 28 1.48 -4.72 3.37
N GLU A 29 0.52 -5.36 2.70
CA GLU A 29 0.81 -6.11 1.50
C GLU A 29 1.04 -5.19 0.30
N GLY A 30 0.59 -3.95 0.43
CA GLY A 30 0.74 -2.98 -0.64
C GLY A 30 2.09 -2.28 -0.60
N ARG A 31 3.14 -3.01 -0.95
CA ARG A 31 4.49 -2.46 -0.94
C ARG A 31 5.11 -2.53 -2.33
N PHE A 32 6.05 -1.62 -2.61
CA PHE A 32 6.73 -1.58 -3.90
C PHE A 32 8.24 -1.66 -3.73
N ALA A 33 8.91 -2.25 -4.70
CA ALA A 33 10.37 -2.39 -4.66
C ALA A 33 11.03 -1.46 -5.67
N VAL A 34 11.86 -0.55 -5.17
CA VAL A 34 12.56 0.40 -6.02
C VAL A 34 14.05 0.08 -6.10
N ALA A 35 14.61 0.21 -7.29
CA ALA A 35 16.04 -0.07 -7.49
C ALA A 35 16.82 1.23 -7.64
N TYR A 36 17.83 1.40 -6.79
CA TYR A 36 18.67 2.60 -6.82
C TYR A 36 19.84 2.42 -7.77
N SER A 37 20.48 3.53 -8.12
CA SER A 37 21.63 3.49 -9.03
C SER A 37 22.90 3.12 -8.29
N ASN A 38 22.82 3.09 -6.96
CA ASN A 38 23.97 2.76 -6.12
C ASN A 38 23.96 1.27 -5.76
N ASP A 39 23.28 0.47 -6.59
CA ASP A 39 23.20 -0.97 -6.35
C ASP A 39 22.53 -1.26 -5.01
N THR A 40 21.32 -0.75 -4.83
CA THR A 40 20.59 -0.96 -3.58
C THR A 40 19.08 -0.89 -3.83
N MET A 41 18.34 -1.78 -3.17
CA MET A 41 16.89 -1.83 -3.30
C MET A 41 16.21 -1.57 -1.96
N GLU A 42 15.07 -0.89 -2.01
CA GLU A 42 14.32 -0.58 -0.80
C GLU A 42 12.84 -0.91 -0.98
N GLU A 43 12.27 -1.57 0.02
CA GLU A 43 10.86 -1.95 -0.01
C GLU A 43 10.09 -1.29 1.12
N HIS A 44 8.87 -0.85 0.82
CA HIS A 44 8.02 -0.19 1.82
C HIS A 44 6.55 -0.37 1.47
N SER A 45 5.72 -0.59 2.49
CA SER A 45 4.29 -0.77 2.30
C SER A 45 3.51 0.43 2.83
N PHE A 46 2.69 1.01 1.98
CA PHE A 46 1.88 2.17 2.35
C PHE A 46 2.75 3.23 3.04
N THR A 47 3.98 3.39 2.55
CA THR A 47 4.90 4.36 3.11
C THR A 47 5.15 5.50 2.13
N ASP A 48 5.73 5.17 0.98
CA ASP A 48 6.02 6.17 -0.05
C ASP A 48 4.74 6.85 -0.52
N GLU A 49 4.84 8.15 -0.82
CA GLU A 49 3.69 8.91 -1.28
C GLU A 49 3.66 8.98 -2.81
N GLY A 50 4.32 8.01 -3.45
CA GLY A 50 4.35 7.98 -4.90
C GLY A 50 3.11 7.35 -5.49
N VAL A 51 2.44 6.50 -4.72
CA VAL A 51 1.23 5.83 -5.18
C VAL A 51 -0.01 6.44 -4.53
N GLU A 52 -0.95 6.88 -5.37
CA GLU A 52 -2.18 7.49 -4.88
C GLU A 52 -3.35 6.53 -5.05
N ILE A 53 -4.13 6.36 -3.98
CA ILE A 53 -5.29 5.48 -4.01
C ILE A 53 -6.58 6.27 -4.16
N SER A 54 -7.45 5.80 -5.05
CA SER A 54 -8.72 6.47 -5.31
C SER A 54 -9.87 5.47 -5.25
N GLY A 55 -10.96 5.86 -4.59
CA GLY A 55 -12.11 4.99 -4.49
C GLY A 55 -12.33 4.48 -3.07
N TYR A 56 -11.26 4.48 -2.29
CA TYR A 56 -11.33 4.01 -0.91
C TYR A 56 -11.86 5.10 0.02
N ASP A 57 -12.91 4.77 0.76
CA ASP A 57 -13.51 5.72 1.69
C ASP A 57 -13.10 5.41 3.13
N ALA A 58 -12.14 6.16 3.63
CA ALA A 58 -11.66 5.98 4.99
C ALA A 58 -12.76 6.28 6.01
N GLN A 59 -13.74 7.06 5.59
CA GLN A 59 -14.86 7.42 6.47
C GLN A 59 -15.97 6.38 6.40
N LYS A 60 -15.69 5.28 5.70
CA LYS A 60 -16.67 4.20 5.56
C LYS A 60 -16.10 3.06 4.73
N THR A 61 -15.61 2.03 5.42
CA THR A 61 -15.03 0.87 4.75
C THR A 61 -16.02 -0.28 4.71
N GLY A 62 -15.69 -1.31 3.93
CA GLY A 62 -16.56 -2.48 3.82
C GLY A 62 -16.81 -2.87 2.38
N ARG A 63 -15.90 -3.65 1.81
CA ARG A 63 -16.02 -4.10 0.43
C ARG A 63 -15.97 -2.92 -0.53
N GLN A 64 -14.94 -2.09 -0.38
CA GLN A 64 -14.78 -0.92 -1.23
C GLN A 64 -13.65 -1.13 -2.24
N THR A 65 -13.83 -0.61 -3.44
CA THR A 65 -12.84 -0.75 -4.50
C THR A 65 -11.69 0.24 -4.31
N LEU A 66 -10.52 -0.11 -4.83
CA LEU A 66 -9.35 0.75 -4.71
C LEU A 66 -8.52 0.72 -6.01
N THR A 67 -8.04 1.88 -6.42
CA THR A 67 -7.24 2.00 -7.63
C THR A 67 -5.99 2.82 -7.38
N LEU A 68 -4.84 2.14 -7.34
CA LEU A 68 -3.56 2.82 -7.12
C LEU A 68 -2.89 3.17 -8.44
N HIS A 69 -2.45 4.42 -8.56
CA HIS A 69 -1.79 4.88 -9.78
C HIS A 69 -0.39 5.42 -9.46
N TYR A 70 0.60 4.96 -10.21
CA TYR A 70 1.98 5.39 -10.01
C TYR A 70 2.69 5.59 -11.35
N GLN A 71 3.08 6.83 -11.63
CA GLN A 71 3.76 7.15 -12.87
C GLN A 71 2.85 6.95 -14.06
N GLY A 72 2.72 5.70 -14.51
CA GLY A 72 1.87 5.39 -15.64
C GLY A 72 1.22 4.03 -15.52
N HIS A 73 1.27 3.45 -14.33
CA HIS A 73 0.67 2.14 -14.08
C HIS A 73 -0.51 2.25 -13.13
N GLU A 74 -1.44 1.30 -13.23
CA GLU A 74 -2.63 1.30 -12.39
C GLU A 74 -2.97 -0.12 -11.95
N VAL A 75 -3.30 -0.28 -10.67
CA VAL A 75 -3.65 -1.58 -10.13
C VAL A 75 -4.96 -1.51 -9.33
N SER A 76 -5.79 -2.53 -9.49
CA SER A 76 -7.08 -2.58 -8.78
C SER A 76 -6.99 -3.50 -7.57
N PHE A 77 -7.75 -3.18 -6.53
CA PHE A 77 -7.76 -3.99 -5.32
C PHE A 77 -9.07 -3.79 -4.55
N ASP A 78 -9.27 -4.59 -3.51
CA ASP A 78 -10.48 -4.52 -2.70
C ASP A 78 -10.13 -4.40 -1.22
N VAL A 79 -10.95 -3.67 -0.47
CA VAL A 79 -10.73 -3.49 0.95
C VAL A 79 -11.90 -4.03 1.77
N LEU A 80 -11.58 -4.70 2.87
CA LEU A 80 -12.61 -5.27 3.73
C LEU A 80 -12.35 -4.91 5.20
N VAL A 81 -13.33 -4.30 5.84
CA VAL A 81 -13.22 -3.90 7.24
C VAL A 81 -13.87 -4.92 8.15
N SER A 82 -13.20 -5.26 9.24
CA SER A 82 -13.71 -6.23 10.20
C SER A 82 -13.53 -5.74 11.63
N PRO A 83 -14.29 -6.33 12.55
CA PRO A 83 -14.23 -5.97 13.98
C PRO A 83 -12.91 -6.40 14.63
N LYS A 84 -12.32 -5.50 15.41
CA LYS A 84 -11.08 -5.78 16.10
C LYS A 84 -11.15 -7.11 16.86
N ALA A 85 -10.03 -7.82 16.92
CA ALA A 85 -9.97 -9.09 17.62
C ALA A 85 -9.16 -8.98 18.90
N ALA A 86 -9.08 -10.09 19.64
CA ALA A 86 -8.32 -10.10 20.89
C ALA A 86 -6.91 -10.64 20.67
N LEU A 87 -6.08 -10.57 21.70
CA LEU A 87 -4.71 -11.03 21.61
C LEU A 87 -3.96 -10.33 20.49
N ASN A 88 -3.35 -9.19 20.82
CA ASN A 88 -2.59 -8.41 19.85
C ASN A 88 -1.22 -8.04 20.38
N ASP A 89 -0.20 -8.21 19.55
CA ASP A 89 1.17 -7.90 19.95
C ASP A 89 1.46 -6.40 19.77
N GLU A 90 2.23 -5.84 20.70
CA GLU A 90 2.57 -4.43 20.65
C GLU A 90 4.08 -4.22 20.76
N SER A 2 25.31 15.07 -4.80
CA SER A 2 25.13 14.08 -5.86
C SER A 2 24.20 12.96 -5.40
N PRO A 3 22.91 13.29 -5.26
CA PRO A 3 21.89 12.31 -4.83
C PRO A 3 21.61 11.27 -5.90
N LYS A 4 21.21 10.07 -5.45
CA LYS A 4 20.91 8.98 -6.37
C LYS A 4 19.42 8.95 -6.72
N THR A 5 19.10 8.52 -7.93
CA THR A 5 17.72 8.44 -8.37
C THR A 5 17.36 7.02 -8.81
N ILE A 6 16.07 6.69 -8.70
CA ILE A 6 15.61 5.36 -9.09
C ILE A 6 15.42 5.26 -10.60
N LEU A 7 15.94 4.19 -11.19
CA LEU A 7 15.82 3.97 -12.62
C LEU A 7 14.92 2.79 -12.93
N GLY A 8 14.70 1.94 -11.93
CA GLY A 8 13.85 0.77 -12.11
C GLY A 8 12.90 0.57 -10.95
N ILE A 9 11.73 0.01 -11.24
CA ILE A 9 10.73 -0.23 -10.21
C ILE A 9 10.12 -1.63 -10.37
N GLU A 10 9.78 -2.24 -9.24
CA GLU A 10 9.19 -3.58 -9.25
C GLU A 10 8.03 -3.67 -8.26
N VAL A 11 6.88 -4.10 -8.76
CA VAL A 11 5.69 -4.24 -7.92
C VAL A 11 5.77 -5.48 -7.05
N SER A 12 5.38 -5.33 -5.78
CA SER A 12 5.41 -6.45 -4.84
C SER A 12 4.30 -6.32 -3.80
N GLN A 13 3.31 -5.50 -4.12
CA GLN A 13 2.18 -5.28 -3.22
C GLN A 13 1.08 -6.31 -3.47
N GLU A 14 0.61 -6.95 -2.39
CA GLU A 14 -0.44 -7.95 -2.50
C GLU A 14 -1.76 -7.40 -1.97
N PRO A 15 -2.87 -7.97 -2.48
CA PRO A 15 -4.23 -7.56 -2.08
C PRO A 15 -4.55 -7.97 -0.65
N LYS A 16 -5.06 -7.02 0.13
CA LYS A 16 -5.42 -7.28 1.52
C LYS A 16 -6.23 -6.12 2.10
N LYS A 17 -5.53 -5.08 2.54
CA LYS A 17 -6.18 -3.91 3.11
C LYS A 17 -7.32 -4.32 4.04
N ASP A 18 -6.97 -5.00 5.13
CA ASP A 18 -7.96 -5.45 6.10
C ASP A 18 -7.69 -4.84 7.47
N TYR A 19 -8.71 -4.18 8.03
CA TYR A 19 -8.58 -3.55 9.34
C TYR A 19 -9.89 -3.62 10.11
N LEU A 20 -9.79 -3.65 11.43
CA LEU A 20 -10.97 -3.71 12.29
C LEU A 20 -11.53 -2.31 12.56
N VAL A 21 -12.83 -2.24 12.81
CA VAL A 21 -13.48 -0.97 13.09
C VAL A 21 -12.75 -0.21 14.19
N GLY A 22 -12.65 1.12 14.03
CA GLY A 22 -11.99 1.93 15.02
C GLY A 22 -10.56 2.27 14.63
N ASP A 23 -9.98 1.43 13.77
CA ASP A 23 -8.61 1.64 13.32
C ASP A 23 -8.54 1.63 11.79
N SER A 24 -9.40 2.41 11.16
CA SER A 24 -9.44 2.49 9.70
C SER A 24 -8.05 2.80 9.14
N LEU A 25 -7.86 2.49 7.85
CA LEU A 25 -6.59 2.73 7.20
C LEU A 25 -5.45 2.00 7.91
N ASP A 26 -5.22 0.75 7.52
CA ASP A 26 -4.17 -0.06 8.12
C ASP A 26 -3.67 -1.12 7.14
N LEU A 27 -3.02 -0.67 6.07
CA LEU A 27 -2.50 -1.57 5.05
C LEU A 27 -1.00 -1.77 5.23
N SER A 28 -0.58 -3.04 5.32
CA SER A 28 0.83 -3.36 5.49
C SER A 28 1.23 -4.53 4.60
N GLU A 29 0.33 -4.91 3.69
CA GLU A 29 0.58 -6.02 2.78
C GLU A 29 0.92 -5.51 1.38
N GLY A 30 0.56 -4.26 1.12
CA GLY A 30 0.83 -3.67 -0.18
C GLY A 30 2.11 -2.86 -0.20
N ARG A 31 3.24 -3.55 -0.30
CA ARG A 31 4.55 -2.89 -0.32
C ARG A 31 5.20 -3.03 -1.69
N PHE A 32 5.99 -2.03 -2.07
CA PHE A 32 6.67 -2.03 -3.36
C PHE A 32 8.18 -1.95 -3.18
N ALA A 33 8.92 -2.56 -4.10
CA ALA A 33 10.38 -2.54 -4.03
C ALA A 33 10.96 -1.65 -5.12
N VAL A 34 11.69 -0.62 -4.70
CA VAL A 34 12.31 0.31 -5.64
C VAL A 34 13.81 0.09 -5.72
N ALA A 35 14.36 0.19 -6.93
CA ALA A 35 15.79 0.02 -7.14
C ALA A 35 16.46 1.33 -7.53
N TYR A 36 17.37 1.80 -6.67
CA TYR A 36 18.07 3.04 -6.93
C TYR A 36 19.18 2.84 -7.95
N SER A 37 19.49 3.89 -8.71
CA SER A 37 20.52 3.82 -9.73
C SER A 37 21.90 3.66 -9.09
N ASN A 38 21.96 3.87 -7.78
CA ASN A 38 23.22 3.74 -7.05
C ASN A 38 23.39 2.33 -6.49
N ASP A 39 22.71 1.37 -7.11
CA ASP A 39 22.78 -0.02 -6.67
C ASP A 39 22.22 -0.18 -5.25
N THR A 40 20.92 0.01 -5.12
CA THR A 40 20.26 -0.12 -3.83
C THR A 40 18.80 -0.51 -3.98
N MET A 41 18.25 -1.17 -2.97
CA MET A 41 16.86 -1.61 -2.99
C MET A 41 16.20 -1.41 -1.64
N GLU A 42 14.98 -0.87 -1.64
CA GLU A 42 14.25 -0.63 -0.39
C GLU A 42 12.78 -0.97 -0.56
N GLU A 43 12.22 -1.71 0.39
CA GLU A 43 10.82 -2.09 0.35
C GLU A 43 10.05 -1.53 1.54
N HIS A 44 8.85 -1.03 1.29
CA HIS A 44 8.02 -0.47 2.34
C HIS A 44 6.53 -0.56 1.98
N SER A 45 5.71 -0.85 2.98
CA SER A 45 4.27 -0.97 2.76
C SER A 45 3.53 0.28 3.23
N PHE A 46 2.78 0.89 2.33
CA PHE A 46 2.02 2.09 2.65
C PHE A 46 2.90 3.10 3.39
N THR A 47 4.18 3.15 3.01
CA THR A 47 5.12 4.07 3.63
C THR A 47 5.58 5.14 2.64
N ASP A 48 6.27 4.71 1.60
CA ASP A 48 6.77 5.65 0.59
C ASP A 48 5.62 6.48 0.01
N GLU A 49 5.92 7.75 -0.27
CA GLU A 49 4.91 8.66 -0.82
C GLU A 49 5.00 8.70 -2.34
N GLY A 50 5.58 7.65 -2.93
CA GLY A 50 5.71 7.60 -4.37
C GLY A 50 4.42 7.19 -5.06
N VAL A 51 3.70 6.24 -4.46
CA VAL A 51 2.45 5.76 -5.02
C VAL A 51 1.26 6.51 -4.43
N GLU A 52 0.25 6.77 -5.26
CA GLU A 52 -0.94 7.48 -4.82
C GLU A 52 -2.19 6.63 -5.04
N ILE A 53 -2.92 6.38 -3.96
CA ILE A 53 -4.15 5.58 -4.04
C ILE A 53 -5.38 6.47 -3.93
N SER A 54 -6.40 6.17 -4.74
CA SER A 54 -7.63 6.93 -4.72
C SER A 54 -8.85 6.02 -4.91
N GLY A 55 -10.00 6.48 -4.43
CA GLY A 55 -11.21 5.68 -4.55
C GLY A 55 -11.69 5.16 -3.21
N TYR A 56 -10.82 5.20 -2.21
CA TYR A 56 -11.15 4.72 -0.88
C TYR A 56 -11.91 5.79 -0.09
N ASP A 57 -12.91 5.36 0.68
CA ASP A 57 -13.71 6.27 1.48
C ASP A 57 -13.33 6.17 2.95
N ALA A 58 -12.52 7.11 3.41
CA ALA A 58 -12.08 7.13 4.81
C ALA A 58 -13.27 7.04 5.76
N GLN A 59 -14.41 7.56 5.32
CA GLN A 59 -15.62 7.52 6.13
C GLN A 59 -16.62 6.50 5.59
N LYS A 60 -16.09 5.37 5.12
CA LYS A 60 -16.93 4.31 4.58
C LYS A 60 -16.09 3.12 4.12
N THR A 61 -16.23 2.00 4.81
CA THR A 61 -15.47 0.80 4.46
C THR A 61 -16.40 -0.40 4.30
N GLY A 62 -15.81 -1.58 4.19
CA GLY A 62 -16.60 -2.80 4.02
C GLY A 62 -16.44 -3.41 2.65
N ARG A 63 -16.07 -2.59 1.67
CA ARG A 63 -15.89 -3.06 0.30
C ARG A 63 -15.63 -1.88 -0.64
N GLN A 64 -14.41 -1.36 -0.60
CA GLN A 64 -14.02 -0.23 -1.45
C GLN A 64 -12.90 -0.63 -2.40
N THR A 65 -12.95 -0.09 -3.62
CA THR A 65 -11.94 -0.39 -4.63
C THR A 65 -10.88 0.71 -4.68
N LEU A 66 -9.65 0.36 -4.35
CA LEU A 66 -8.55 1.31 -4.36
C LEU A 66 -7.71 1.16 -5.62
N THR A 67 -7.18 2.27 -6.12
CA THR A 67 -6.35 2.26 -7.32
C THR A 67 -5.07 3.07 -7.12
N LEU A 68 -3.93 2.39 -7.18
CA LEU A 68 -2.64 3.05 -7.00
C LEU A 68 -1.97 3.30 -8.34
N HIS A 69 -1.48 4.52 -8.54
CA HIS A 69 -0.82 4.89 -9.79
C HIS A 69 0.58 5.41 -9.52
N TYR A 70 1.59 4.64 -9.91
CA TYR A 70 2.98 5.02 -9.71
C TYR A 70 3.83 4.63 -10.92
N GLN A 71 4.58 5.61 -11.43
CA GLN A 71 5.43 5.38 -12.59
C GLN A 71 4.62 4.94 -13.80
N GLY A 72 3.34 5.31 -13.81
CA GLY A 72 2.47 4.94 -14.91
C GLY A 72 1.75 3.63 -14.68
N HIS A 73 2.29 2.83 -13.75
CA HIS A 73 1.69 1.53 -13.43
C HIS A 73 0.45 1.70 -12.56
N GLU A 74 -0.62 1.00 -12.90
CA GLU A 74 -1.87 1.07 -12.15
C GLU A 74 -2.23 -0.29 -11.57
N VAL A 75 -2.64 -0.28 -10.30
CA VAL A 75 -3.02 -1.53 -9.62
C VAL A 75 -4.35 -1.35 -8.88
N SER A 76 -5.22 -2.35 -9.01
CA SER A 76 -6.52 -2.31 -8.36
C SER A 76 -6.55 -3.26 -7.16
N PHE A 77 -7.26 -2.84 -6.11
CA PHE A 77 -7.37 -3.63 -4.90
C PHE A 77 -8.71 -3.41 -4.22
N ASP A 78 -8.99 -4.21 -3.19
CA ASP A 78 -10.25 -4.10 -2.46
C ASP A 78 -9.99 -4.06 -0.96
N VAL A 79 -10.84 -3.33 -0.23
CA VAL A 79 -10.70 -3.21 1.21
C VAL A 79 -11.94 -3.77 1.93
N LEU A 80 -11.70 -4.51 3.00
CA LEU A 80 -12.79 -5.10 3.78
C LEU A 80 -12.56 -4.92 5.27
N VAL A 81 -13.55 -4.39 5.96
CA VAL A 81 -13.45 -4.17 7.40
C VAL A 81 -14.19 -5.25 8.18
N SER A 82 -13.57 -5.74 9.23
CA SER A 82 -14.17 -6.79 10.07
C SER A 82 -14.48 -6.27 11.47
N PRO A 83 -15.41 -6.96 12.16
CA PRO A 83 -15.82 -6.58 13.51
C PRO A 83 -14.71 -6.83 14.54
N LYS A 84 -14.00 -5.77 14.91
CA LYS A 84 -12.93 -5.88 15.89
C LYS A 84 -11.95 -7.00 15.52
N ALA A 85 -11.06 -7.34 16.43
CA ALA A 85 -10.08 -8.39 16.20
C ALA A 85 -9.20 -8.61 17.42
N ALA A 86 -8.15 -9.39 17.26
CA ALA A 86 -7.23 -9.68 18.36
C ALA A 86 -5.86 -9.06 18.10
N LEU A 87 -4.95 -9.22 19.06
CA LEU A 87 -3.60 -8.69 18.93
C LEU A 87 -2.73 -9.59 18.07
N ASN A 88 -1.55 -9.10 17.72
CA ASN A 88 -0.62 -9.87 16.90
C ASN A 88 0.82 -9.40 17.12
N ASP A 89 1.76 -10.34 17.05
CA ASP A 89 3.16 -10.03 17.25
C ASP A 89 3.91 -10.00 15.91
N GLU A 90 5.14 -9.52 15.94
CA GLU A 90 5.96 -9.43 14.73
C GLU A 90 7.44 -9.54 15.07
N SER A 2 27.05 12.76 -3.38
CA SER A 2 25.92 13.32 -4.12
C SER A 2 24.64 12.56 -3.80
N PRO A 3 23.49 13.20 -4.08
CA PRO A 3 22.17 12.60 -3.82
C PRO A 3 21.87 11.44 -4.77
N LYS A 4 21.26 10.40 -4.23
CA LYS A 4 20.91 9.22 -5.02
C LYS A 4 19.40 9.11 -5.20
N THR A 5 18.97 8.83 -6.42
CA THR A 5 17.54 8.69 -6.71
C THR A 5 17.23 7.32 -7.29
N ILE A 6 15.95 6.98 -7.34
CA ILE A 6 15.52 5.69 -7.88
C ILE A 6 15.69 5.64 -9.39
N LEU A 7 15.43 4.47 -9.97
CA LEU A 7 15.55 4.30 -11.42
C LEU A 7 14.54 3.26 -11.92
N GLY A 8 14.39 2.17 -11.18
CA GLY A 8 13.47 1.13 -11.57
C GLY A 8 12.42 0.87 -10.51
N ILE A 9 11.28 0.33 -10.93
CA ILE A 9 10.19 0.03 -10.00
C ILE A 9 9.72 -1.41 -10.15
N GLU A 10 9.36 -2.04 -9.04
CA GLU A 10 8.88 -3.42 -9.05
C GLU A 10 7.65 -3.58 -8.17
N VAL A 11 6.58 -4.12 -8.76
CA VAL A 11 5.34 -4.33 -8.03
C VAL A 11 5.47 -5.51 -7.07
N SER A 12 5.08 -5.30 -5.82
CA SER A 12 5.14 -6.34 -4.80
C SER A 12 4.00 -6.19 -3.80
N GLN A 13 2.92 -5.54 -4.22
CA GLN A 13 1.77 -5.33 -3.35
C GLN A 13 0.79 -6.50 -3.46
N GLU A 14 0.37 -7.02 -2.32
CA GLU A 14 -0.57 -8.13 -2.28
C GLU A 14 -1.95 -7.66 -1.83
N PRO A 15 -2.98 -8.41 -2.26
CA PRO A 15 -4.38 -8.09 -1.91
C PRO A 15 -4.68 -8.34 -0.44
N LYS A 16 -5.30 -7.35 0.21
CA LYS A 16 -5.65 -7.47 1.62
C LYS A 16 -6.53 -6.31 2.05
N LYS A 17 -5.89 -5.17 2.34
CA LYS A 17 -6.62 -3.98 2.77
C LYS A 17 -7.64 -4.33 3.85
N ASP A 18 -7.16 -4.91 4.94
CA ASP A 18 -8.03 -5.29 6.04
C ASP A 18 -7.73 -4.45 7.28
N TYR A 19 -8.74 -3.73 7.77
CA TYR A 19 -8.57 -2.88 8.94
C TYR A 19 -9.71 -3.10 9.93
N LEU A 20 -9.39 -3.02 11.22
CA LEU A 20 -10.39 -3.21 12.27
C LEU A 20 -11.15 -1.92 12.54
N VAL A 21 -12.43 -2.04 12.89
CA VAL A 21 -13.26 -0.89 13.18
C VAL A 21 -12.57 0.05 14.15
N GLY A 22 -12.59 1.34 13.85
CA GLY A 22 -11.97 2.33 14.72
C GLY A 22 -10.46 2.41 14.51
N ASP A 23 -9.99 1.82 13.41
CA ASP A 23 -8.56 1.83 13.10
C ASP A 23 -8.31 2.56 11.79
N SER A 24 -9.31 2.59 10.92
CA SER A 24 -9.18 3.25 9.63
C SER A 24 -8.13 2.56 8.76
N LEU A 25 -7.76 3.22 7.67
CA LEU A 25 -6.76 2.67 6.76
C LEU A 25 -5.53 2.20 7.52
N ASP A 26 -4.87 1.16 7.00
CA ASP A 26 -3.68 0.63 7.63
C ASP A 26 -3.11 -0.54 6.82
N LEU A 27 -3.24 -0.45 5.50
CA LEU A 27 -2.74 -1.50 4.61
C LEU A 27 -1.28 -1.83 4.92
N SER A 28 -0.98 -3.12 5.01
CA SER A 28 0.37 -3.58 5.31
C SER A 28 0.80 -4.65 4.31
N GLU A 29 -0.07 -4.97 3.36
CA GLU A 29 0.23 -5.98 2.35
C GLU A 29 0.56 -5.33 1.01
N GLY A 30 0.17 -4.06 0.86
CA GLY A 30 0.43 -3.35 -0.38
C GLY A 30 1.75 -2.59 -0.35
N ARG A 31 2.85 -3.32 -0.48
CA ARG A 31 4.18 -2.70 -0.47
C ARG A 31 4.84 -2.80 -1.83
N PHE A 32 5.75 -1.88 -2.11
CA PHE A 32 6.46 -1.86 -3.39
C PHE A 32 7.97 -1.79 -3.17
N ALA A 33 8.72 -2.38 -4.10
CA ALA A 33 10.18 -2.38 -4.00
C ALA A 33 10.79 -1.45 -5.04
N VAL A 34 11.53 -0.45 -4.57
CA VAL A 34 12.17 0.51 -5.46
C VAL A 34 13.68 0.31 -5.50
N ALA A 35 14.27 0.42 -6.69
CA ALA A 35 15.70 0.25 -6.86
C ALA A 35 16.40 1.60 -7.02
N TYR A 36 17.52 1.76 -6.32
CA TYR A 36 18.29 3.01 -6.38
C TYR A 36 19.45 2.89 -7.36
N SER A 37 19.84 4.00 -7.94
CA SER A 37 20.94 4.02 -8.91
C SER A 37 22.25 3.66 -8.23
N ASN A 38 22.26 3.71 -6.89
CA ASN A 38 23.45 3.39 -6.12
C ASN A 38 23.44 1.93 -5.68
N ASP A 39 22.70 1.09 -6.41
CA ASP A 39 22.59 -0.32 -6.08
C ASP A 39 21.99 -0.53 -4.70
N THR A 40 20.71 -0.20 -4.57
CA THR A 40 20.01 -0.34 -3.30
C THR A 40 18.53 -0.63 -3.50
N MET A 41 17.90 -1.25 -2.51
CA MET A 41 16.49 -1.57 -2.59
C MET A 41 15.78 -1.23 -1.29
N GLU A 42 14.57 -0.67 -1.40
CA GLU A 42 13.79 -0.30 -0.23
C GLU A 42 12.35 -0.79 -0.35
N GLU A 43 11.84 -1.39 0.72
CA GLU A 43 10.47 -1.90 0.73
C GLU A 43 9.62 -1.20 1.79
N HIS A 44 8.41 -0.84 1.42
CA HIS A 44 7.50 -0.16 2.34
C HIS A 44 6.04 -0.41 1.95
N SER A 45 5.20 -0.60 2.97
CA SER A 45 3.78 -0.86 2.74
C SER A 45 2.92 0.28 3.28
N PHE A 46 2.12 0.88 2.41
CA PHE A 46 1.25 1.98 2.80
C PHE A 46 1.98 2.95 3.72
N THR A 47 2.95 3.67 3.16
CA THR A 47 3.73 4.63 3.93
C THR A 47 4.59 5.50 3.02
N ASP A 48 5.13 4.89 1.97
CA ASP A 48 5.96 5.61 1.02
C ASP A 48 5.15 6.68 0.28
N GLU A 49 5.82 7.76 -0.10
CA GLU A 49 5.17 8.85 -0.81
C GLU A 49 5.35 8.71 -2.31
N GLY A 50 5.54 7.47 -2.77
CA GLY A 50 5.71 7.22 -4.19
C GLY A 50 4.43 6.81 -4.88
N VAL A 51 3.69 5.90 -4.27
CA VAL A 51 2.43 5.43 -4.83
C VAL A 51 1.25 6.20 -4.25
N GLU A 52 0.26 6.46 -5.09
CA GLU A 52 -0.94 7.19 -4.66
C GLU A 52 -2.19 6.35 -4.86
N ILE A 53 -3.03 6.31 -3.83
CA ILE A 53 -4.27 5.55 -3.89
C ILE A 53 -5.49 6.47 -3.98
N SER A 54 -6.41 6.14 -4.89
CA SER A 54 -7.60 6.94 -5.08
C SER A 54 -8.81 6.05 -5.36
N GLY A 55 -9.94 6.36 -4.71
CA GLY A 55 -11.14 5.58 -4.90
C GLY A 55 -11.82 5.25 -3.59
N TYR A 56 -11.04 4.84 -2.60
CA TYR A 56 -11.58 4.49 -1.29
C TYR A 56 -11.79 5.74 -0.43
N ASP A 57 -12.93 5.78 0.27
CA ASP A 57 -13.24 6.91 1.13
C ASP A 57 -12.64 6.74 2.52
N ALA A 58 -11.84 7.71 2.94
CA ALA A 58 -11.20 7.66 4.24
C ALA A 58 -12.21 7.93 5.35
N GLN A 59 -13.08 6.95 5.61
CA GLN A 59 -14.09 7.08 6.65
C GLN A 59 -14.96 5.84 6.73
N LYS A 60 -15.20 5.22 5.58
CA LYS A 60 -16.02 4.01 5.51
C LYS A 60 -15.54 3.09 4.39
N THR A 61 -15.50 1.79 4.68
CA THR A 61 -15.05 0.81 3.70
C THR A 61 -16.24 0.14 3.01
N GLY A 62 -16.86 -0.81 3.71
CA GLY A 62 -18.00 -1.51 3.15
C GLY A 62 -17.75 -1.99 1.74
N ARG A 63 -16.62 -2.65 1.52
CA ARG A 63 -16.28 -3.16 0.20
C ARG A 63 -16.05 -2.01 -0.79
N GLN A 64 -14.97 -1.27 -0.58
CA GLN A 64 -14.65 -0.14 -1.45
C GLN A 64 -13.50 -0.49 -2.40
N THR A 65 -13.56 0.05 -3.61
CA THR A 65 -12.53 -0.21 -4.61
C THR A 65 -11.37 0.78 -4.47
N LEU A 66 -10.16 0.30 -4.74
CA LEU A 66 -8.97 1.14 -4.65
C LEU A 66 -8.13 1.03 -5.92
N THR A 67 -7.65 2.18 -6.41
CA THR A 67 -6.83 2.21 -7.60
C THR A 67 -5.52 2.96 -7.36
N LEU A 68 -4.42 2.21 -7.33
CA LEU A 68 -3.10 2.81 -7.11
C LEU A 68 -2.39 3.07 -8.44
N HIS A 69 -1.82 4.26 -8.56
CA HIS A 69 -1.10 4.63 -9.78
C HIS A 69 0.34 5.04 -9.47
N TYR A 70 1.29 4.21 -9.89
CA TYR A 70 2.70 4.48 -9.64
C TYR A 70 3.53 4.10 -10.86
N GLN A 71 4.37 5.04 -11.31
CA GLN A 71 5.22 4.81 -12.46
C GLN A 71 4.40 4.50 -13.70
N GLY A 72 3.16 4.96 -13.71
CA GLY A 72 2.28 4.74 -14.84
C GLY A 72 1.47 3.46 -14.70
N HIS A 73 1.92 2.57 -13.82
CA HIS A 73 1.23 1.31 -13.58
C HIS A 73 -0.01 1.51 -12.71
N GLU A 74 -1.09 0.83 -13.06
CA GLU A 74 -2.33 0.94 -12.30
C GLU A 74 -2.76 -0.43 -11.75
N VAL A 75 -3.17 -0.45 -10.49
CA VAL A 75 -3.60 -1.68 -9.85
C VAL A 75 -4.91 -1.48 -9.10
N SER A 76 -5.81 -2.45 -9.22
CA SER A 76 -7.11 -2.38 -8.56
C SER A 76 -7.19 -3.41 -7.42
N PHE A 77 -7.83 -3.01 -6.33
CA PHE A 77 -7.98 -3.89 -5.17
C PHE A 77 -9.28 -3.59 -4.43
N ASP A 78 -9.60 -4.43 -3.46
CA ASP A 78 -10.82 -4.26 -2.67
C ASP A 78 -10.50 -4.16 -1.18
N VAL A 79 -11.24 -3.32 -0.47
CA VAL A 79 -11.03 -3.14 0.95
C VAL A 79 -12.28 -3.50 1.74
N LEU A 80 -12.09 -4.18 2.87
CA LEU A 80 -13.21 -4.59 3.71
C LEU A 80 -12.84 -4.48 5.19
N VAL A 81 -13.73 -3.91 5.98
CA VAL A 81 -13.49 -3.74 7.41
C VAL A 81 -14.19 -4.85 8.20
N SER A 82 -13.47 -5.40 9.18
CA SER A 82 -14.01 -6.47 10.01
C SER A 82 -14.13 -6.03 11.47
N PRO A 83 -14.96 -6.74 12.24
CA PRO A 83 -15.17 -6.44 13.66
C PRO A 83 -13.95 -6.75 14.51
N LYS A 84 -13.25 -5.71 14.94
CA LYS A 84 -12.06 -5.88 15.77
C LYS A 84 -11.08 -6.87 15.12
N ALA A 85 -10.07 -7.26 15.88
CA ALA A 85 -9.07 -8.21 15.39
C ALA A 85 -8.06 -8.55 16.47
N ALA A 86 -7.07 -9.36 16.11
CA ALA A 86 -6.03 -9.77 17.06
C ALA A 86 -4.71 -9.06 16.76
N LEU A 87 -3.71 -9.32 17.59
CA LEU A 87 -2.39 -8.71 17.41
C LEU A 87 -1.48 -9.61 16.58
N ASN A 88 -0.47 -9.02 15.96
CA ASN A 88 0.47 -9.77 15.14
C ASN A 88 1.89 -9.22 15.30
N ASP A 89 2.87 -10.11 15.21
CA ASP A 89 4.27 -9.71 15.35
C ASP A 89 5.04 -10.02 14.07
N GLU A 90 6.30 -9.59 14.02
CA GLU A 90 7.14 -9.81 12.85
C GLU A 90 8.06 -11.00 13.07
N SER A 2 27.61 12.47 -5.17
CA SER A 2 26.64 12.67 -6.22
C SER A 2 25.22 12.37 -5.72
N PRO A 3 24.22 12.89 -6.44
CA PRO A 3 22.81 12.69 -6.09
C PRO A 3 22.36 11.25 -6.32
N LYS A 4 21.54 10.74 -5.40
CA LYS A 4 21.04 9.39 -5.49
C LYS A 4 19.56 9.38 -5.87
N THR A 5 19.28 9.07 -7.14
CA THR A 5 17.91 9.03 -7.64
C THR A 5 17.58 7.66 -8.23
N ILE A 6 16.30 7.42 -8.46
CA ILE A 6 15.85 6.16 -9.03
C ILE A 6 15.80 6.23 -10.55
N LEU A 7 15.27 5.17 -11.16
CA LEU A 7 15.15 5.11 -12.62
C LEU A 7 14.01 4.20 -13.05
N GLY A 8 14.10 2.93 -12.63
CA GLY A 8 13.06 1.98 -12.97
C GLY A 8 12.28 1.51 -11.76
N ILE A 9 10.98 1.29 -11.95
CA ILE A 9 10.12 0.84 -10.86
C ILE A 9 9.64 -0.60 -11.09
N GLU A 10 9.45 -1.33 -10.00
CA GLU A 10 8.99 -2.71 -10.09
C GLU A 10 7.83 -2.97 -9.13
N VAL A 11 6.73 -3.48 -9.67
CA VAL A 11 5.55 -3.77 -8.86
C VAL A 11 5.79 -4.95 -7.93
N SER A 12 5.49 -4.76 -6.65
CA SER A 12 5.68 -5.80 -5.66
C SER A 12 4.66 -5.68 -4.53
N GLN A 13 3.54 -5.05 -4.82
CA GLN A 13 2.48 -4.86 -3.84
C GLN A 13 1.50 -6.05 -3.86
N GLU A 14 1.19 -6.55 -2.67
CA GLU A 14 0.27 -7.68 -2.55
C GLU A 14 -1.09 -7.22 -2.02
N PRO A 15 -2.14 -7.98 -2.37
CA PRO A 15 -3.51 -7.67 -1.95
C PRO A 15 -3.72 -7.90 -0.45
N LYS A 16 -4.31 -6.91 0.22
CA LYS A 16 -4.56 -7.01 1.64
C LYS A 16 -5.33 -5.78 2.14
N LYS A 17 -4.60 -4.71 2.42
CA LYS A 17 -5.20 -3.47 2.90
C LYS A 17 -6.30 -3.76 3.93
N ASP A 18 -5.90 -4.40 5.02
CA ASP A 18 -6.85 -4.73 6.09
C ASP A 18 -6.49 -4.01 7.39
N TYR A 19 -7.47 -3.39 8.01
CA TYR A 19 -7.26 -2.66 9.26
C TYR A 19 -8.48 -2.77 10.17
N LEU A 20 -8.24 -2.64 11.47
CA LEU A 20 -9.32 -2.72 12.45
C LEU A 20 -10.07 -1.41 12.55
N VAL A 21 -11.38 -1.49 12.79
CA VAL A 21 -12.21 -0.31 12.92
C VAL A 21 -11.61 0.68 13.93
N GLY A 22 -11.44 1.93 13.49
CA GLY A 22 -10.88 2.94 14.37
C GLY A 22 -9.37 2.99 14.30
N ASP A 23 -8.77 1.97 13.70
CA ASP A 23 -7.32 1.90 13.58
C ASP A 23 -6.84 2.72 12.39
N SER A 24 -7.77 3.17 11.57
CA SER A 24 -7.44 3.96 10.39
C SER A 24 -6.61 3.15 9.41
N LEU A 25 -6.06 3.82 8.40
CA LEU A 25 -5.23 3.17 7.40
C LEU A 25 -4.16 2.30 8.05
N ASP A 26 -3.99 1.09 7.53
CA ASP A 26 -3.00 0.17 8.06
C ASP A 26 -2.61 -0.88 7.01
N LEU A 27 -1.94 -0.43 5.96
CA LEU A 27 -1.51 -1.32 4.89
C LEU A 27 -0.02 -1.57 4.96
N SER A 28 0.37 -2.84 4.92
CA SER A 28 1.78 -3.22 4.98
C SER A 28 2.12 -4.24 3.90
N GLU A 29 1.15 -4.51 3.03
CA GLU A 29 1.34 -5.47 1.95
C GLU A 29 1.53 -4.75 0.62
N GLY A 30 1.12 -3.48 0.57
CA GLY A 30 1.25 -2.71 -0.65
C GLY A 30 2.59 -2.00 -0.74
N ARG A 31 3.65 -2.78 -0.94
CA ARG A 31 5.00 -2.22 -1.05
C ARG A 31 5.53 -2.37 -2.47
N PHE A 32 6.46 -1.49 -2.84
CA PHE A 32 7.06 -1.51 -4.17
C PHE A 32 8.58 -1.50 -4.08
N ALA A 33 9.23 -2.12 -5.06
CA ALA A 33 10.68 -2.19 -5.09
C ALA A 33 11.24 -1.29 -6.19
N VAL A 34 12.04 -0.30 -5.80
CA VAL A 34 12.64 0.63 -6.75
C VAL A 34 14.13 0.34 -6.93
N ALA A 35 14.59 0.43 -8.18
CA ALA A 35 15.99 0.19 -8.49
C ALA A 35 16.72 1.49 -8.79
N TYR A 36 17.68 1.84 -7.94
CA TYR A 36 18.45 3.06 -8.11
C TYR A 36 19.54 2.87 -9.17
N SER A 37 20.04 3.98 -9.70
CA SER A 37 21.09 3.94 -10.71
C SER A 37 22.44 3.59 -10.10
N ASN A 38 22.49 3.58 -8.77
CA ASN A 38 23.71 3.25 -8.05
C ASN A 38 23.75 1.78 -7.67
N ASP A 39 23.00 0.97 -8.41
CA ASP A 39 22.94 -0.47 -8.14
C ASP A 39 22.34 -0.75 -6.77
N THR A 40 21.50 0.18 -6.29
CA THR A 40 20.87 0.03 -5.00
C THR A 40 19.37 -0.19 -5.14
N MET A 41 18.72 -0.60 -4.06
CA MET A 41 17.28 -0.85 -4.06
C MET A 41 16.64 -0.36 -2.77
N GLU A 42 15.39 0.08 -2.87
CA GLU A 42 14.66 0.57 -1.70
C GLU A 42 13.27 -0.03 -1.63
N GLU A 43 12.88 -0.49 -0.46
CA GLU A 43 11.57 -1.10 -0.26
C GLU A 43 10.75 -0.31 0.76
N HIS A 44 9.47 -0.10 0.45
CA HIS A 44 8.58 0.63 1.34
C HIS A 44 7.13 0.21 1.13
N SER A 45 6.39 0.12 2.23
CA SER A 45 4.98 -0.28 2.17
C SER A 45 4.08 0.80 2.74
N PHE A 46 3.12 1.25 1.95
CA PHE A 46 2.19 2.29 2.38
C PHE A 46 2.93 3.44 3.06
N THR A 47 3.73 4.17 2.28
CA THR A 47 4.49 5.29 2.81
C THR A 47 5.09 6.12 1.68
N ASP A 48 5.62 5.45 0.67
CA ASP A 48 6.21 6.14 -0.48
C ASP A 48 5.25 7.17 -1.06
N GLU A 49 5.79 8.33 -1.43
CA GLU A 49 4.98 9.40 -1.99
C GLU A 49 4.99 9.34 -3.52
N GLY A 50 5.31 8.17 -4.06
CA GLY A 50 5.36 8.00 -5.50
C GLY A 50 4.10 7.38 -6.05
N VAL A 51 3.37 6.67 -5.18
CA VAL A 51 2.14 6.00 -5.60
C VAL A 51 0.92 6.70 -4.98
N GLU A 52 -0.17 6.75 -5.75
CA GLU A 52 -1.40 7.38 -5.29
C GLU A 52 -2.59 6.45 -5.46
N ILE A 53 -3.32 6.22 -4.36
CA ILE A 53 -4.47 5.34 -4.39
C ILE A 53 -5.76 6.13 -4.23
N SER A 54 -6.75 5.84 -5.07
CA SER A 54 -8.03 6.53 -5.02
C SER A 54 -9.18 5.53 -5.10
N GLY A 55 -10.31 5.88 -4.49
CA GLY A 55 -11.47 5.00 -4.50
C GLY A 55 -11.78 4.44 -3.13
N TYR A 56 -10.77 4.37 -2.27
CA TYR A 56 -10.93 3.84 -0.93
C TYR A 56 -11.42 4.92 0.04
N ASP A 57 -12.36 4.55 0.90
CA ASP A 57 -12.91 5.50 1.87
C ASP A 57 -12.07 5.52 3.14
N ALA A 58 -11.54 6.70 3.47
CA ALA A 58 -10.71 6.86 4.66
C ALA A 58 -11.53 6.63 5.93
N GLN A 59 -12.85 6.62 5.79
CA GLN A 59 -13.75 6.42 6.92
C GLN A 59 -14.21 4.98 6.99
N LYS A 60 -14.94 4.54 5.97
CA LYS A 60 -15.45 3.17 5.91
C LYS A 60 -14.79 2.39 4.78
N THR A 61 -15.17 1.13 4.62
CA THR A 61 -14.63 0.28 3.59
C THR A 61 -15.67 -0.69 3.05
N GLY A 62 -15.95 -1.74 3.83
CA GLY A 62 -16.94 -2.72 3.42
C GLY A 62 -16.73 -3.21 2.00
N ARG A 63 -15.57 -3.82 1.75
CA ARG A 63 -15.25 -4.32 0.42
C ARG A 63 -15.15 -3.18 -0.59
N GLN A 64 -14.22 -2.26 -0.34
CA GLN A 64 -14.02 -1.11 -1.22
C GLN A 64 -12.88 -1.37 -2.19
N THR A 65 -13.00 -0.83 -3.40
CA THR A 65 -11.97 -1.00 -4.42
C THR A 65 -10.94 0.13 -4.37
N LEU A 66 -9.72 -0.16 -4.79
CA LEU A 66 -8.66 0.83 -4.79
C LEU A 66 -7.92 0.84 -6.13
N THR A 67 -7.39 1.99 -6.50
CA THR A 67 -6.66 2.13 -7.75
C THR A 67 -5.35 2.89 -7.55
N LEU A 68 -4.24 2.16 -7.61
CA LEU A 68 -2.93 2.75 -7.43
C LEU A 68 -2.27 3.04 -8.77
N HIS A 69 -1.92 4.30 -9.00
CA HIS A 69 -1.29 4.72 -10.24
C HIS A 69 0.06 5.39 -9.97
N TYR A 70 1.09 4.91 -10.65
CA TYR A 70 2.44 5.46 -10.49
C TYR A 70 3.16 5.55 -11.82
N GLN A 71 3.52 6.76 -12.21
CA GLN A 71 4.22 6.99 -13.47
C GLN A 71 3.33 6.64 -14.66
N GLY A 72 3.25 5.35 -14.98
CA GLY A 72 2.43 4.92 -16.09
C GLY A 72 1.82 3.54 -15.86
N HIS A 73 1.89 3.08 -14.61
CA HIS A 73 1.34 1.77 -14.26
C HIS A 73 0.13 1.92 -13.35
N GLU A 74 -0.80 0.96 -13.43
CA GLU A 74 -2.00 0.99 -12.61
C GLU A 74 -2.36 -0.41 -12.13
N VAL A 75 -2.71 -0.51 -10.85
CA VAL A 75 -3.08 -1.79 -10.25
C VAL A 75 -4.30 -1.65 -9.35
N SER A 76 -5.13 -2.69 -9.33
CA SER A 76 -6.34 -2.68 -8.52
C SER A 76 -6.09 -3.35 -7.17
N PHE A 77 -6.72 -2.82 -6.12
CA PHE A 77 -6.57 -3.37 -4.78
C PHE A 77 -7.93 -3.50 -4.09
N ASP A 78 -7.94 -4.22 -2.97
CA ASP A 78 -9.16 -4.43 -2.22
C ASP A 78 -8.95 -4.14 -0.73
N VAL A 79 -9.89 -3.42 -0.13
CA VAL A 79 -9.80 -3.07 1.29
C VAL A 79 -10.98 -3.64 2.06
N LEU A 80 -10.70 -4.18 3.24
CA LEU A 80 -11.75 -4.75 4.09
C LEU A 80 -11.46 -4.50 5.56
N VAL A 81 -12.41 -3.87 6.25
CA VAL A 81 -12.25 -3.58 7.67
C VAL A 81 -12.95 -4.62 8.53
N SER A 82 -12.27 -5.04 9.59
CA SER A 82 -12.82 -6.05 10.49
C SER A 82 -13.49 -5.39 11.70
N PRO A 83 -14.55 -6.03 12.22
CA PRO A 83 -15.29 -5.53 13.37
C PRO A 83 -14.50 -5.61 14.66
N LYS A 84 -13.91 -4.50 15.08
CA LYS A 84 -13.12 -4.45 16.30
C LYS A 84 -12.08 -5.56 16.31
N ALA A 85 -11.46 -5.76 17.48
CA ALA A 85 -10.46 -6.80 17.63
C ALA A 85 -11.06 -8.09 18.19
N ALA A 86 -10.21 -9.07 18.47
CA ALA A 86 -10.67 -10.35 19.01
C ALA A 86 -9.48 -11.21 19.43
N LEU A 87 -9.57 -11.78 20.62
CA LEU A 87 -8.51 -12.65 21.14
C LEU A 87 -8.92 -13.31 22.45
N ASN A 88 -7.98 -14.00 23.08
CA ASN A 88 -8.26 -14.68 24.35
C ASN A 88 -7.11 -14.45 25.34
N ASP A 89 -7.47 -14.26 26.60
CA ASP A 89 -6.48 -14.04 27.65
C ASP A 89 -5.43 -15.15 27.65
N GLU A 90 -4.16 -14.75 27.71
CA GLU A 90 -3.06 -15.70 27.72
C GLU A 90 -2.12 -15.44 28.89
N SER A 2 25.57 13.18 -2.47
CA SER A 2 24.53 13.67 -3.36
C SER A 2 23.27 12.81 -3.25
N PRO A 3 22.14 13.38 -3.70
CA PRO A 3 20.84 12.69 -3.65
C PRO A 3 20.77 11.53 -4.63
N LYS A 4 19.97 10.52 -4.30
CA LYS A 4 19.81 9.35 -5.15
C LYS A 4 18.37 9.23 -5.64
N THR A 5 18.21 8.92 -6.93
CA THR A 5 16.89 8.77 -7.52
C THR A 5 16.70 7.40 -8.13
N ILE A 6 15.47 7.05 -8.44
CA ILE A 6 15.16 5.75 -9.04
C ILE A 6 15.09 5.83 -10.56
N LEU A 7 14.68 4.75 -11.19
CA LEU A 7 14.57 4.70 -12.64
C LEU A 7 13.48 3.73 -13.08
N GLY A 8 13.58 2.49 -12.61
CA GLY A 8 12.59 1.48 -12.95
C GLY A 8 11.78 1.02 -11.76
N ILE A 9 10.51 0.71 -11.99
CA ILE A 9 9.63 0.26 -10.92
C ILE A 9 9.18 -1.18 -11.14
N GLU A 10 9.03 -1.92 -10.05
CA GLU A 10 8.62 -3.31 -10.12
C GLU A 10 7.51 -3.61 -9.12
N VAL A 11 6.40 -4.15 -9.60
CA VAL A 11 5.27 -4.47 -8.76
C VAL A 11 5.59 -5.67 -7.86
N SER A 12 5.21 -5.58 -6.59
CA SER A 12 5.44 -6.65 -5.63
C SER A 12 4.52 -6.53 -4.43
N GLN A 13 3.28 -6.11 -4.69
CA GLN A 13 2.29 -5.95 -3.63
C GLN A 13 1.29 -7.10 -3.65
N GLU A 14 0.85 -7.52 -2.47
CA GLU A 14 -0.11 -8.61 -2.35
C GLU A 14 -1.48 -8.08 -1.94
N PRO A 15 -2.54 -8.80 -2.35
CA PRO A 15 -3.92 -8.43 -2.04
C PRO A 15 -4.25 -8.58 -0.55
N LYS A 16 -4.83 -7.54 0.03
CA LYS A 16 -5.19 -7.57 1.45
C LYS A 16 -5.85 -6.25 1.86
N LYS A 17 -5.03 -5.25 2.16
CA LYS A 17 -5.53 -3.94 2.57
C LYS A 17 -6.71 -4.09 3.53
N ASP A 18 -6.54 -4.93 4.54
CA ASP A 18 -7.59 -5.16 5.52
C ASP A 18 -7.21 -4.55 6.87
N TYR A 19 -8.15 -3.84 7.48
CA TYR A 19 -7.91 -3.20 8.76
C TYR A 19 -9.12 -3.35 9.68
N LEU A 20 -8.87 -3.36 10.98
CA LEU A 20 -9.94 -3.49 11.97
C LEU A 20 -10.56 -2.14 12.29
N VAL A 21 -11.87 -2.14 12.55
CA VAL A 21 -12.59 -0.92 12.86
C VAL A 21 -11.89 -0.14 13.98
N GLY A 22 -11.67 1.15 13.76
CA GLY A 22 -11.01 1.97 14.76
C GLY A 22 -9.51 2.03 14.57
N ASP A 23 -8.97 1.05 13.83
CA ASP A 23 -7.54 1.00 13.58
C ASP A 23 -7.16 1.82 12.35
N SER A 24 -8.19 2.22 11.60
CA SER A 24 -7.97 3.01 10.38
C SER A 24 -7.19 2.20 9.35
N LEU A 25 -6.73 2.88 8.30
CA LEU A 25 -5.98 2.23 7.24
C LEU A 25 -4.81 1.43 7.81
N ASP A 26 -4.74 0.15 7.45
CA ASP A 26 -3.66 -0.72 7.92
C ASP A 26 -3.25 -1.71 6.85
N LEU A 27 -2.41 -1.24 5.92
CA LEU A 27 -1.93 -2.09 4.83
C LEU A 27 -0.43 -2.34 4.96
N SER A 28 -0.06 -3.62 5.02
CA SER A 28 1.34 -4.00 5.15
C SER A 28 1.71 -5.06 4.10
N GLU A 29 0.75 -5.40 3.25
CA GLU A 29 0.98 -6.40 2.21
C GLU A 29 1.13 -5.73 0.84
N GLY A 30 0.69 -4.48 0.75
CA GLY A 30 0.79 -3.76 -0.51
C GLY A 30 2.08 -2.97 -0.62
N ARG A 31 3.18 -3.67 -0.83
CA ARG A 31 4.49 -3.02 -0.96
C ARG A 31 5.04 -3.17 -2.37
N PHE A 32 5.89 -2.23 -2.77
CA PHE A 32 6.50 -2.25 -4.10
C PHE A 32 8.01 -2.16 -4.02
N ALA A 33 8.69 -2.76 -4.99
CA ALA A 33 10.15 -2.74 -5.02
C ALA A 33 10.66 -1.83 -6.12
N VAL A 34 11.41 -0.80 -5.74
CA VAL A 34 11.95 0.15 -6.69
C VAL A 34 13.46 -0.01 -6.84
N ALA A 35 13.96 0.09 -8.06
CA ALA A 35 15.38 -0.05 -8.33
C ALA A 35 16.03 1.31 -8.58
N TYR A 36 17.19 1.53 -7.97
CA TYR A 36 17.90 2.79 -8.12
C TYR A 36 19.02 2.66 -9.15
N SER A 37 19.53 3.80 -9.61
CA SER A 37 20.60 3.82 -10.59
C SER A 37 21.95 3.50 -9.95
N ASN A 38 21.98 3.53 -8.62
CA ASN A 38 23.20 3.23 -7.88
C ASN A 38 23.24 1.77 -7.46
N ASP A 39 22.50 0.93 -8.18
CA ASP A 39 22.46 -0.50 -7.87
C ASP A 39 21.95 -0.74 -6.45
N THR A 40 20.66 -0.45 -6.25
CA THR A 40 20.05 -0.63 -4.94
C THR A 40 18.53 -0.77 -5.06
N MET A 41 17.94 -1.55 -4.16
CA MET A 41 16.50 -1.76 -4.16
C MET A 41 15.90 -1.46 -2.80
N GLU A 42 14.71 -0.86 -2.80
CA GLU A 42 14.03 -0.52 -1.55
C GLU A 42 12.57 -0.96 -1.59
N GLU A 43 12.12 -1.59 -0.50
CA GLU A 43 10.74 -2.07 -0.41
C GLU A 43 10.01 -1.39 0.75
N HIS A 44 8.75 -1.04 0.52
CA HIS A 44 7.94 -0.39 1.54
C HIS A 44 6.46 -0.67 1.32
N SER A 45 5.72 -0.88 2.40
CA SER A 45 4.30 -1.16 2.32
C SER A 45 3.49 -0.05 2.97
N PHE A 46 2.58 0.55 2.20
CA PHE A 46 1.74 1.64 2.71
C PHE A 46 2.55 2.58 3.59
N THR A 47 3.45 3.34 2.96
CA THR A 47 4.29 4.28 3.68
C THR A 47 5.01 5.22 2.72
N ASP A 48 5.45 4.68 1.60
CA ASP A 48 6.16 5.47 0.59
C ASP A 48 5.27 6.59 0.05
N GLU A 49 5.84 7.78 -0.08
CA GLU A 49 5.10 8.93 -0.59
C GLU A 49 5.29 9.08 -2.09
N GLY A 50 5.68 7.99 -2.75
CA GLY A 50 5.88 8.02 -4.18
C GLY A 50 4.64 7.68 -4.96
N VAL A 51 3.82 6.79 -4.40
CA VAL A 51 2.59 6.37 -5.06
C VAL A 51 1.37 6.90 -4.32
N GLU A 52 0.40 7.40 -5.07
CA GLU A 52 -0.82 7.94 -4.48
C GLU A 52 -1.99 6.98 -4.66
N ILE A 53 -2.86 6.91 -3.65
CA ILE A 53 -4.01 6.02 -3.70
C ILE A 53 -5.31 6.82 -3.80
N SER A 54 -6.21 6.38 -4.67
CA SER A 54 -7.49 7.05 -4.87
C SER A 54 -8.61 6.04 -5.08
N GLY A 55 -9.75 6.27 -4.44
CA GLY A 55 -10.87 5.38 -4.57
C GLY A 55 -11.32 4.79 -3.25
N TYR A 56 -10.40 4.74 -2.29
CA TYR A 56 -10.70 4.20 -0.98
C TYR A 56 -11.39 5.24 -0.10
N ASP A 57 -12.49 4.83 0.53
CA ASP A 57 -13.24 5.73 1.40
C ASP A 57 -12.86 5.52 2.87
N ALA A 58 -12.18 6.49 3.45
CA ALA A 58 -11.77 6.40 4.85
C ALA A 58 -12.98 6.42 5.78
N GLN A 59 -14.13 6.79 5.23
CA GLN A 59 -15.36 6.85 6.02
C GLN A 59 -16.11 5.51 5.97
N LYS A 60 -15.86 4.74 4.92
CA LYS A 60 -16.50 3.45 4.75
C LYS A 60 -15.75 2.60 3.73
N THR A 61 -15.65 1.30 4.01
CA THR A 61 -14.96 0.38 3.13
C THR A 61 -15.94 -0.59 2.46
N GLY A 62 -16.33 -1.62 3.21
CA GLY A 62 -17.27 -2.60 2.67
C GLY A 62 -16.88 -3.07 1.28
N ARG A 63 -15.68 -3.60 1.15
CA ARG A 63 -15.18 -4.08 -0.13
C ARG A 63 -15.05 -2.94 -1.13
N GLN A 64 -14.17 -2.00 -0.83
CA GLN A 64 -13.95 -0.84 -1.70
C GLN A 64 -12.72 -1.06 -2.57
N THR A 65 -12.77 -0.53 -3.80
CA THR A 65 -11.66 -0.66 -4.73
C THR A 65 -10.66 0.48 -4.57
N LEU A 66 -9.39 0.19 -4.86
CA LEU A 66 -8.34 1.20 -4.74
C LEU A 66 -7.50 1.25 -6.01
N THR A 67 -6.97 2.43 -6.31
CA THR A 67 -6.14 2.61 -7.50
C THR A 67 -4.85 3.37 -7.16
N LEU A 68 -3.73 2.66 -7.18
CA LEU A 68 -2.44 3.26 -6.88
C LEU A 68 -1.68 3.60 -8.17
N HIS A 69 -1.32 4.87 -8.31
CA HIS A 69 -0.59 5.32 -9.49
C HIS A 69 0.73 5.96 -9.09
N TYR A 70 1.82 5.53 -9.75
CA TYR A 70 3.14 6.06 -9.46
C TYR A 70 3.94 6.25 -10.74
N GLN A 71 4.29 7.50 -11.05
CA GLN A 71 5.04 7.81 -12.25
C GLN A 71 4.24 7.49 -13.50
N GLY A 72 4.22 6.22 -13.89
CA GLY A 72 3.49 5.81 -15.06
C GLY A 72 2.89 4.43 -14.92
N HIS A 73 2.88 3.91 -13.70
CA HIS A 73 2.33 2.59 -13.43
C HIS A 73 1.04 2.69 -12.61
N GLU A 74 0.18 1.69 -12.77
CA GLU A 74 -1.09 1.68 -12.04
C GLU A 74 -1.45 0.25 -11.61
N VAL A 75 -1.90 0.11 -10.37
CA VAL A 75 -2.28 -1.19 -9.84
C VAL A 75 -3.58 -1.10 -9.05
N SER A 76 -4.38 -2.16 -9.12
CA SER A 76 -5.65 -2.21 -8.42
C SER A 76 -5.50 -2.90 -7.06
N PHE A 77 -6.27 -2.45 -6.08
CA PHE A 77 -6.22 -3.01 -4.74
C PHE A 77 -7.62 -3.18 -4.17
N ASP A 78 -7.73 -3.95 -3.08
CA ASP A 78 -9.02 -4.19 -2.44
C ASP A 78 -8.92 -3.97 -0.94
N VAL A 79 -9.90 -3.26 -0.39
CA VAL A 79 -9.92 -2.97 1.04
C VAL A 79 -11.17 -3.56 1.70
N LEU A 80 -10.99 -4.17 2.86
CA LEU A 80 -12.10 -4.78 3.59
C LEU A 80 -11.92 -4.59 5.10
N VAL A 81 -12.93 -4.03 5.75
CA VAL A 81 -12.89 -3.80 7.19
C VAL A 81 -13.62 -4.91 7.94
N SER A 82 -13.01 -5.39 9.02
CA SER A 82 -13.60 -6.45 9.83
C SER A 82 -14.07 -5.92 11.18
N PRO A 83 -14.97 -6.67 11.83
CA PRO A 83 -15.52 -6.29 13.13
C PRO A 83 -14.49 -6.38 14.25
N LYS A 84 -14.24 -5.26 14.92
CA LYS A 84 -13.28 -5.22 16.01
C LYS A 84 -13.66 -6.20 17.11
N ALA A 85 -12.68 -6.89 17.66
CA ALA A 85 -12.91 -7.85 18.74
C ALA A 85 -11.72 -7.92 19.69
N ALA A 86 -11.81 -8.80 20.67
CA ALA A 86 -10.74 -8.96 21.65
C ALA A 86 -9.47 -9.49 20.99
N LEU A 87 -8.32 -9.16 21.58
CA LEU A 87 -7.03 -9.58 21.05
C LEU A 87 -5.94 -9.48 22.11
N ASN A 88 -4.96 -10.36 22.04
CA ASN A 88 -3.85 -10.37 22.99
C ASN A 88 -2.52 -10.29 22.27
N ASP A 89 -1.56 -9.61 22.91
CA ASP A 89 -0.23 -9.46 22.33
C ASP A 89 0.84 -9.44 23.41
N GLU A 90 2.09 -9.65 23.01
CA GLU A 90 3.20 -9.67 23.96
C GLU A 90 3.57 -8.26 24.39
N SER A 2 27.53 11.83 -5.61
CA SER A 2 26.30 12.24 -6.27
C SER A 2 25.08 11.82 -5.45
N PRO A 3 23.94 12.46 -5.73
CA PRO A 3 22.69 12.18 -5.03
C PRO A 3 22.11 10.81 -5.40
N LYS A 4 21.46 10.17 -4.44
CA LYS A 4 20.87 8.86 -4.66
C LYS A 4 19.39 8.98 -5.06
N THR A 5 19.11 8.66 -6.33
CA THR A 5 17.74 8.74 -6.84
C THR A 5 17.29 7.39 -7.39
N ILE A 6 15.99 7.26 -7.62
CA ILE A 6 15.43 6.03 -8.16
C ILE A 6 15.81 5.83 -9.62
N LEU A 7 15.38 4.71 -10.19
CA LEU A 7 15.67 4.41 -11.59
C LEU A 7 14.81 3.26 -12.08
N GLY A 8 14.78 2.18 -11.31
CA GLY A 8 13.98 1.02 -11.68
C GLY A 8 12.68 0.93 -10.92
N ILE A 9 11.75 0.12 -11.42
CA ILE A 9 10.46 -0.04 -10.77
C ILE A 9 10.00 -1.50 -10.82
N GLU A 10 9.56 -2.01 -9.68
CA GLU A 10 9.10 -3.40 -9.59
C GLU A 10 7.87 -3.50 -8.69
N VAL A 11 6.80 -4.09 -9.22
CA VAL A 11 5.56 -4.26 -8.45
C VAL A 11 5.66 -5.45 -7.52
N SER A 12 5.45 -5.20 -6.23
CA SER A 12 5.51 -6.25 -5.22
C SER A 12 4.37 -6.10 -4.21
N GLN A 13 3.32 -5.41 -4.62
CA GLN A 13 2.18 -5.19 -3.74
C GLN A 13 1.12 -6.27 -3.96
N GLU A 14 0.65 -6.87 -2.87
CA GLU A 14 -0.35 -7.91 -2.95
C GLU A 14 -1.71 -7.41 -2.47
N PRO A 15 -2.79 -8.01 -2.99
CA PRO A 15 -4.16 -7.63 -2.63
C PRO A 15 -4.52 -8.01 -1.20
N LYS A 16 -5.08 -7.06 -0.46
CA LYS A 16 -5.46 -7.30 0.92
C LYS A 16 -6.19 -6.09 1.51
N LYS A 17 -5.42 -5.06 1.85
CA LYS A 17 -5.99 -3.85 2.42
C LYS A 17 -6.97 -4.17 3.55
N ASP A 18 -6.43 -4.70 4.64
CA ASP A 18 -7.26 -5.05 5.79
C ASP A 18 -6.99 -4.12 6.96
N TYR A 19 -8.04 -3.43 7.41
CA TYR A 19 -7.92 -2.50 8.52
C TYR A 19 -8.79 -2.93 9.70
N LEU A 20 -8.39 -2.52 10.90
CA LEU A 20 -9.13 -2.88 12.11
C LEU A 20 -10.18 -1.82 12.43
N VAL A 21 -11.39 -2.27 12.74
CA VAL A 21 -12.48 -1.37 13.07
C VAL A 21 -12.06 -0.35 14.12
N GLY A 22 -12.25 0.94 13.82
CA GLY A 22 -11.88 1.99 14.75
C GLY A 22 -10.49 2.53 14.47
N ASP A 23 -9.66 1.74 13.81
CA ASP A 23 -8.30 2.16 13.48
C ASP A 23 -8.21 2.64 12.05
N SER A 24 -8.59 1.78 11.11
CA SER A 24 -8.54 2.13 9.69
C SER A 24 -7.11 2.36 9.23
N LEU A 25 -6.85 2.10 7.95
CA LEU A 25 -5.52 2.27 7.39
C LEU A 25 -4.50 1.39 8.09
N ASP A 26 -4.08 0.32 7.42
CA ASP A 26 -3.11 -0.60 7.99
C ASP A 26 -2.55 -1.53 6.91
N LEU A 27 -2.53 -1.05 5.67
CA LEU A 27 -2.02 -1.84 4.55
C LEU A 27 -0.58 -2.26 4.79
N SER A 28 -0.34 -3.57 4.82
CA SER A 28 0.99 -4.11 5.03
C SER A 28 1.38 -5.06 3.91
N GLU A 29 0.46 -5.30 2.99
CA GLU A 29 0.71 -6.19 1.87
C GLU A 29 0.92 -5.39 0.58
N GLY A 30 0.49 -4.14 0.59
CA GLY A 30 0.64 -3.29 -0.57
C GLY A 30 1.95 -2.53 -0.57
N ARG A 31 3.05 -3.26 -0.74
CA ARG A 31 4.38 -2.65 -0.75
C ARG A 31 4.99 -2.73 -2.15
N PHE A 32 5.80 -1.73 -2.48
CA PHE A 32 6.46 -1.67 -3.79
C PHE A 32 7.97 -1.58 -3.63
N ALA A 33 8.69 -2.14 -4.60
CA ALA A 33 10.15 -2.11 -4.57
C ALA A 33 10.70 -1.15 -5.62
N VAL A 34 11.65 -0.32 -5.21
CA VAL A 34 12.25 0.66 -6.11
C VAL A 34 13.76 0.43 -6.22
N ALA A 35 14.29 0.56 -7.43
CA ALA A 35 15.71 0.38 -7.67
C ALA A 35 16.41 1.72 -7.84
N TYR A 36 17.37 2.01 -6.97
CA TYR A 36 18.12 3.25 -7.02
C TYR A 36 19.19 3.21 -8.10
N SER A 37 19.51 4.37 -8.67
CA SER A 37 20.52 4.45 -9.72
C SER A 37 21.91 4.09 -9.17
N ASN A 38 22.02 4.07 -7.84
CA ASN A 38 23.29 3.75 -7.20
C ASN A 38 23.34 2.26 -6.83
N ASP A 39 22.57 1.46 -7.54
CA ASP A 39 22.52 0.02 -7.29
C ASP A 39 22.01 -0.27 -5.88
N THR A 40 20.74 0.01 -5.65
CA THR A 40 20.12 -0.22 -4.35
C THR A 40 18.63 -0.55 -4.48
N MET A 41 18.08 -1.17 -3.46
CA MET A 41 16.66 -1.54 -3.47
C MET A 41 16.01 -1.21 -2.12
N GLU A 42 14.80 -0.64 -2.18
CA GLU A 42 14.09 -0.28 -0.97
C GLU A 42 12.63 -0.76 -1.05
N GLU A 43 12.16 -1.37 0.04
CA GLU A 43 10.79 -1.87 0.09
C GLU A 43 10.00 -1.18 1.20
N HIS A 44 8.76 -0.81 0.90
CA HIS A 44 7.90 -0.14 1.87
C HIS A 44 6.43 -0.40 1.56
N SER A 45 5.63 -0.59 2.60
CA SER A 45 4.20 -0.83 2.44
C SER A 45 3.38 0.32 3.00
N PHE A 46 2.55 0.90 2.15
CA PHE A 46 1.70 2.03 2.55
C PHE A 46 2.47 2.99 3.45
N THR A 47 3.43 3.69 2.85
CA THR A 47 4.25 4.65 3.59
C THR A 47 5.11 5.48 2.65
N ASP A 48 5.62 4.84 1.61
CA ASP A 48 6.45 5.53 0.63
C ASP A 48 5.60 6.32 -0.36
N GLU A 49 6.11 7.48 -0.77
CA GLU A 49 5.40 8.34 -1.72
C GLU A 49 5.39 7.73 -3.11
N GLY A 50 4.97 8.51 -4.10
CA GLY A 50 4.92 8.03 -5.46
C GLY A 50 3.62 7.33 -5.78
N VAL A 51 3.26 6.33 -4.97
CA VAL A 51 2.03 5.59 -5.18
C VAL A 51 0.83 6.33 -4.61
N GLU A 52 -0.17 6.58 -5.46
CA GLU A 52 -1.37 7.28 -5.03
C GLU A 52 -2.62 6.46 -5.36
N ILE A 53 -3.41 6.17 -4.33
CA ILE A 53 -4.64 5.40 -4.51
C ILE A 53 -5.87 6.29 -4.38
N SER A 54 -6.85 6.04 -5.25
CA SER A 54 -8.08 6.83 -5.24
C SER A 54 -9.30 5.91 -5.25
N GLY A 55 -10.44 6.45 -4.79
CA GLY A 55 -11.66 5.66 -4.76
C GLY A 55 -11.96 5.13 -3.36
N TYR A 56 -10.93 5.05 -2.53
CA TYR A 56 -11.09 4.56 -1.17
C TYR A 56 -11.46 5.68 -0.21
N ASP A 57 -12.40 5.41 0.67
CA ASP A 57 -12.85 6.40 1.65
C ASP A 57 -12.51 5.96 3.07
N ALA A 58 -11.59 6.68 3.71
CA ALA A 58 -11.18 6.36 5.07
C ALA A 58 -12.37 6.41 6.03
N GLN A 59 -13.44 7.09 5.61
CA GLN A 59 -14.64 7.20 6.44
C GLN A 59 -15.33 5.85 6.59
N LYS A 60 -15.86 5.33 5.50
CA LYS A 60 -16.54 4.05 5.50
C LYS A 60 -15.70 2.97 4.83
N THR A 61 -15.81 1.74 5.32
CA THR A 61 -15.06 0.62 4.76
C THR A 61 -15.91 -0.64 4.72
N GLY A 62 -15.29 -1.75 4.33
CA GLY A 62 -15.99 -3.01 4.25
C GLY A 62 -15.99 -3.60 2.86
N ARG A 63 -15.98 -2.72 1.85
CA ARG A 63 -15.98 -3.16 0.46
C ARG A 63 -15.86 -1.97 -0.48
N GLN A 64 -14.70 -1.32 -0.45
CA GLN A 64 -14.46 -0.16 -1.30
C GLN A 64 -13.36 -0.44 -2.32
N THR A 65 -13.50 0.10 -3.52
CA THR A 65 -12.52 -0.11 -4.58
C THR A 65 -11.34 0.83 -4.42
N LEU A 66 -10.18 0.42 -4.94
CA LEU A 66 -8.98 1.23 -4.85
C LEU A 66 -8.13 1.07 -6.12
N THR A 67 -7.61 2.18 -6.62
CA THR A 67 -6.77 2.17 -7.81
C THR A 67 -5.51 2.99 -7.61
N LEU A 68 -4.37 2.31 -7.64
CA LEU A 68 -3.08 2.99 -7.46
C LEU A 68 -2.41 3.26 -8.81
N HIS A 69 -1.91 4.48 -8.98
CA HIS A 69 -1.24 4.85 -10.22
C HIS A 69 0.18 5.34 -9.95
N TYR A 70 1.15 4.70 -10.58
CA TYR A 70 2.55 5.05 -10.41
C TYR A 70 3.29 5.02 -11.74
N GLN A 71 3.77 6.18 -12.17
CA GLN A 71 4.50 6.28 -13.43
C GLN A 71 3.60 5.93 -14.61
N GLY A 72 3.52 4.65 -14.92
CA GLY A 72 2.69 4.19 -16.02
C GLY A 72 1.98 2.89 -15.72
N HIS A 73 2.07 2.44 -14.48
CA HIS A 73 1.43 1.20 -14.06
C HIS A 73 0.25 1.48 -13.14
N GLU A 74 -0.85 0.76 -13.36
CA GLU A 74 -2.05 0.94 -12.55
C GLU A 74 -2.53 -0.40 -11.98
N VAL A 75 -2.88 -0.40 -10.70
CA VAL A 75 -3.36 -1.62 -10.04
C VAL A 75 -4.71 -1.38 -9.37
N SER A 76 -5.56 -2.40 -9.40
CA SER A 76 -6.88 -2.30 -8.79
C SER A 76 -7.07 -3.39 -7.74
N PHE A 77 -7.76 -3.04 -6.65
CA PHE A 77 -8.01 -3.98 -5.57
C PHE A 77 -9.18 -3.52 -4.70
N ASP A 78 -9.61 -4.39 -3.79
CA ASP A 78 -10.72 -4.07 -2.91
C ASP A 78 -10.26 -4.03 -1.46
N VAL A 79 -10.96 -3.25 -0.64
CA VAL A 79 -10.63 -3.13 0.77
C VAL A 79 -11.79 -3.58 1.66
N LEU A 80 -11.46 -4.31 2.72
CA LEU A 80 -12.48 -4.80 3.65
C LEU A 80 -11.99 -4.70 5.09
N VAL A 81 -12.87 -4.21 5.97
CA VAL A 81 -12.54 -4.07 7.38
C VAL A 81 -13.13 -5.20 8.20
N SER A 82 -12.34 -5.73 9.13
CA SER A 82 -12.78 -6.82 9.99
C SER A 82 -12.83 -6.38 11.44
N PRO A 83 -13.61 -7.13 12.26
CA PRO A 83 -13.75 -6.83 13.69
C PRO A 83 -12.48 -7.12 14.48
N LYS A 84 -11.87 -6.08 15.03
CA LYS A 84 -10.65 -6.22 15.80
C LYS A 84 -9.60 -7.01 15.02
N ALA A 85 -8.53 -7.38 15.71
CA ALA A 85 -7.45 -8.15 15.08
C ALA A 85 -6.45 -8.64 16.13
N ALA A 86 -6.95 -9.13 17.25
CA ALA A 86 -6.10 -9.62 18.31
C ALA A 86 -6.88 -10.48 19.30
N LEU A 87 -6.18 -11.22 20.14
CA LEU A 87 -6.81 -12.09 21.13
C LEU A 87 -6.18 -11.90 22.50
N ASN A 88 -4.85 -11.90 22.54
CA ASN A 88 -4.13 -11.73 23.80
C ASN A 88 -3.76 -10.26 24.02
N ASP A 89 -4.08 -9.75 25.20
CA ASP A 89 -3.77 -8.36 25.53
C ASP A 89 -2.28 -8.15 25.70
N GLU A 90 -1.89 -6.94 26.08
CA GLU A 90 -0.47 -6.61 26.27
C GLU A 90 -0.29 -5.73 27.50
N SER A 2 25.10 13.72 -3.62
CA SER A 2 24.96 12.36 -4.14
C SER A 2 23.60 11.78 -3.78
N PRO A 3 22.54 12.34 -4.37
CA PRO A 3 21.17 11.90 -4.13
C PRO A 3 20.89 10.51 -4.71
N LYS A 4 20.15 9.70 -3.97
CA LYS A 4 19.81 8.35 -4.41
C LYS A 4 18.43 8.32 -5.06
N THR A 5 18.40 8.27 -6.38
CA THR A 5 17.15 8.23 -7.13
C THR A 5 17.07 7.00 -8.01
N ILE A 6 16.08 6.15 -7.75
CA ILE A 6 15.89 4.94 -8.52
C ILE A 6 15.43 5.25 -9.94
N LEU A 7 15.49 4.25 -10.81
CA LEU A 7 15.08 4.42 -12.21
C LEU A 7 14.04 3.37 -12.59
N GLY A 8 14.34 2.11 -12.30
CA GLY A 8 13.42 1.04 -12.62
C GLY A 8 12.39 0.81 -11.54
N ILE A 9 11.19 0.40 -11.93
CA ILE A 9 10.12 0.14 -10.98
C ILE A 9 9.54 -1.26 -11.16
N GLU A 10 9.16 -1.89 -10.05
CA GLU A 10 8.60 -3.22 -10.09
C GLU A 10 7.44 -3.36 -9.11
N VAL A 11 6.30 -3.81 -9.60
CA VAL A 11 5.12 -3.98 -8.77
C VAL A 11 5.31 -5.11 -7.76
N SER A 12 5.20 -4.78 -6.49
CA SER A 12 5.37 -5.78 -5.43
C SER A 12 4.31 -5.59 -4.34
N GLN A 13 3.16 -5.06 -4.73
CA GLN A 13 2.06 -4.83 -3.79
C GLN A 13 1.30 -6.13 -3.53
N GLU A 14 1.01 -6.39 -2.26
CA GLU A 14 0.29 -7.60 -1.87
C GLU A 14 -1.15 -7.26 -1.47
N PRO A 15 -2.08 -8.18 -1.79
CA PRO A 15 -3.50 -8.00 -1.47
C PRO A 15 -3.77 -8.08 0.03
N LYS A 16 -4.51 -7.11 0.55
CA LYS A 16 -4.84 -7.07 1.96
C LYS A 16 -5.75 -5.88 2.29
N LYS A 17 -5.13 -4.72 2.50
CA LYS A 17 -5.89 -3.50 2.80
C LYS A 17 -7.02 -3.80 3.78
N ASP A 18 -6.71 -4.56 4.82
CA ASP A 18 -7.70 -4.90 5.84
C ASP A 18 -7.42 -4.17 7.14
N TYR A 19 -8.45 -3.53 7.68
CA TYR A 19 -8.32 -2.78 8.92
C TYR A 19 -9.43 -3.14 9.90
N LEU A 20 -9.11 -3.14 11.19
CA LEU A 20 -10.07 -3.48 12.23
C LEU A 20 -10.84 -2.24 12.67
N VAL A 21 -12.09 -2.44 13.10
CA VAL A 21 -12.92 -1.34 13.55
C VAL A 21 -12.20 -0.49 14.58
N GLY A 22 -12.29 0.83 14.41
CA GLY A 22 -11.63 1.74 15.34
C GLY A 22 -10.25 2.14 14.87
N ASP A 23 -9.63 1.30 14.04
CA ASP A 23 -8.30 1.57 13.52
C ASP A 23 -8.35 2.60 12.39
N SER A 24 -9.39 2.51 11.57
CA SER A 24 -9.55 3.43 10.44
C SER A 24 -8.41 3.29 9.45
N LEU A 25 -8.65 2.51 8.40
CA LEU A 25 -7.64 2.29 7.37
C LEU A 25 -6.44 1.52 7.94
N ASP A 26 -5.83 0.69 7.10
CA ASP A 26 -4.67 -0.10 7.52
C ASP A 26 -4.14 -0.93 6.37
N LEU A 27 -3.12 -0.42 5.68
CA LEU A 27 -2.52 -1.12 4.55
C LEU A 27 -1.00 -1.15 4.68
N SER A 28 -0.46 -2.35 4.87
CA SER A 28 0.99 -2.52 5.01
C SER A 28 1.51 -3.56 4.03
N GLU A 29 0.60 -4.13 3.24
CA GLU A 29 0.96 -5.15 2.26
C GLU A 29 1.20 -4.52 0.89
N GLY A 30 0.69 -3.31 0.70
CA GLY A 30 0.85 -2.63 -0.57
C GLY A 30 2.18 -1.91 -0.67
N ARG A 31 3.26 -2.68 -0.86
CA ARG A 31 4.60 -2.11 -0.97
C ARG A 31 5.13 -2.24 -2.40
N PHE A 32 6.05 -1.35 -2.77
CA PHE A 32 6.64 -1.37 -4.10
C PHE A 32 8.14 -1.56 -4.03
N ALA A 33 8.70 -2.20 -5.05
CA ALA A 33 10.14 -2.44 -5.10
C ALA A 33 10.82 -1.53 -6.12
N VAL A 34 11.74 -0.70 -5.63
CA VAL A 34 12.46 0.22 -6.50
C VAL A 34 13.91 -0.21 -6.69
N ALA A 35 14.38 -0.20 -7.94
CA ALA A 35 15.75 -0.58 -8.24
C ALA A 35 16.62 0.64 -8.50
N TYR A 36 17.71 0.76 -7.75
CA TYR A 36 18.63 1.88 -7.89
C TYR A 36 19.69 1.58 -8.95
N SER A 37 20.12 2.62 -9.65
CA SER A 37 21.13 2.48 -10.70
C SER A 37 22.45 1.97 -10.11
N ASN A 38 22.58 2.09 -8.80
CA ASN A 38 23.79 1.64 -8.10
C ASN A 38 23.63 0.20 -7.62
N ASP A 39 22.77 -0.56 -8.28
CA ASP A 39 22.53 -1.95 -7.92
C ASP A 39 22.00 -2.05 -6.48
N THR A 40 20.76 -1.60 -6.28
CA THR A 40 20.15 -1.64 -4.97
C THR A 40 18.63 -1.82 -5.06
N MET A 41 18.02 -2.29 -3.98
CA MET A 41 16.58 -2.51 -3.96
C MET A 41 16.00 -2.09 -2.61
N GLU A 42 14.86 -1.38 -2.65
CA GLU A 42 14.20 -0.93 -1.43
C GLU A 42 12.71 -1.25 -1.47
N GLU A 43 12.20 -1.80 -0.38
CA GLU A 43 10.79 -2.15 -0.29
C GLU A 43 10.12 -1.40 0.86
N HIS A 44 8.95 -0.82 0.57
CA HIS A 44 8.20 -0.07 1.58
C HIS A 44 6.72 -0.05 1.25
N SER A 45 5.88 -0.18 2.28
CA SER A 45 4.44 -0.17 2.10
C SER A 45 3.81 1.07 2.72
N PHE A 46 3.10 1.85 1.91
CA PHE A 46 2.45 3.06 2.39
C PHE A 46 3.30 3.75 3.45
N THR A 47 4.39 4.38 3.02
CA THR A 47 5.29 5.07 3.94
C THR A 47 6.21 6.01 3.18
N ASP A 48 6.66 5.59 2.01
CA ASP A 48 7.55 6.40 1.19
C ASP A 48 6.76 7.39 0.34
N GLU A 49 5.45 7.43 0.55
CA GLU A 49 4.57 8.33 -0.19
C GLU A 49 4.82 8.21 -1.69
N GLY A 50 5.25 7.03 -2.12
CA GLY A 50 5.52 6.80 -3.52
C GLY A 50 4.30 6.26 -4.27
N VAL A 51 3.40 5.62 -3.53
CA VAL A 51 2.20 5.05 -4.12
C VAL A 51 0.96 5.83 -3.69
N GLU A 52 0.20 6.30 -4.68
CA GLU A 52 -1.01 7.07 -4.41
C GLU A 52 -2.25 6.21 -4.63
N ILE A 53 -3.06 6.07 -3.57
CA ILE A 53 -4.29 5.28 -3.65
C ILE A 53 -5.52 6.17 -3.58
N SER A 54 -6.43 6.00 -4.54
CA SER A 54 -7.65 6.79 -4.58
C SER A 54 -8.82 5.93 -5.06
N GLY A 55 -10.02 6.28 -4.61
CA GLY A 55 -11.20 5.54 -5.00
C GLY A 55 -11.96 4.99 -3.81
N TYR A 56 -11.25 4.70 -2.72
CA TYR A 56 -11.85 4.17 -1.52
C TYR A 56 -12.46 5.29 -0.67
N ASP A 57 -13.63 5.02 -0.08
CA ASP A 57 -14.30 6.00 0.75
C ASP A 57 -14.07 5.70 2.23
N ALA A 58 -13.44 6.63 2.93
CA ALA A 58 -13.16 6.46 4.35
C ALA A 58 -14.45 6.41 5.16
N GLN A 59 -15.53 6.90 4.57
CA GLN A 59 -16.82 6.90 5.24
C GLN A 59 -17.35 5.48 5.43
N LYS A 60 -17.58 4.79 4.32
CA LYS A 60 -18.07 3.42 4.37
C LYS A 60 -17.03 2.44 3.87
N THR A 61 -16.94 1.29 4.52
CA THR A 61 -15.97 0.26 4.12
C THR A 61 -16.62 -1.12 4.09
N GLY A 62 -15.80 -2.15 3.91
CA GLY A 62 -16.31 -3.51 3.87
C GLY A 62 -15.95 -4.21 2.57
N ARG A 63 -15.94 -3.46 1.48
CA ARG A 63 -15.61 -4.03 0.17
C ARG A 63 -15.57 -2.94 -0.90
N GLN A 64 -14.57 -2.07 -0.80
CA GLN A 64 -14.41 -0.97 -1.76
C GLN A 64 -13.17 -1.17 -2.61
N THR A 65 -13.26 -0.78 -3.88
CA THR A 65 -12.14 -0.92 -4.79
C THR A 65 -11.17 0.27 -4.67
N LEU A 66 -9.90 0.01 -4.95
CA LEU A 66 -8.89 1.06 -4.88
C LEU A 66 -7.94 0.99 -6.08
N THR A 67 -7.42 2.15 -6.47
CA THR A 67 -6.51 2.23 -7.61
C THR A 67 -5.19 2.89 -7.20
N LEU A 68 -4.08 2.27 -7.63
CA LEU A 68 -2.76 2.80 -7.31
C LEU A 68 -2.07 3.33 -8.56
N HIS A 69 -1.73 4.62 -8.54
CA HIS A 69 -1.06 5.25 -9.67
C HIS A 69 0.34 5.70 -9.29
N TYR A 70 1.36 5.04 -9.85
CA TYR A 70 2.75 5.39 -9.56
C TYR A 70 3.60 5.30 -10.81
N GLN A 71 4.16 6.42 -11.24
CA GLN A 71 4.99 6.46 -12.43
C GLN A 71 4.22 6.00 -13.65
N GLY A 72 2.91 6.22 -13.65
CA GLY A 72 2.07 5.81 -14.76
C GLY A 72 1.50 4.43 -14.58
N HIS A 73 2.15 3.63 -13.74
CA HIS A 73 1.69 2.26 -13.49
C HIS A 73 0.37 2.26 -12.72
N GLU A 74 -0.56 1.41 -13.14
CA GLU A 74 -1.86 1.32 -12.49
C GLU A 74 -2.05 -0.05 -11.84
N VAL A 75 -2.56 -0.07 -10.62
CA VAL A 75 -2.79 -1.31 -9.89
C VAL A 75 -4.17 -1.33 -9.25
N SER A 76 -4.73 -2.52 -9.09
CA SER A 76 -6.05 -2.67 -8.49
C SER A 76 -5.96 -3.36 -7.13
N PHE A 77 -6.66 -2.82 -6.15
CA PHE A 77 -6.66 -3.38 -4.81
C PHE A 77 -8.07 -3.38 -4.22
N ASP A 78 -8.24 -4.11 -3.10
CA ASP A 78 -9.53 -4.19 -2.44
C ASP A 78 -9.39 -3.97 -0.94
N VAL A 79 -10.37 -3.29 -0.35
CA VAL A 79 -10.35 -3.00 1.07
C VAL A 79 -11.56 -3.62 1.77
N LEU A 80 -11.32 -4.22 2.93
CA LEU A 80 -12.40 -4.85 3.70
C LEU A 80 -12.18 -4.65 5.20
N VAL A 81 -13.25 -4.29 5.90
CA VAL A 81 -13.18 -4.06 7.34
C VAL A 81 -13.75 -5.25 8.10
N SER A 82 -13.06 -5.66 9.15
CA SER A 82 -13.50 -6.80 9.97
C SER A 82 -13.75 -6.36 11.41
N PRO A 83 -14.52 -7.17 12.14
CA PRO A 83 -14.86 -6.89 13.54
C PRO A 83 -13.66 -7.04 14.47
N LYS A 84 -13.61 -6.23 15.51
CA LYS A 84 -12.52 -6.27 16.48
C LYS A 84 -12.38 -7.66 17.09
N ALA A 85 -11.19 -8.24 16.98
CA ALA A 85 -10.94 -9.57 17.52
C ALA A 85 -9.47 -9.94 17.35
N ALA A 86 -8.63 -9.49 18.28
CA ALA A 86 -7.21 -9.78 18.24
C ALA A 86 -6.58 -9.72 19.62
N LEU A 87 -5.33 -10.15 19.73
CA LEU A 87 -4.63 -10.13 21.01
C LEU A 87 -3.26 -9.46 20.87
N ASN A 88 -2.51 -9.41 21.96
CA ASN A 88 -1.19 -8.80 21.96
C ASN A 88 -0.10 -9.87 21.95
N ASP A 89 0.92 -9.66 21.12
CA ASP A 89 2.03 -10.60 21.01
C ASP A 89 3.34 -9.96 21.44
N GLU A 90 4.43 -10.72 21.34
CA GLU A 90 5.74 -10.21 21.72
C GLU A 90 6.25 -9.19 20.71
N SER A 2 25.08 12.72 -2.15
CA SER A 2 24.30 13.14 -3.31
C SER A 2 22.90 12.55 -3.27
N PRO A 3 21.98 13.16 -4.02
CA PRO A 3 20.58 12.72 -4.08
C PRO A 3 20.43 11.38 -4.81
N LYS A 4 19.56 10.53 -4.28
CA LYS A 4 19.33 9.22 -4.87
C LYS A 4 18.04 9.22 -5.70
N THR A 5 18.19 9.29 -7.02
CA THR A 5 17.05 9.30 -7.92
C THR A 5 16.98 8.01 -8.73
N ILE A 6 15.88 7.27 -8.55
CA ILE A 6 15.69 6.02 -9.27
C ILE A 6 15.20 6.27 -10.69
N LEU A 7 15.29 5.23 -11.52
CA LEU A 7 14.86 5.33 -12.91
C LEU A 7 13.86 4.22 -13.25
N GLY A 8 14.10 3.03 -12.70
CA GLY A 8 13.22 1.90 -12.96
C GLY A 8 12.45 1.49 -11.74
N ILE A 9 11.30 0.85 -11.95
CA ILE A 9 10.46 0.40 -10.86
C ILE A 9 9.86 -0.98 -11.16
N GLU A 10 9.73 -1.80 -10.12
CA GLU A 10 9.17 -3.14 -10.27
C GLU A 10 8.01 -3.36 -9.31
N VAL A 11 6.87 -3.76 -9.84
CA VAL A 11 5.69 -4.01 -9.03
C VAL A 11 5.83 -5.30 -8.23
N SER A 12 5.54 -5.21 -6.93
CA SER A 12 5.64 -6.37 -6.05
C SER A 12 4.52 -6.36 -5.01
N GLN A 13 3.47 -5.60 -5.30
CA GLN A 13 2.33 -5.50 -4.39
C GLN A 13 1.32 -6.62 -4.65
N GLU A 14 0.91 -7.30 -3.58
CA GLU A 14 -0.04 -8.40 -3.70
C GLU A 14 -1.42 -7.98 -3.18
N PRO A 15 -2.46 -8.66 -3.67
CA PRO A 15 -3.85 -8.38 -3.26
C PRO A 15 -4.13 -8.79 -1.82
N LYS A 16 -4.72 -7.89 -1.05
CA LYS A 16 -5.04 -8.17 0.35
C LYS A 16 -5.82 -7.02 0.96
N LYS A 17 -5.11 -5.97 1.37
CA LYS A 17 -5.74 -4.80 1.97
C LYS A 17 -6.75 -5.20 3.02
N ASP A 18 -6.26 -5.75 4.13
CA ASP A 18 -7.13 -6.19 5.22
C ASP A 18 -6.72 -5.53 6.54
N TYR A 19 -7.65 -4.81 7.16
CA TYR A 19 -7.38 -4.14 8.42
C TYR A 19 -8.57 -4.27 9.36
N LEU A 20 -8.29 -4.20 10.66
CA LEU A 20 -9.33 -4.31 11.68
C LEU A 20 -9.82 -2.94 12.11
N VAL A 21 -11.06 -2.88 12.60
CA VAL A 21 -11.64 -1.63 13.05
C VAL A 21 -10.73 -0.92 14.03
N GLY A 22 -10.45 0.36 13.77
CA GLY A 22 -9.59 1.13 14.64
C GLY A 22 -8.13 0.94 14.33
N ASP A 23 -7.84 0.05 13.37
CA ASP A 23 -6.46 -0.23 12.98
C ASP A 23 -6.06 0.61 11.77
N SER A 24 -7.05 1.17 11.09
CA SER A 24 -6.81 1.99 9.91
C SER A 24 -6.17 1.16 8.80
N LEU A 25 -5.83 1.82 7.70
CA LEU A 25 -5.21 1.15 6.56
C LEU A 25 -4.08 0.26 7.01
N ASP A 26 -4.29 -1.05 6.94
CA ASP A 26 -3.28 -2.03 7.33
C ASP A 26 -2.77 -2.81 6.13
N LEU A 27 -2.23 -2.10 5.15
CA LEU A 27 -1.70 -2.73 3.94
C LEU A 27 -0.26 -3.19 4.14
N SER A 28 -0.04 -4.49 3.98
CA SER A 28 1.30 -5.05 4.15
C SER A 28 1.78 -5.70 2.86
N GLU A 29 0.85 -6.29 2.12
CA GLU A 29 1.18 -6.95 0.86
C GLU A 29 1.39 -5.93 -0.25
N GLY A 30 0.89 -4.72 -0.04
CA GLY A 30 1.04 -3.67 -1.02
C GLY A 30 2.39 -3.00 -0.96
N ARG A 31 3.45 -3.77 -1.24
CA ARG A 31 4.80 -3.24 -1.21
C ARG A 31 5.39 -3.19 -2.62
N PHE A 32 6.11 -2.12 -2.92
CA PHE A 32 6.73 -1.94 -4.23
C PHE A 32 8.25 -1.81 -4.10
N ALA A 33 8.96 -2.27 -5.12
CA ALA A 33 10.42 -2.19 -5.13
C ALA A 33 10.91 -1.16 -6.13
N VAL A 34 12.04 -0.55 -5.83
CA VAL A 34 12.62 0.48 -6.70
C VAL A 34 14.10 0.18 -6.98
N ALA A 35 14.51 0.40 -8.22
CA ALA A 35 15.89 0.17 -8.62
C ALA A 35 16.64 1.49 -8.78
N TYR A 36 17.87 1.53 -8.26
CA TYR A 36 18.69 2.74 -8.35
C TYR A 36 19.77 2.59 -9.42
N SER A 37 20.09 3.69 -10.08
CA SER A 37 21.11 3.68 -11.13
C SER A 37 22.47 3.26 -10.58
N ASN A 38 22.60 3.32 -9.26
CA ASN A 38 23.85 2.94 -8.59
C ASN A 38 23.81 1.48 -8.16
N ASP A 39 22.98 0.69 -8.84
CA ASP A 39 22.86 -0.73 -8.52
C ASP A 39 22.38 -0.92 -7.09
N THR A 40 21.12 -0.57 -6.83
CA THR A 40 20.54 -0.71 -5.49
C THR A 40 19.06 -1.05 -5.58
N MET A 41 18.52 -1.58 -4.48
CA MET A 41 17.11 -1.95 -4.43
C MET A 41 16.52 -1.61 -3.07
N GLU A 42 15.29 -1.10 -3.07
CA GLU A 42 14.61 -0.74 -1.83
C GLU A 42 13.18 -1.28 -1.81
N GLU A 43 12.80 -1.88 -0.68
CA GLU A 43 11.46 -2.45 -0.54
C GLU A 43 10.71 -1.76 0.59
N HIS A 44 9.42 -1.48 0.35
CA HIS A 44 8.58 -0.82 1.34
C HIS A 44 7.12 -1.17 1.12
N SER A 45 6.39 -1.37 2.22
CA SER A 45 4.97 -1.72 2.16
C SER A 45 4.13 -0.67 2.86
N PHE A 46 3.19 -0.08 2.13
CA PHE A 46 2.30 0.93 2.70
C PHE A 46 3.08 1.87 3.62
N THR A 47 3.90 2.73 3.03
CA THR A 47 4.70 3.67 3.81
C THR A 47 5.20 4.82 2.94
N ASP A 48 5.69 4.48 1.75
CA ASP A 48 6.19 5.48 0.82
C ASP A 48 5.08 6.42 0.37
N GLU A 49 5.40 7.70 0.22
CA GLU A 49 4.43 8.69 -0.21
C GLU A 49 4.51 8.92 -1.71
N GLY A 50 4.94 7.90 -2.44
CA GLY A 50 5.06 8.00 -3.88
C GLY A 50 3.82 7.51 -4.60
N VAL A 51 3.01 6.71 -3.91
CA VAL A 51 1.78 6.17 -4.48
C VAL A 51 0.54 6.81 -3.85
N GLU A 52 -0.47 7.03 -4.67
CA GLU A 52 -1.72 7.63 -4.19
C GLU A 52 -2.92 6.80 -4.60
N ILE A 53 -3.70 6.37 -3.61
CA ILE A 53 -4.88 5.56 -3.87
C ILE A 53 -6.15 6.39 -3.76
N SER A 54 -7.08 6.16 -4.67
CA SER A 54 -8.35 6.88 -4.69
C SER A 54 -9.53 5.93 -4.75
N GLY A 55 -10.68 6.39 -4.26
CA GLY A 55 -11.87 5.55 -4.26
C GLY A 55 -12.14 4.91 -2.92
N TYR A 56 -11.09 4.82 -2.10
CA TYR A 56 -11.22 4.21 -0.78
C TYR A 56 -11.60 5.26 0.28
N ASP A 57 -12.62 4.96 1.07
CA ASP A 57 -13.07 5.86 2.11
C ASP A 57 -12.59 5.40 3.49
N ALA A 58 -11.62 6.12 4.04
CA ALA A 58 -11.07 5.77 5.35
C ALA A 58 -12.18 5.69 6.40
N GLN A 59 -13.17 6.57 6.28
CA GLN A 59 -14.29 6.60 7.21
C GLN A 59 -15.47 5.79 6.68
N LYS A 60 -15.17 4.83 5.82
CA LYS A 60 -16.21 3.99 5.23
C LYS A 60 -15.60 2.85 4.42
N THR A 61 -15.15 1.81 5.10
CA THR A 61 -14.54 0.66 4.43
C THR A 61 -15.54 -0.48 4.28
N GLY A 62 -15.07 -1.60 3.74
CA GLY A 62 -15.94 -2.75 3.53
C GLY A 62 -16.31 -2.94 2.08
N ARG A 63 -15.49 -3.69 1.36
CA ARG A 63 -15.75 -3.96 -0.05
C ARG A 63 -15.67 -2.68 -0.86
N GLN A 64 -14.59 -1.93 -0.67
CA GLN A 64 -14.40 -0.67 -1.39
C GLN A 64 -13.28 -0.80 -2.42
N THR A 65 -13.45 -0.14 -3.56
CA THR A 65 -12.46 -0.18 -4.62
C THR A 65 -11.31 0.78 -4.34
N LEU A 66 -10.14 0.46 -4.87
CA LEU A 66 -8.96 1.30 -4.68
C LEU A 66 -8.08 1.29 -5.93
N THR A 67 -7.57 2.46 -6.31
CA THR A 67 -6.72 2.59 -7.48
C THR A 67 -5.48 3.43 -7.16
N LEU A 68 -4.32 2.77 -7.13
CA LEU A 68 -3.07 3.45 -6.85
C LEU A 68 -2.35 3.84 -8.13
N HIS A 69 -1.89 5.09 -8.20
CA HIS A 69 -1.19 5.57 -9.38
C HIS A 69 0.19 6.12 -9.00
N TYR A 70 1.23 5.43 -9.43
CA TYR A 70 2.60 5.83 -9.14
C TYR A 70 3.51 5.62 -10.35
N GLN A 71 4.19 6.68 -10.76
CA GLN A 71 5.09 6.61 -11.90
C GLN A 71 4.35 6.19 -13.16
N GLY A 72 3.04 6.44 -13.18
CA GLY A 72 2.23 6.09 -14.33
C GLY A 72 1.57 4.72 -14.17
N HIS A 73 2.15 3.89 -13.32
CA HIS A 73 1.62 2.55 -13.09
C HIS A 73 0.33 2.61 -12.28
N GLU A 74 -0.70 1.92 -12.77
CA GLU A 74 -2.00 1.90 -12.10
C GLU A 74 -2.33 0.49 -11.61
N VAL A 75 -2.83 0.41 -10.38
CA VAL A 75 -3.19 -0.88 -9.78
C VAL A 75 -4.56 -0.81 -9.12
N SER A 76 -5.44 -1.73 -9.50
CA SER A 76 -6.79 -1.76 -8.94
C SER A 76 -6.95 -2.95 -8.00
N PHE A 77 -7.54 -2.70 -6.84
CA PHE A 77 -7.75 -3.75 -5.85
C PHE A 77 -8.96 -3.43 -4.96
N ASP A 78 -9.36 -4.40 -4.14
CA ASP A 78 -10.50 -4.22 -3.25
C ASP A 78 -10.07 -4.31 -1.79
N VAL A 79 -10.80 -3.62 -0.92
CA VAL A 79 -10.49 -3.63 0.50
C VAL A 79 -11.65 -4.19 1.31
N LEU A 80 -11.32 -4.91 2.38
CA LEU A 80 -12.35 -5.50 3.24
C LEU A 80 -11.96 -5.35 4.72
N VAL A 81 -12.83 -4.69 5.48
CA VAL A 81 -12.58 -4.47 6.89
C VAL A 81 -13.33 -5.50 7.74
N SER A 82 -12.65 -6.04 8.75
CA SER A 82 -13.25 -7.04 9.62
C SER A 82 -13.34 -6.51 11.06
N PRO A 83 -14.21 -7.14 11.86
CA PRO A 83 -14.40 -6.76 13.26
C PRO A 83 -13.20 -7.11 14.13
N LYS A 84 -12.67 -6.10 14.83
CA LYS A 84 -11.52 -6.30 15.70
C LYS A 84 -11.78 -7.40 16.73
N ALA A 85 -10.76 -8.18 17.04
CA ALA A 85 -10.89 -9.26 18.00
C ALA A 85 -9.54 -9.61 18.62
N ALA A 86 -8.75 -8.58 18.93
CA ALA A 86 -7.44 -8.77 19.53
C ALA A 86 -7.52 -8.68 21.05
N LEU A 87 -8.68 -8.29 21.56
CA LEU A 87 -8.88 -8.16 23.01
C LEU A 87 -7.86 -7.21 23.62
N ASN A 88 -7.94 -7.02 24.93
CA ASN A 88 -7.03 -6.13 25.64
C ASN A 88 -6.70 -6.68 27.02
N ASP A 89 -5.44 -6.57 27.41
CA ASP A 89 -4.99 -7.06 28.71
C ASP A 89 -4.24 -5.96 29.47
N GLU A 90 -3.85 -6.28 30.70
CA GLU A 90 -3.11 -5.32 31.53
C GLU A 90 -3.96 -4.08 31.79
N SER A 2 27.07 13.11 -4.54
CA SER A 2 26.18 13.21 -5.69
C SER A 2 24.76 12.83 -5.29
N PRO A 3 23.78 13.26 -6.12
CA PRO A 3 22.37 12.98 -5.88
C PRO A 3 22.02 11.51 -6.08
N LYS A 4 21.09 11.00 -5.29
CA LYS A 4 20.67 9.62 -5.40
C LYS A 4 19.22 9.51 -5.88
N THR A 5 19.05 9.13 -7.13
CA THR A 5 17.71 8.99 -7.72
C THR A 5 17.49 7.58 -8.25
N ILE A 6 16.24 7.26 -8.54
CA ILE A 6 15.88 5.94 -9.06
C ILE A 6 15.37 6.04 -10.49
N LEU A 7 15.13 4.88 -11.11
CA LEU A 7 14.62 4.83 -12.47
C LEU A 7 13.82 3.55 -12.71
N GLY A 8 14.33 2.43 -12.18
CA GLY A 8 13.64 1.16 -12.35
C GLY A 8 12.66 0.88 -11.23
N ILE A 9 11.55 0.24 -11.56
CA ILE A 9 10.53 -0.09 -10.58
C ILE A 9 10.02 -1.51 -10.77
N GLU A 10 9.70 -2.17 -9.66
CA GLU A 10 9.20 -3.55 -9.70
C GLU A 10 8.02 -3.71 -8.77
N VAL A 11 6.91 -4.22 -9.31
CA VAL A 11 5.70 -4.44 -8.52
C VAL A 11 5.88 -5.60 -7.55
N SER A 12 5.86 -5.29 -6.26
CA SER A 12 6.03 -6.30 -5.23
C SER A 12 4.92 -6.21 -4.18
N GLN A 13 3.83 -5.55 -4.55
CA GLN A 13 2.69 -5.38 -3.66
C GLN A 13 1.71 -6.54 -3.80
N GLU A 14 1.32 -7.12 -2.68
CA GLU A 14 0.38 -8.24 -2.69
C GLU A 14 -1.00 -7.80 -2.19
N PRO A 15 -2.04 -8.54 -2.61
CA PRO A 15 -3.42 -8.24 -2.22
C PRO A 15 -3.68 -8.53 -0.75
N LYS A 16 -4.29 -7.57 -0.06
CA LYS A 16 -4.60 -7.72 1.35
C LYS A 16 -5.47 -6.57 1.84
N LYS A 17 -4.84 -5.44 2.14
CA LYS A 17 -5.55 -4.26 2.62
C LYS A 17 -6.57 -4.64 3.70
N ASP A 18 -6.07 -5.03 4.86
CA ASP A 18 -6.94 -5.41 5.97
C ASP A 18 -6.59 -4.63 7.23
N TYR A 19 -7.57 -3.90 7.76
CA TYR A 19 -7.37 -3.11 8.97
C TYR A 19 -8.63 -3.08 9.83
N LEU A 20 -8.45 -2.90 11.13
CA LEU A 20 -9.57 -2.86 12.06
C LEU A 20 -9.94 -1.41 12.40
N VAL A 21 -11.18 -1.21 12.83
CA VAL A 21 -11.66 0.11 13.19
C VAL A 21 -10.71 0.79 14.17
N GLY A 22 -10.38 2.05 13.90
CA GLY A 22 -9.49 2.78 14.77
C GLY A 22 -8.03 2.71 14.32
N ASP A 23 -7.82 2.09 13.17
CA ASP A 23 -6.47 1.95 12.62
C ASP A 23 -6.32 2.73 11.32
N SER A 24 -7.45 2.98 10.65
CA SER A 24 -7.44 3.70 9.40
C SER A 24 -6.64 2.97 8.34
N LEU A 25 -6.36 3.64 7.23
CA LEU A 25 -5.60 3.05 6.13
C LEU A 25 -4.31 2.42 6.66
N ASP A 26 -4.04 1.19 6.24
CA ASP A 26 -2.85 0.47 6.66
C ASP A 26 -2.13 -0.15 5.47
N LEU A 27 -2.63 -1.31 5.03
CA LEU A 27 -2.04 -2.01 3.90
C LEU A 27 -0.54 -2.16 4.07
N SER A 28 -0.13 -3.24 4.73
CA SER A 28 1.29 -3.51 4.96
C SER A 28 1.80 -4.62 4.06
N GLU A 29 0.94 -5.07 3.15
CA GLU A 29 1.30 -6.13 2.22
C GLU A 29 1.57 -5.56 0.83
N GLY A 30 1.17 -4.31 0.61
CA GLY A 30 1.38 -3.68 -0.67
C GLY A 30 2.61 -2.80 -0.70
N ARG A 31 3.76 -3.40 -0.96
CA ARG A 31 5.02 -2.67 -1.00
C ARG A 31 5.64 -2.71 -2.40
N PHE A 32 6.44 -1.71 -2.72
CA PHE A 32 7.09 -1.64 -4.03
C PHE A 32 8.60 -1.58 -3.88
N ALA A 33 9.31 -2.12 -4.87
CA ALA A 33 10.77 -2.13 -4.84
C ALA A 33 11.34 -1.14 -5.86
N VAL A 34 12.09 -0.16 -5.37
CA VAL A 34 12.69 0.85 -6.24
C VAL A 34 14.20 0.69 -6.30
N ALA A 35 14.75 0.83 -7.51
CA ALA A 35 16.19 0.69 -7.70
C ALA A 35 16.84 2.05 -7.95
N TYR A 36 17.88 2.36 -7.19
CA TYR A 36 18.58 3.63 -7.33
C TYR A 36 19.71 3.51 -8.35
N SER A 37 20.05 4.64 -8.97
CA SER A 37 21.13 4.66 -9.96
C SER A 37 22.48 4.40 -9.31
N ASN A 38 22.52 4.47 -7.98
CA ASN A 38 23.75 4.25 -7.23
C ASN A 38 23.84 2.79 -6.77
N ASP A 39 23.15 1.91 -7.47
CA ASP A 39 23.16 0.49 -7.14
C ASP A 39 22.59 0.26 -5.75
N THR A 40 21.28 0.48 -5.60
CA THR A 40 20.61 0.31 -4.32
C THR A 40 19.15 -0.07 -4.52
N MET A 41 18.58 -0.75 -3.52
CA MET A 41 17.18 -1.16 -3.58
C MET A 41 16.50 -0.97 -2.23
N GLU A 42 15.31 -0.37 -2.25
CA GLU A 42 14.56 -0.13 -1.03
C GLU A 42 13.10 -0.55 -1.20
N GLU A 43 12.58 -1.26 -0.21
CA GLU A 43 11.19 -1.72 -0.25
C GLU A 43 10.38 -1.13 0.90
N HIS A 44 9.19 -0.64 0.59
CA HIS A 44 8.31 -0.04 1.60
C HIS A 44 6.85 -0.31 1.27
N SER A 45 6.06 -0.56 2.32
CA SER A 45 4.64 -0.83 2.14
C SER A 45 3.79 0.32 2.64
N PHE A 46 2.95 0.86 1.77
CA PHE A 46 2.09 1.98 2.13
C PHE A 46 2.85 3.04 2.90
N THR A 47 3.87 3.61 2.26
CA THR A 47 4.69 4.63 2.90
C THR A 47 5.09 5.72 1.89
N ASP A 48 5.81 5.33 0.85
CA ASP A 48 6.24 6.26 -0.17
C ASP A 48 5.06 7.08 -0.70
N GLU A 49 5.32 8.35 -1.02
CA GLU A 49 4.27 9.23 -1.53
C GLU A 49 4.28 9.24 -3.06
N GLY A 50 4.84 8.19 -3.65
CA GLY A 50 4.90 8.11 -5.10
C GLY A 50 3.66 7.47 -5.68
N VAL A 51 2.92 6.74 -4.86
CA VAL A 51 1.70 6.07 -5.31
C VAL A 51 0.47 6.73 -4.70
N GLU A 52 -0.55 6.94 -5.53
CA GLU A 52 -1.79 7.55 -5.08
C GLU A 52 -2.96 6.60 -5.24
N ILE A 53 -3.74 6.44 -4.17
CA ILE A 53 -4.90 5.55 -4.18
C ILE A 53 -6.18 6.34 -4.39
N SER A 54 -7.09 5.79 -5.19
CA SER A 54 -8.37 6.44 -5.47
C SER A 54 -9.50 5.41 -5.46
N GLY A 55 -10.61 5.79 -4.84
CA GLY A 55 -11.76 4.90 -4.77
C GLY A 55 -12.09 4.49 -3.35
N TYR A 56 -11.08 4.43 -2.50
CA TYR A 56 -11.26 4.05 -1.11
C TYR A 56 -11.73 5.24 -0.26
N ASP A 57 -12.78 5.02 0.51
CA ASP A 57 -13.33 6.08 1.36
C ASP A 57 -12.57 6.14 2.69
N ALA A 58 -11.97 7.30 2.96
CA ALA A 58 -11.23 7.48 4.20
C ALA A 58 -12.16 7.82 5.35
N GLN A 59 -13.06 6.90 5.67
CA GLN A 59 -14.02 7.09 6.75
C GLN A 59 -14.93 5.89 6.90
N LYS A 60 -15.27 5.27 5.78
CA LYS A 60 -16.14 4.11 5.77
C LYS A 60 -15.62 3.03 4.83
N THR A 61 -15.08 1.96 5.39
CA THR A 61 -14.54 0.86 4.59
C THR A 61 -15.50 -0.32 4.57
N GLY A 62 -15.09 -1.39 3.89
CA GLY A 62 -15.93 -2.58 3.81
C GLY A 62 -16.23 -2.98 2.38
N ARG A 63 -15.34 -3.79 1.80
CA ARG A 63 -15.50 -4.24 0.42
C ARG A 63 -15.44 -3.06 -0.55
N GLN A 64 -14.47 -2.17 -0.33
CA GLN A 64 -14.30 -1.00 -1.19
C GLN A 64 -13.21 -1.24 -2.22
N THR A 65 -13.40 -0.70 -3.42
CA THR A 65 -12.42 -0.85 -4.49
C THR A 65 -11.32 0.19 -4.38
N LEU A 66 -10.09 -0.22 -4.70
CA LEU A 66 -8.94 0.69 -4.63
C LEU A 66 -8.11 0.59 -5.89
N THR A 67 -7.67 1.74 -6.40
CA THR A 67 -6.86 1.79 -7.61
C THR A 67 -5.65 2.70 -7.43
N LEU A 68 -4.47 2.10 -7.36
CA LEU A 68 -3.24 2.85 -7.17
C LEU A 68 -2.56 3.12 -8.52
N HIS A 69 -2.21 4.37 -8.76
CA HIS A 69 -1.56 4.76 -10.01
C HIS A 69 -0.23 5.45 -9.73
N TYR A 70 0.87 4.77 -10.07
CA TYR A 70 2.20 5.33 -9.86
C TYR A 70 3.13 4.98 -11.03
N GLN A 71 3.83 6.00 -11.54
CA GLN A 71 4.74 5.80 -12.65
C GLN A 71 4.02 5.22 -13.87
N GLY A 72 2.70 5.42 -13.91
CA GLY A 72 1.92 4.91 -15.01
C GLY A 72 1.30 3.56 -14.72
N HIS A 73 1.91 2.83 -13.79
CA HIS A 73 1.42 1.50 -13.41
C HIS A 73 0.14 1.61 -12.60
N GLU A 74 -0.84 0.79 -12.94
CA GLU A 74 -2.13 0.80 -12.24
C GLU A 74 -2.41 -0.58 -11.62
N VAL A 75 -2.88 -0.57 -10.38
CA VAL A 75 -3.20 -1.80 -9.67
C VAL A 75 -4.53 -1.71 -8.96
N SER A 76 -5.35 -2.75 -9.06
CA SER A 76 -6.65 -2.78 -8.42
C SER A 76 -6.67 -3.79 -7.28
N PHE A 77 -7.33 -3.42 -6.18
CA PHE A 77 -7.44 -4.29 -5.02
C PHE A 77 -8.61 -3.87 -4.12
N ASP A 78 -9.23 -4.86 -3.48
CA ASP A 78 -10.35 -4.59 -2.59
C ASP A 78 -9.90 -4.52 -1.14
N VAL A 79 -10.61 -3.74 -0.34
CA VAL A 79 -10.28 -3.59 1.07
C VAL A 79 -11.43 -4.05 1.96
N LEU A 80 -11.10 -4.73 3.05
CA LEU A 80 -12.11 -5.22 3.98
C LEU A 80 -11.79 -4.79 5.40
N VAL A 81 -12.69 -4.03 6.00
CA VAL A 81 -12.51 -3.55 7.37
C VAL A 81 -13.36 -4.35 8.35
N SER A 82 -12.75 -4.71 9.48
CA SER A 82 -13.44 -5.50 10.50
C SER A 82 -13.89 -4.61 11.65
N PRO A 83 -14.84 -5.10 12.45
CA PRO A 83 -15.37 -4.37 13.61
C PRO A 83 -14.35 -4.25 14.74
N LYS A 84 -13.28 -5.04 14.65
CA LYS A 84 -12.23 -5.02 15.66
C LYS A 84 -11.14 -6.03 15.33
N ALA A 85 -10.20 -6.20 16.24
CA ALA A 85 -9.10 -7.14 16.04
C ALA A 85 -8.17 -7.17 17.25
N ALA A 86 -7.15 -8.03 17.19
CA ALA A 86 -6.20 -8.14 18.29
C ALA A 86 -6.91 -8.39 19.61
N LEU A 87 -6.16 -8.32 20.71
CA LEU A 87 -6.72 -8.54 22.04
C LEU A 87 -7.24 -9.97 22.18
N ASN A 88 -6.57 -10.90 21.51
CA ASN A 88 -6.98 -12.31 21.56
C ASN A 88 -5.75 -13.21 21.60
N ASP A 89 -5.70 -14.09 22.59
CA ASP A 89 -4.58 -15.02 22.74
C ASP A 89 -4.37 -15.81 21.45
N GLU A 90 -3.28 -16.59 21.41
CA GLU A 90 -2.96 -17.40 20.25
C GLU A 90 -2.90 -16.54 18.99
N SER A 2 24.84 13.40 -1.40
CA SER A 2 23.82 13.68 -2.41
C SER A 2 22.54 12.92 -2.12
N PRO A 3 21.42 13.38 -2.71
CA PRO A 3 20.11 12.75 -2.54
C PRO A 3 20.02 11.39 -3.22
N LYS A 4 19.17 10.52 -2.69
CA LYS A 4 18.99 9.18 -3.24
C LYS A 4 17.83 9.16 -4.23
N THR A 5 18.16 9.16 -5.52
CA THR A 5 17.14 9.14 -6.56
C THR A 5 17.16 7.81 -7.32
N ILE A 6 16.04 7.09 -7.26
CA ILE A 6 15.92 5.81 -7.93
C ILE A 6 15.71 6.00 -9.43
N LEU A 7 15.93 4.92 -10.19
CA LEU A 7 15.75 4.97 -11.64
C LEU A 7 14.79 3.88 -12.10
N GLY A 8 14.86 2.72 -11.46
CA GLY A 8 13.98 1.61 -11.82
C GLY A 8 13.02 1.25 -10.71
N ILE A 9 11.80 0.89 -11.08
CA ILE A 9 10.77 0.52 -10.11
C ILE A 9 10.12 -0.79 -10.49
N GLU A 10 9.79 -1.60 -9.48
CA GLU A 10 9.16 -2.89 -9.70
C GLU A 10 7.97 -3.08 -8.76
N VAL A 11 6.81 -3.39 -9.33
CA VAL A 11 5.61 -3.60 -8.54
C VAL A 11 5.69 -4.90 -7.75
N SER A 12 5.26 -4.85 -6.49
CA SER A 12 5.29 -6.03 -5.63
C SER A 12 4.17 -5.96 -4.58
N GLN A 13 3.04 -5.39 -4.97
CA GLN A 13 1.91 -5.26 -4.06
C GLN A 13 1.13 -6.57 -3.97
N GLU A 14 0.79 -6.96 -2.75
CA GLU A 14 0.04 -8.19 -2.53
C GLU A 14 -1.41 -7.90 -2.17
N PRO A 15 -2.31 -8.85 -2.48
CA PRO A 15 -3.74 -8.71 -2.19
C PRO A 15 -4.05 -8.78 -0.70
N LYS A 16 -4.82 -7.82 -0.21
CA LYS A 16 -5.19 -7.77 1.21
C LYS A 16 -6.11 -6.58 1.48
N LYS A 17 -5.53 -5.41 1.61
CA LYS A 17 -6.31 -4.19 1.87
C LYS A 17 -7.34 -4.45 2.96
N ASP A 18 -6.91 -5.03 4.07
CA ASP A 18 -7.80 -5.32 5.19
C ASP A 18 -7.26 -4.71 6.48
N TYR A 19 -8.13 -4.04 7.21
CA TYR A 19 -7.75 -3.41 8.48
C TYR A 19 -8.83 -3.61 9.54
N LEU A 20 -8.40 -3.68 10.80
CA LEU A 20 -9.33 -3.88 11.90
C LEU A 20 -9.76 -2.53 12.49
N VAL A 21 -10.97 -2.49 13.05
CA VAL A 21 -11.49 -1.27 13.64
C VAL A 21 -10.48 -0.66 14.61
N GLY A 22 -10.26 0.65 14.46
CA GLY A 22 -9.32 1.34 15.34
C GLY A 22 -7.95 1.49 14.69
N ASP A 23 -7.80 0.94 13.50
CA ASP A 23 -6.53 1.02 12.78
C ASP A 23 -6.69 1.82 11.49
N SER A 24 -7.93 2.01 11.06
CA SER A 24 -8.21 2.75 9.84
C SER A 24 -7.63 2.04 8.62
N LEU A 25 -8.08 2.45 7.44
CA LEU A 25 -7.61 1.84 6.20
C LEU A 25 -6.12 2.13 5.98
N ASP A 26 -5.34 1.08 5.77
CA ASP A 26 -3.91 1.21 5.55
C ASP A 26 -3.28 -0.14 5.23
N LEU A 27 -3.49 -0.60 4.00
CA LEU A 27 -2.94 -1.89 3.56
C LEU A 27 -1.45 -1.97 3.87
N SER A 28 -1.01 -3.15 4.28
CA SER A 28 0.40 -3.37 4.61
C SER A 28 1.02 -4.43 3.71
N GLU A 29 0.23 -4.90 2.74
CA GLU A 29 0.68 -5.92 1.81
C GLU A 29 1.00 -5.31 0.45
N GLY A 30 0.47 -4.11 0.21
CA GLY A 30 0.70 -3.45 -1.06
C GLY A 30 1.97 -2.61 -1.05
N ARG A 31 3.12 -3.28 -1.04
CA ARG A 31 4.40 -2.59 -1.03
C ARG A 31 5.13 -2.77 -2.35
N PHE A 32 5.98 -1.81 -2.70
CA PHE A 32 6.73 -1.87 -3.95
C PHE A 32 8.24 -1.85 -3.67
N ALA A 33 9.00 -2.50 -4.54
CA ALA A 33 10.45 -2.55 -4.40
C ALA A 33 11.14 -1.68 -5.43
N VAL A 34 11.89 -0.68 -4.95
CA VAL A 34 12.61 0.22 -5.85
C VAL A 34 14.10 -0.03 -5.79
N ALA A 35 14.75 0.05 -6.96
CA ALA A 35 16.19 -0.17 -7.03
C ALA A 35 16.94 1.15 -7.18
N TYR A 36 18.02 1.30 -6.43
CA TYR A 36 18.82 2.51 -6.47
C TYR A 36 20.01 2.35 -7.41
N SER A 37 20.40 3.44 -8.06
CA SER A 37 21.52 3.41 -8.99
C SER A 37 22.82 3.02 -8.27
N ASN A 38 22.80 3.14 -6.95
CA ASN A 38 23.97 2.80 -6.14
C ASN A 38 23.89 1.36 -5.65
N ASP A 39 23.14 0.53 -6.38
CA ASP A 39 22.98 -0.87 -6.01
C ASP A 39 22.32 -1.01 -4.65
N THR A 40 21.03 -0.66 -4.59
CA THR A 40 20.28 -0.75 -3.35
C THR A 40 18.82 -1.05 -3.61
N MET A 41 18.12 -1.55 -2.59
CA MET A 41 16.71 -1.88 -2.71
C MET A 41 15.95 -1.50 -1.45
N GLU A 42 14.76 -0.93 -1.62
CA GLU A 42 13.94 -0.52 -0.50
C GLU A 42 12.49 -0.97 -0.68
N GLU A 43 11.92 -1.54 0.36
CA GLU A 43 10.54 -2.03 0.31
C GLU A 43 9.68 -1.31 1.35
N HIS A 44 8.53 -0.82 0.92
CA HIS A 44 7.61 -0.12 1.81
C HIS A 44 6.18 -0.21 1.29
N SER A 45 5.22 -0.35 2.21
CA SER A 45 3.81 -0.45 1.85
C SER A 45 3.06 0.81 2.25
N PHE A 46 2.45 1.46 1.28
CA PHE A 46 1.69 2.68 1.53
C PHE A 46 2.40 3.56 2.55
N THR A 47 3.72 3.65 2.42
CA THR A 47 4.52 4.46 3.33
C THR A 47 5.82 4.91 2.68
N ASP A 48 5.83 4.91 1.35
CA ASP A 48 7.01 5.33 0.59
C ASP A 48 6.70 6.55 -0.28
N GLU A 49 5.50 7.09 -0.11
CA GLU A 49 5.08 8.26 -0.88
C GLU A 49 5.37 8.06 -2.37
N GLY A 50 5.31 6.81 -2.81
CA GLY A 50 5.57 6.50 -4.21
C GLY A 50 4.29 6.29 -5.00
N VAL A 51 3.35 5.53 -4.42
CA VAL A 51 2.09 5.26 -5.09
C VAL A 51 0.94 5.97 -4.37
N GLU A 52 0.04 6.54 -5.16
CA GLU A 52 -1.11 7.26 -4.62
C GLU A 52 -2.40 6.45 -4.81
N ILE A 53 -3.29 6.52 -3.84
CA ILE A 53 -4.56 5.81 -3.91
C ILE A 53 -5.73 6.77 -4.04
N SER A 54 -6.66 6.43 -4.91
CA SER A 54 -7.84 7.27 -5.14
C SER A 54 -9.10 6.43 -5.28
N GLY A 55 -10.17 6.85 -4.63
CA GLY A 55 -11.43 6.12 -4.71
C GLY A 55 -11.81 5.50 -3.38
N TYR A 56 -10.82 5.31 -2.52
CA TYR A 56 -11.07 4.71 -1.21
C TYR A 56 -11.55 5.75 -0.21
N ASP A 57 -12.49 5.36 0.64
CA ASP A 57 -13.04 6.26 1.64
C ASP A 57 -12.32 6.09 2.97
N ALA A 58 -11.79 7.20 3.49
CA ALA A 58 -11.07 7.17 4.76
C ALA A 58 -12.04 7.19 5.95
N GLN A 59 -13.34 7.23 5.63
CA GLN A 59 -14.36 7.25 6.67
C GLN A 59 -15.10 5.92 6.73
N LYS A 60 -14.93 5.10 5.69
CA LYS A 60 -15.58 3.81 5.62
C LYS A 60 -15.03 2.97 4.46
N THR A 61 -15.29 1.67 4.50
CA THR A 61 -14.81 0.78 3.46
C THR A 61 -15.96 -0.05 2.87
N GLY A 62 -16.36 -1.09 3.59
CA GLY A 62 -17.45 -1.93 3.12
C GLY A 62 -17.30 -2.30 1.66
N ARG A 63 -16.17 -2.91 1.32
CA ARG A 63 -15.90 -3.33 -0.06
C ARG A 63 -15.83 -2.12 -0.98
N GLN A 64 -14.83 -1.26 -0.76
CA GLN A 64 -14.65 -0.07 -1.57
C GLN A 64 -13.55 -0.27 -2.61
N THR A 65 -13.73 0.33 -3.77
CA THR A 65 -12.74 0.21 -4.85
C THR A 65 -11.57 1.15 -4.62
N LEU A 66 -10.38 0.68 -4.94
CA LEU A 66 -9.16 1.49 -4.78
C LEU A 66 -8.30 1.43 -6.02
N THR A 67 -7.82 2.60 -6.47
CA THR A 67 -6.98 2.68 -7.65
C THR A 67 -5.60 3.24 -7.31
N LEU A 68 -4.60 2.38 -7.35
CA LEU A 68 -3.23 2.79 -7.04
C LEU A 68 -2.44 3.05 -8.32
N HIS A 69 -1.85 4.24 -8.41
CA HIS A 69 -1.06 4.62 -9.58
C HIS A 69 0.35 4.99 -9.18
N TYR A 70 1.33 4.37 -9.85
CA TYR A 70 2.74 4.63 -9.56
C TYR A 70 3.56 4.68 -10.84
N GLN A 71 4.17 5.83 -11.10
CA GLN A 71 4.99 6.00 -12.31
C GLN A 71 4.13 5.91 -13.56
N GLY A 72 3.87 4.68 -14.01
CA GLY A 72 3.06 4.48 -15.19
C GLY A 72 2.20 3.24 -15.10
N HIS A 73 2.11 2.67 -13.92
CA HIS A 73 1.32 1.46 -13.70
C HIS A 73 0.10 1.76 -12.83
N GLU A 74 -0.97 1.00 -13.03
CA GLU A 74 -2.19 1.18 -12.26
C GLU A 74 -2.82 -0.16 -11.90
N VAL A 75 -3.25 -0.28 -10.64
CA VAL A 75 -3.86 -1.52 -10.16
C VAL A 75 -5.13 -1.22 -9.38
N SER A 76 -6.09 -2.15 -9.45
CA SER A 76 -7.35 -1.99 -8.75
C SER A 76 -7.52 -3.06 -7.68
N PHE A 77 -7.97 -2.66 -6.50
CA PHE A 77 -8.17 -3.58 -5.39
C PHE A 77 -9.30 -3.10 -4.48
N ASP A 78 -10.00 -4.05 -3.88
CA ASP A 78 -11.12 -3.73 -2.98
C ASP A 78 -10.66 -3.77 -1.53
N VAL A 79 -11.32 -2.97 -0.69
CA VAL A 79 -10.98 -2.92 0.73
C VAL A 79 -12.17 -3.36 1.58
N LEU A 80 -11.89 -4.13 2.63
CA LEU A 80 -12.93 -4.61 3.53
C LEU A 80 -12.48 -4.51 4.99
N VAL A 81 -13.29 -3.86 5.81
CA VAL A 81 -12.99 -3.69 7.22
C VAL A 81 -13.69 -4.74 8.07
N SER A 82 -12.97 -5.32 9.02
CA SER A 82 -13.53 -6.34 9.90
C SER A 82 -13.52 -5.88 11.35
N PRO A 83 -14.35 -6.52 12.18
CA PRO A 83 -14.45 -6.20 13.61
C PRO A 83 -13.20 -6.60 14.38
N LYS A 84 -12.94 -5.91 15.49
CA LYS A 84 -11.78 -6.20 16.33
C LYS A 84 -11.76 -7.67 16.73
N ALA A 85 -10.56 -8.24 16.79
CA ALA A 85 -10.40 -9.65 17.17
C ALA A 85 -8.93 -10.03 17.25
N ALA A 86 -8.65 -11.20 17.81
CA ALA A 86 -7.28 -11.69 17.94
C ALA A 86 -6.45 -10.74 18.80
N LEU A 87 -5.19 -11.11 19.01
CA LEU A 87 -4.29 -10.30 19.82
C LEU A 87 -3.24 -9.61 18.94
N ASN A 88 -3.06 -8.32 19.16
CA ASN A 88 -2.09 -7.54 18.40
C ASN A 88 -0.93 -7.09 19.28
N ASP A 89 0.27 -7.11 18.71
CA ASP A 89 1.47 -6.70 19.45
C ASP A 89 1.70 -7.61 20.65
N GLU A 90 2.86 -7.46 21.28
CA GLU A 90 3.21 -8.27 22.45
C GLU A 90 2.22 -8.04 23.58
N SER A 2 23.38 14.42 -2.26
CA SER A 2 23.55 13.27 -3.13
C SER A 2 22.25 12.48 -3.26
N PRO A 3 21.26 13.10 -3.94
CA PRO A 3 19.95 12.47 -4.15
C PRO A 3 20.01 11.30 -5.12
N LYS A 4 19.18 10.29 -4.88
CA LYS A 4 19.13 9.12 -5.73
C LYS A 4 17.82 9.05 -6.51
N THR A 5 17.87 8.47 -7.70
CA THR A 5 16.69 8.34 -8.54
C THR A 5 16.42 6.89 -8.90
N ILE A 6 15.23 6.62 -9.43
CA ILE A 6 14.85 5.27 -9.82
C ILE A 6 14.73 5.14 -11.33
N LEU A 7 15.28 4.08 -11.89
CA LEU A 7 15.23 3.84 -13.32
C LEU A 7 14.22 2.74 -13.66
N GLY A 8 13.94 1.89 -12.68
CA GLY A 8 12.99 0.80 -12.89
C GLY A 8 12.12 0.55 -11.68
N ILE A 9 10.83 0.30 -11.91
CA ILE A 9 9.90 0.04 -10.82
C ILE A 9 9.38 -1.40 -10.88
N GLU A 10 9.17 -1.99 -9.70
CA GLU A 10 8.68 -3.35 -9.61
C GLU A 10 7.52 -3.45 -8.63
N VAL A 11 6.40 -4.00 -9.10
CA VAL A 11 5.21 -4.16 -8.26
C VAL A 11 5.34 -5.37 -7.35
N SER A 12 5.24 -5.13 -6.04
CA SER A 12 5.34 -6.21 -5.06
C SER A 12 4.30 -6.05 -3.96
N GLN A 13 3.16 -5.48 -4.33
CA GLN A 13 2.07 -5.27 -3.37
C GLN A 13 0.97 -6.30 -3.57
N GLU A 14 0.55 -6.93 -2.47
CA GLU A 14 -0.49 -7.94 -2.52
C GLU A 14 -1.79 -7.41 -1.93
N PRO A 15 -2.93 -8.00 -2.34
CA PRO A 15 -4.25 -7.60 -1.86
C PRO A 15 -4.48 -7.97 -0.41
N LYS A 16 -5.02 -7.03 0.36
CA LYS A 16 -5.29 -7.26 1.78
C LYS A 16 -6.00 -6.05 2.40
N LYS A 17 -5.26 -4.98 2.64
CA LYS A 17 -5.81 -3.77 3.22
C LYS A 17 -7.03 -4.09 4.08
N ASP A 18 -6.78 -4.59 5.29
CA ASP A 18 -7.86 -4.93 6.21
C ASP A 18 -7.68 -4.22 7.55
N TYR A 19 -8.68 -3.44 7.93
CA TYR A 19 -8.64 -2.71 9.20
C TYR A 19 -9.75 -3.15 10.13
N LEU A 20 -9.43 -3.29 11.40
CA LEU A 20 -10.41 -3.70 12.41
C LEU A 20 -11.12 -2.50 13.01
N VAL A 21 -12.42 -2.63 13.24
CA VAL A 21 -13.21 -1.55 13.81
C VAL A 21 -12.61 -1.08 15.13
N GLY A 22 -12.46 0.24 15.27
CA GLY A 22 -11.90 0.80 16.48
C GLY A 22 -10.48 1.31 16.29
N ASP A 23 -9.97 1.18 15.06
CA ASP A 23 -8.62 1.63 14.75
C ASP A 23 -8.55 2.16 13.32
N SER A 24 -8.91 1.32 12.37
CA SER A 24 -8.88 1.71 10.95
C SER A 24 -7.44 1.99 10.51
N LEU A 25 -7.20 1.80 9.21
CA LEU A 25 -5.87 2.04 8.65
C LEU A 25 -4.84 1.09 9.26
N ASP A 26 -4.38 0.12 8.46
CA ASP A 26 -3.40 -0.84 8.93
C ASP A 26 -2.98 -1.77 7.79
N LEU A 27 -2.52 -1.19 6.69
CA LEU A 27 -2.08 -1.96 5.54
C LEU A 27 -0.58 -2.23 5.58
N SER A 28 -0.21 -3.49 5.48
CA SER A 28 1.20 -3.89 5.51
C SER A 28 1.51 -4.90 4.41
N GLU A 29 0.54 -5.13 3.54
CA GLU A 29 0.72 -6.08 2.44
C GLU A 29 0.93 -5.34 1.12
N GLY A 30 0.58 -4.06 1.09
CA GLY A 30 0.75 -3.27 -0.11
C GLY A 30 2.09 -2.56 -0.16
N ARG A 31 3.15 -3.31 -0.46
CA ARG A 31 4.49 -2.74 -0.52
C ARG A 31 5.00 -2.72 -1.96
N PHE A 32 5.91 -1.80 -2.25
CA PHE A 32 6.48 -1.67 -3.58
C PHE A 32 8.01 -1.66 -3.53
N ALA A 33 8.63 -2.21 -4.57
CA ALA A 33 10.08 -2.24 -4.63
C ALA A 33 10.62 -1.27 -5.68
N VAL A 34 11.44 -0.32 -5.22
CA VAL A 34 12.02 0.67 -6.12
C VAL A 34 13.50 0.39 -6.36
N ALA A 35 13.89 0.38 -7.64
CA ALA A 35 15.27 0.14 -8.01
C ALA A 35 15.98 1.43 -8.41
N TYR A 36 16.94 1.85 -7.61
CA TYR A 36 17.69 3.08 -7.88
C TYR A 36 18.75 2.83 -8.95
N SER A 37 19.38 3.92 -9.40
CA SER A 37 20.42 3.83 -10.43
C SER A 37 21.74 3.39 -9.81
N ASN A 38 21.78 3.32 -8.49
CA ASN A 38 22.98 2.91 -7.77
C ASN A 38 22.94 1.42 -7.45
N ASP A 39 22.17 0.66 -8.23
CA ASP A 39 22.04 -0.77 -8.03
C ASP A 39 21.50 -1.08 -6.63
N THR A 40 20.69 -0.17 -6.10
CA THR A 40 20.12 -0.34 -4.77
C THR A 40 18.60 -0.51 -4.85
N MET A 41 18.04 -1.24 -3.89
CA MET A 41 16.61 -1.48 -3.86
C MET A 41 16.04 -1.19 -2.47
N GLU A 42 14.81 -0.67 -2.44
CA GLU A 42 14.17 -0.34 -1.18
C GLU A 42 12.73 -0.87 -1.14
N GLU A 43 12.36 -1.50 -0.03
CA GLU A 43 11.03 -2.05 0.13
C GLU A 43 10.29 -1.38 1.28
N HIS A 44 9.03 -1.03 1.05
CA HIS A 44 8.21 -0.38 2.07
C HIS A 44 6.73 -0.65 1.84
N SER A 45 5.99 -0.87 2.92
CA SER A 45 4.56 -1.14 2.82
C SER A 45 3.76 -0.06 3.52
N PHE A 46 2.85 0.56 2.78
CA PHE A 46 2.02 1.63 3.33
C PHE A 46 2.83 2.55 4.23
N THR A 47 3.71 3.33 3.63
CA THR A 47 4.56 4.26 4.37
C THR A 47 5.25 5.25 3.44
N ASP A 48 5.67 4.76 2.28
CA ASP A 48 6.34 5.62 1.30
C ASP A 48 5.34 6.51 0.57
N GLU A 49 5.75 7.74 0.28
CA GLU A 49 4.89 8.69 -0.40
C GLU A 49 5.14 8.67 -1.91
N GLY A 50 5.66 7.55 -2.40
CA GLY A 50 5.94 7.42 -3.82
C GLY A 50 4.71 7.03 -4.61
N VAL A 51 3.81 6.27 -3.99
CA VAL A 51 2.59 5.83 -4.64
C VAL A 51 1.37 6.53 -4.06
N GLU A 52 0.47 6.96 -4.94
CA GLU A 52 -0.74 7.64 -4.51
C GLU A 52 -1.97 6.75 -4.69
N ILE A 53 -2.74 6.58 -3.62
CA ILE A 53 -3.93 5.76 -3.65
C ILE A 53 -5.19 6.61 -3.75
N SER A 54 -6.13 6.17 -4.59
CA SER A 54 -7.37 6.90 -4.78
C SER A 54 -8.55 5.93 -4.91
N GLY A 55 -9.65 6.25 -4.24
CA GLY A 55 -10.83 5.40 -4.30
C GLY A 55 -11.20 4.83 -2.94
N TYR A 56 -10.23 4.74 -2.05
CA TYR A 56 -10.45 4.20 -0.71
C TYR A 56 -11.04 5.27 0.21
N ASP A 57 -12.15 4.94 0.85
CA ASP A 57 -12.81 5.86 1.76
C ASP A 57 -12.46 5.54 3.21
N ALA A 58 -11.58 6.36 3.80
CA ALA A 58 -11.17 6.17 5.18
C ALA A 58 -12.35 6.27 6.14
N GLN A 59 -13.44 6.85 5.66
CA GLN A 59 -14.64 7.01 6.47
C GLN A 59 -15.52 5.76 6.39
N LYS A 60 -15.46 5.07 5.26
CA LYS A 60 -16.25 3.86 5.07
C LYS A 60 -15.60 2.95 4.03
N THR A 61 -15.58 1.66 4.32
CA THR A 61 -14.98 0.68 3.41
C THR A 61 -16.06 -0.12 2.69
N GLY A 62 -16.60 -1.13 3.36
CA GLY A 62 -17.63 -1.96 2.75
C GLY A 62 -17.27 -2.40 1.34
N ARG A 63 -16.10 -3.00 1.20
CA ARG A 63 -15.64 -3.47 -0.10
C ARG A 63 -15.42 -2.31 -1.06
N GLN A 64 -14.38 -1.51 -0.79
CA GLN A 64 -14.07 -0.37 -1.63
C GLN A 64 -12.90 -0.67 -2.56
N THR A 65 -12.94 -0.10 -3.76
CA THR A 65 -11.90 -0.30 -4.75
C THR A 65 -10.76 0.70 -4.56
N LEU A 66 -9.52 0.23 -4.75
CA LEU A 66 -8.35 1.08 -4.60
C LEU A 66 -7.52 1.09 -5.88
N THR A 67 -7.00 2.27 -6.24
CA THR A 67 -6.19 2.40 -7.43
C THR A 67 -4.92 3.19 -7.14
N LEU A 68 -3.78 2.51 -7.18
CA LEU A 68 -2.49 3.15 -6.93
C LEU A 68 -1.78 3.48 -8.24
N HIS A 69 -1.30 4.72 -8.34
CA HIS A 69 -0.59 5.17 -9.53
C HIS A 69 0.82 5.67 -9.19
N TYR A 70 1.82 4.91 -9.60
CA TYR A 70 3.21 5.26 -9.33
C TYR A 70 4.10 4.95 -10.53
N GLN A 71 4.90 5.92 -10.93
CA GLN A 71 5.81 5.75 -12.07
C GLN A 71 5.02 5.46 -13.34
N GLY A 72 3.76 5.87 -13.36
CA GLY A 72 2.92 5.64 -14.52
C GLY A 72 2.16 4.33 -14.45
N HIS A 73 2.63 3.43 -13.59
CA HIS A 73 1.98 2.13 -13.43
C HIS A 73 0.74 2.24 -12.56
N GLU A 74 -0.31 1.52 -12.93
CA GLU A 74 -1.56 1.54 -12.18
C GLU A 74 -1.94 0.14 -11.71
N VAL A 75 -2.36 0.03 -10.46
CA VAL A 75 -2.75 -1.25 -9.89
C VAL A 75 -4.07 -1.13 -9.12
N SER A 76 -4.88 -2.18 -9.19
CA SER A 76 -6.16 -2.21 -8.51
C SER A 76 -6.13 -3.14 -7.31
N PHE A 77 -6.92 -2.80 -6.29
CA PHE A 77 -6.98 -3.60 -5.07
C PHE A 77 -8.36 -3.50 -4.42
N ASP A 78 -8.58 -4.32 -3.40
CA ASP A 78 -9.85 -4.33 -2.70
C ASP A 78 -9.64 -4.22 -1.19
N VAL A 79 -10.43 -3.37 -0.54
CA VAL A 79 -10.33 -3.17 0.90
C VAL A 79 -11.62 -3.57 1.60
N LEU A 80 -11.49 -4.23 2.74
CA LEU A 80 -12.64 -4.68 3.52
C LEU A 80 -12.38 -4.55 5.02
N VAL A 81 -13.35 -4.00 5.74
CA VAL A 81 -13.23 -3.83 7.18
C VAL A 81 -13.93 -4.96 7.93
N SER A 82 -13.25 -5.52 8.92
CA SER A 82 -13.80 -6.60 9.72
C SER A 82 -14.35 -6.08 11.04
N PRO A 83 -15.22 -6.89 11.68
CA PRO A 83 -15.84 -6.53 12.96
C PRO A 83 -14.84 -6.53 14.11
N LYS A 84 -13.66 -7.09 13.85
CA LYS A 84 -12.61 -7.16 14.86
C LYS A 84 -11.37 -7.86 14.32
N ALA A 85 -10.30 -7.84 15.11
CA ALA A 85 -9.05 -8.48 14.69
C ALA A 85 -8.00 -8.38 15.80
N ALA A 86 -8.44 -8.50 17.04
CA ALA A 86 -7.54 -8.43 18.18
C ALA A 86 -6.65 -9.67 18.28
N LEU A 87 -5.36 -9.45 18.48
CA LEU A 87 -4.41 -10.55 18.59
C LEU A 87 -3.05 -10.06 19.10
N ASN A 88 -2.44 -9.16 18.33
CA ASN A 88 -1.14 -8.61 18.70
C ASN A 88 -1.27 -7.13 19.08
N ASP A 89 -0.47 -6.71 20.05
CA ASP A 89 -0.49 -5.32 20.51
C ASP A 89 0.83 -4.63 20.20
N GLU A 90 1.01 -3.43 20.74
CA GLU A 90 2.22 -2.66 20.51
C GLU A 90 3.39 -3.25 21.29
N SER A 2 26.25 14.38 -3.28
CA SER A 2 26.10 13.18 -4.10
C SER A 2 24.77 12.49 -3.83
N PRO A 3 23.68 13.14 -4.27
CA PRO A 3 22.32 12.60 -4.10
C PRO A 3 22.07 11.37 -4.95
N LYS A 4 21.38 10.40 -4.38
CA LYS A 4 21.06 9.16 -5.09
C LYS A 4 19.57 9.06 -5.38
N THR A 5 19.23 8.67 -6.61
CA THR A 5 17.84 8.54 -7.02
C THR A 5 17.53 7.12 -7.48
N ILE A 6 16.25 6.81 -7.61
CA ILE A 6 15.82 5.49 -8.05
C ILE A 6 16.09 5.28 -9.53
N LEU A 7 15.77 4.09 -10.03
CA LEU A 7 15.99 3.78 -11.44
C LEU A 7 14.98 2.71 -11.91
N GLY A 8 14.76 1.71 -11.07
CA GLY A 8 13.83 0.65 -11.41
C GLY A 8 12.71 0.50 -10.40
N ILE A 9 11.63 -0.16 -10.80
CA ILE A 9 10.49 -0.36 -9.92
C ILE A 9 9.92 -1.77 -10.08
N GLU A 10 9.46 -2.34 -8.97
CA GLU A 10 8.89 -3.67 -8.98
C GLU A 10 7.70 -3.78 -8.02
N VAL A 11 6.57 -4.23 -8.54
CA VAL A 11 5.36 -4.37 -7.74
C VAL A 11 5.49 -5.53 -6.76
N SER A 12 5.33 -5.24 -5.47
CA SER A 12 5.44 -6.26 -4.43
C SER A 12 4.29 -6.13 -3.43
N GLN A 13 3.16 -5.62 -3.91
CA GLN A 13 1.99 -5.44 -3.05
C GLN A 13 1.22 -6.76 -2.90
N GLU A 14 0.85 -7.08 -1.66
CA GLU A 14 0.13 -8.31 -1.37
C GLU A 14 -1.33 -8.01 -1.06
N PRO A 15 -2.21 -8.98 -1.35
CA PRO A 15 -3.65 -8.85 -1.11
C PRO A 15 -3.99 -8.85 0.38
N LYS A 16 -4.79 -7.88 0.81
CA LYS A 16 -5.19 -7.78 2.20
C LYS A 16 -6.22 -6.67 2.39
N LYS A 17 -5.75 -5.42 2.41
CA LYS A 17 -6.64 -4.27 2.58
C LYS A 17 -7.68 -4.54 3.67
N ASP A 18 -7.23 -5.12 4.78
CA ASP A 18 -8.12 -5.43 5.89
C ASP A 18 -7.62 -4.80 7.19
N TYR A 19 -8.53 -4.21 7.95
CA TYR A 19 -8.17 -3.57 9.21
C TYR A 19 -9.28 -3.73 10.24
N LEU A 20 -8.91 -3.68 11.52
CA LEU A 20 -9.88 -3.83 12.60
C LEU A 20 -10.60 -2.51 12.86
N VAL A 21 -11.90 -2.60 13.18
CA VAL A 21 -12.69 -1.40 13.45
C VAL A 21 -12.04 -0.54 14.53
N GLY A 22 -12.14 0.77 14.35
CA GLY A 22 -11.55 1.69 15.31
C GLY A 22 -10.20 2.22 14.88
N ASP A 23 -9.63 1.59 13.86
CA ASP A 23 -8.33 2.00 13.33
C ASP A 23 -8.45 2.44 11.88
N SER A 24 -9.63 2.27 11.30
CA SER A 24 -9.86 2.64 9.91
C SER A 24 -8.99 1.80 8.97
N LEU A 25 -9.39 1.74 7.70
CA LEU A 25 -8.66 0.98 6.71
C LEU A 25 -7.23 1.52 6.55
N ASP A 26 -6.27 0.61 6.45
CA ASP A 26 -4.88 1.00 6.29
C ASP A 26 -4.04 -0.18 5.79
N LEU A 27 -4.08 -0.41 4.48
CA LEU A 27 -3.33 -1.50 3.88
C LEU A 27 -1.87 -1.46 4.31
N SER A 28 -1.35 -2.61 4.75
CA SER A 28 0.04 -2.71 5.19
C SER A 28 0.76 -3.82 4.45
N GLU A 29 0.04 -4.51 3.58
CA GLU A 29 0.61 -5.60 2.80
C GLU A 29 1.00 -5.13 1.40
N GLY A 30 0.43 -4.01 0.99
CA GLY A 30 0.73 -3.46 -0.33
C GLY A 30 1.97 -2.59 -0.33
N ARG A 31 3.13 -3.22 -0.41
CA ARG A 31 4.40 -2.51 -0.41
C ARG A 31 5.07 -2.60 -1.78
N PHE A 32 5.91 -1.62 -2.09
CA PHE A 32 6.61 -1.60 -3.38
C PHE A 32 8.12 -1.59 -3.16
N ALA A 33 8.85 -2.21 -4.10
CA ALA A 33 10.30 -2.28 -4.01
C ALA A 33 10.95 -1.36 -5.04
N VAL A 34 11.74 -0.39 -4.56
CA VAL A 34 12.42 0.54 -5.44
C VAL A 34 13.92 0.29 -5.46
N ALA A 35 14.52 0.40 -6.64
CA ALA A 35 15.95 0.18 -6.79
C ALA A 35 16.69 1.51 -6.93
N TYR A 36 17.56 1.79 -5.97
CA TYR A 36 18.34 3.02 -5.98
C TYR A 36 19.51 2.92 -6.95
N SER A 37 19.99 4.08 -7.42
CA SER A 37 21.11 4.12 -8.36
C SER A 37 22.40 3.64 -7.69
N ASN A 38 22.37 3.54 -6.36
CA ASN A 38 23.52 3.10 -5.60
C ASN A 38 23.46 1.59 -5.34
N ASP A 39 22.73 0.88 -6.19
CA ASP A 39 22.59 -0.56 -6.04
C ASP A 39 22.00 -0.92 -4.69
N THR A 40 20.73 -0.60 -4.49
CA THR A 40 20.05 -0.88 -3.23
C THR A 40 18.54 -1.01 -3.44
N MET A 41 17.91 -1.84 -2.62
CA MET A 41 16.47 -2.06 -2.72
C MET A 41 15.78 -1.76 -1.39
N GLU A 42 14.64 -1.10 -1.44
CA GLU A 42 13.89 -0.76 -0.24
C GLU A 42 12.42 -1.10 -0.40
N GLU A 43 11.85 -1.75 0.62
CA GLU A 43 10.44 -2.13 0.59
C GLU A 43 9.67 -1.45 1.71
N HIS A 44 8.49 -0.93 1.38
CA HIS A 44 7.65 -0.26 2.36
C HIS A 44 6.18 -0.32 1.95
N SER A 45 5.30 -0.49 2.93
CA SER A 45 3.87 -0.58 2.67
C SER A 45 3.15 0.65 3.21
N PHE A 46 2.44 1.35 2.32
CA PHE A 46 1.71 2.54 2.71
C PHE A 46 2.47 3.35 3.76
N THR A 47 3.57 3.98 3.33
CA THR A 47 4.39 4.78 4.23
C THR A 47 5.40 5.60 3.45
N ASP A 48 5.91 5.04 2.36
CA ASP A 48 6.90 5.73 1.53
C ASP A 48 6.27 6.93 0.85
N GLU A 49 4.95 7.04 0.92
CA GLU A 49 4.23 8.15 0.31
C GLU A 49 4.53 8.23 -1.18
N GLY A 50 4.94 7.11 -1.76
CA GLY A 50 5.25 7.07 -3.17
C GLY A 50 4.07 6.61 -4.02
N VAL A 51 3.15 5.90 -3.39
CA VAL A 51 1.96 5.40 -4.09
C VAL A 51 0.70 6.13 -3.63
N GLU A 52 -0.21 6.37 -4.55
CA GLU A 52 -1.46 7.06 -4.23
C GLU A 52 -2.67 6.21 -4.64
N ILE A 53 -3.64 6.13 -3.74
CA ILE A 53 -4.85 5.35 -4.00
C ILE A 53 -6.07 6.26 -4.09
N SER A 54 -6.95 5.96 -5.05
CA SER A 54 -8.16 6.75 -5.24
C SER A 54 -9.40 5.85 -5.21
N GLY A 55 -10.51 6.40 -4.71
CA GLY A 55 -11.74 5.64 -4.63
C GLY A 55 -11.94 5.01 -3.27
N TYR A 56 -10.96 5.16 -2.41
CA TYR A 56 -11.03 4.59 -1.07
C TYR A 56 -11.79 5.52 -0.13
N ASP A 57 -12.61 4.93 0.75
CA ASP A 57 -13.39 5.70 1.70
C ASP A 57 -12.95 5.43 3.13
N ALA A 58 -12.38 6.44 3.78
CA ALA A 58 -11.91 6.30 5.15
C ALA A 58 -13.05 6.51 6.15
N GLN A 59 -14.10 7.20 5.70
CA GLN A 59 -15.25 7.48 6.55
C GLN A 59 -16.33 6.42 6.36
N LYS A 60 -15.93 5.25 5.84
CA LYS A 60 -16.87 4.16 5.60
C LYS A 60 -16.15 2.95 5.02
N THR A 61 -15.92 1.95 5.87
CA THR A 61 -15.23 0.74 5.44
C THR A 61 -16.23 -0.39 5.20
N GLY A 62 -15.71 -1.58 4.88
CA GLY A 62 -16.57 -2.73 4.63
C GLY A 62 -16.37 -3.31 3.26
N ARG A 63 -16.42 -2.47 2.24
CA ARG A 63 -16.24 -2.92 0.86
C ARG A 63 -16.03 -1.73 -0.07
N GLN A 64 -14.94 -1.00 0.14
CA GLN A 64 -14.62 0.16 -0.67
C GLN A 64 -13.54 -0.18 -1.70
N THR A 65 -13.66 0.40 -2.89
CA THR A 65 -12.69 0.17 -3.95
C THR A 65 -11.45 1.02 -3.77
N LEU A 66 -10.30 0.47 -4.15
CA LEU A 66 -9.03 1.18 -4.04
C LEU A 66 -8.14 0.93 -5.25
N THR A 67 -7.71 2.01 -5.89
CA THR A 67 -6.86 1.91 -7.06
C THR A 67 -5.54 2.65 -6.85
N LEU A 68 -4.47 1.88 -6.66
CA LEU A 68 -3.15 2.46 -6.44
C LEU A 68 -2.39 2.60 -7.76
N HIS A 69 -1.86 3.79 -8.02
CA HIS A 69 -1.11 4.04 -9.25
C HIS A 69 0.29 4.55 -8.93
N TYR A 70 1.30 3.82 -9.40
CA TYR A 70 2.69 4.19 -9.16
C TYR A 70 3.54 3.95 -10.40
N GLN A 71 4.32 4.95 -10.80
CA GLN A 71 5.18 4.84 -11.96
C GLN A 71 4.36 4.65 -13.23
N GLY A 72 4.03 3.39 -13.53
CA GLY A 72 3.25 3.10 -14.71
C GLY A 72 2.35 1.89 -14.52
N HIS A 73 2.20 1.44 -13.28
CA HIS A 73 1.37 0.29 -12.97
C HIS A 73 0.23 0.67 -12.05
N GLU A 74 -0.90 -0.03 -12.18
CA GLU A 74 -2.07 0.23 -11.35
C GLU A 74 -2.66 -1.06 -10.81
N VAL A 75 -3.02 -1.05 -9.53
CA VAL A 75 -3.60 -2.23 -8.88
C VAL A 75 -4.93 -1.89 -8.23
N SER A 76 -5.94 -2.72 -8.50
CA SER A 76 -7.27 -2.50 -7.94
C SER A 76 -7.61 -3.60 -6.92
N PHE A 77 -8.14 -3.18 -5.78
CA PHE A 77 -8.51 -4.12 -4.73
C PHE A 77 -9.67 -3.56 -3.89
N ASP A 78 -10.21 -4.40 -3.01
CA ASP A 78 -11.31 -4.00 -2.15
C ASP A 78 -10.89 -4.02 -0.68
N VAL A 79 -11.52 -3.16 0.12
CA VAL A 79 -11.22 -3.08 1.53
C VAL A 79 -12.43 -3.44 2.38
N LEU A 80 -12.21 -4.21 3.45
CA LEU A 80 -13.28 -4.61 4.34
C LEU A 80 -12.81 -4.64 5.79
N VAL A 81 -13.63 -4.08 6.68
CA VAL A 81 -13.30 -4.04 8.10
C VAL A 81 -13.97 -5.17 8.85
N SER A 82 -13.21 -5.82 9.74
CA SER A 82 -13.73 -6.93 10.53
C SER A 82 -13.81 -6.56 12.01
N PRO A 83 -14.63 -7.31 12.75
CA PRO A 83 -14.81 -7.07 14.19
C PRO A 83 -13.58 -7.43 15.00
N LYS A 84 -12.86 -6.41 15.46
CA LYS A 84 -11.66 -6.61 16.26
C LYS A 84 -10.71 -7.58 15.56
N ALA A 85 -10.66 -7.51 14.23
CA ALA A 85 -9.79 -8.37 13.45
C ALA A 85 -8.87 -7.55 12.55
N ALA A 86 -7.58 -7.91 12.55
CA ALA A 86 -6.59 -7.21 11.74
C ALA A 86 -5.33 -8.05 11.58
N LEU A 87 -4.33 -7.48 10.89
CA LEU A 87 -3.07 -8.17 10.67
C LEU A 87 -2.02 -7.21 10.13
N ASN A 88 -1.14 -6.74 11.02
CA ASN A 88 -0.09 -5.81 10.63
C ASN A 88 1.27 -6.51 10.58
N ASP A 89 2.12 -6.08 9.66
CA ASP A 89 3.44 -6.67 9.51
C ASP A 89 4.53 -5.69 9.95
N GLU A 90 5.79 -6.08 9.77
CA GLU A 90 6.91 -5.23 10.14
C GLU A 90 6.88 -4.93 11.64
N SER A 2 23.24 15.29 -2.26
CA SER A 2 23.29 13.97 -2.87
C SER A 2 21.97 13.23 -2.68
N PRO A 3 20.92 13.72 -3.36
CA PRO A 3 19.59 13.12 -3.30
C PRO A 3 19.52 11.77 -3.98
N LYS A 4 18.82 10.83 -3.35
CA LYS A 4 18.68 9.49 -3.90
C LYS A 4 17.47 9.40 -4.83
N THR A 5 17.73 9.41 -6.13
CA THR A 5 16.66 9.33 -7.13
C THR A 5 16.71 8.01 -7.89
N ILE A 6 15.64 7.23 -7.77
CA ILE A 6 15.58 5.94 -8.45
C ILE A 6 15.30 6.12 -9.94
N LEU A 7 15.54 5.06 -10.71
CA LEU A 7 15.32 5.10 -12.15
C LEU A 7 14.43 3.94 -12.60
N GLY A 8 14.63 2.78 -11.99
CA GLY A 8 13.84 1.61 -12.33
C GLY A 8 12.86 1.24 -11.25
N ILE A 9 11.68 0.78 -11.65
CA ILE A 9 10.64 0.39 -10.71
C ILE A 9 10.11 -1.00 -11.02
N GLU A 10 9.79 -1.75 -9.97
CA GLU A 10 9.26 -3.11 -10.14
C GLU A 10 8.06 -3.35 -9.24
N VAL A 11 6.96 -3.77 -9.83
CA VAL A 11 5.73 -4.03 -9.08
C VAL A 11 5.84 -5.33 -8.29
N SER A 12 5.44 -5.28 -7.02
CA SER A 12 5.50 -6.44 -6.15
C SER A 12 4.42 -6.38 -5.07
N GLN A 13 3.33 -5.68 -5.38
CA GLN A 13 2.23 -5.54 -4.45
C GLN A 13 1.14 -6.56 -4.72
N GLU A 14 0.68 -7.24 -3.67
CA GLU A 14 -0.35 -8.26 -3.80
C GLU A 14 -1.68 -7.75 -3.25
N PRO A 15 -2.79 -8.32 -3.75
CA PRO A 15 -4.14 -7.95 -3.32
C PRO A 15 -4.44 -8.38 -1.88
N LYS A 16 -4.96 -7.45 -1.09
CA LYS A 16 -5.29 -7.73 0.30
C LYS A 16 -6.06 -6.58 0.92
N LYS A 17 -5.34 -5.54 1.33
CA LYS A 17 -5.95 -4.37 1.95
C LYS A 17 -7.00 -4.78 2.99
N ASP A 18 -6.53 -5.44 4.05
CA ASP A 18 -7.42 -5.88 5.11
C ASP A 18 -6.92 -5.40 6.48
N TYR A 19 -7.76 -4.64 7.18
CA TYR A 19 -7.40 -4.10 8.48
C TYR A 19 -8.63 -4.02 9.38
N LEU A 20 -8.40 -4.08 10.69
CA LEU A 20 -9.48 -4.00 11.66
C LEU A 20 -9.81 -2.55 11.99
N VAL A 21 -11.08 -2.30 12.31
CA VAL A 21 -11.53 -0.95 12.64
C VAL A 21 -10.73 -0.37 13.80
N GLY A 22 -10.32 0.89 13.67
CA GLY A 22 -9.55 1.54 14.71
C GLY A 22 -8.13 1.84 14.28
N ASP A 23 -7.82 1.51 13.03
CA ASP A 23 -6.48 1.75 12.49
C ASP A 23 -6.55 2.67 11.28
N SER A 24 -7.76 2.93 10.80
CA SER A 24 -7.96 3.80 9.64
C SER A 24 -7.31 3.19 8.40
N LEU A 25 -7.41 1.88 8.26
CA LEU A 25 -6.85 1.18 7.12
C LEU A 25 -5.32 1.31 7.10
N ASP A 26 -4.66 0.34 6.50
CA ASP A 26 -3.20 0.35 6.41
C ASP A 26 -2.69 -0.89 5.68
N LEU A 27 -2.65 -0.81 4.36
CA LEU A 27 -2.18 -1.93 3.55
C LEU A 27 -0.72 -2.25 3.85
N SER A 28 -0.43 -3.54 4.03
CA SER A 28 0.93 -3.97 4.32
C SER A 28 1.35 -5.10 3.39
N GLU A 29 0.46 -5.47 2.47
CA GLU A 29 0.74 -6.54 1.52
C GLU A 29 1.05 -5.96 0.14
N GLY A 30 0.69 -4.71 -0.07
CA GLY A 30 0.93 -4.06 -1.35
C GLY A 30 2.18 -3.20 -1.32
N ARG A 31 3.35 -3.84 -1.41
CA ARG A 31 4.62 -3.11 -1.40
C ARG A 31 5.30 -3.20 -2.77
N PHE A 32 6.13 -2.21 -3.07
CA PHE A 32 6.84 -2.17 -4.34
C PHE A 32 8.36 -2.11 -4.11
N ALA A 33 9.11 -2.69 -5.03
CA ALA A 33 10.57 -2.69 -4.94
C ALA A 33 11.19 -1.75 -5.97
N VAL A 34 11.92 -0.76 -5.48
CA VAL A 34 12.57 0.21 -6.37
C VAL A 34 14.08 0.02 -6.36
N ALA A 35 14.69 0.15 -7.54
CA ALA A 35 16.14 0.00 -7.66
C ALA A 35 16.81 1.36 -7.82
N TYR A 36 17.92 1.55 -7.11
CA TYR A 36 18.66 2.80 -7.17
C TYR A 36 19.83 2.70 -8.16
N SER A 37 20.12 3.81 -8.82
CA SER A 37 21.21 3.84 -9.79
C SER A 37 22.55 3.50 -9.13
N ASN A 38 22.58 3.62 -7.80
CA ASN A 38 23.80 3.33 -7.04
C ASN A 38 23.79 1.88 -6.55
N ASP A 39 23.05 1.04 -7.24
CA ASP A 39 22.98 -0.38 -6.89
C ASP A 39 22.36 -0.55 -5.50
N THR A 40 21.07 -0.25 -5.38
CA THR A 40 20.37 -0.37 -4.10
C THR A 40 18.92 -0.78 -4.31
N MET A 41 18.28 -1.25 -3.25
CA MET A 41 16.89 -1.67 -3.31
C MET A 41 16.13 -1.26 -2.05
N GLU A 42 14.90 -0.79 -2.24
CA GLU A 42 14.08 -0.36 -1.12
C GLU A 42 12.67 -0.94 -1.22
N GLU A 43 12.17 -1.47 -0.11
CA GLU A 43 10.83 -2.06 -0.08
C GLU A 43 9.93 -1.31 0.91
N HIS A 44 8.71 -1.01 0.47
CA HIS A 44 7.75 -0.30 1.31
C HIS A 44 6.32 -0.64 0.89
N SER A 45 5.44 -0.78 1.88
CA SER A 45 4.04 -1.11 1.63
C SER A 45 3.13 0.02 2.10
N PHE A 46 2.33 0.55 1.17
CA PHE A 46 1.41 1.63 1.49
C PHE A 46 2.06 2.63 2.45
N THR A 47 3.02 3.40 1.94
CA THR A 47 3.71 4.40 2.76
C THR A 47 4.45 5.40 1.89
N ASP A 48 5.13 4.91 0.86
CA ASP A 48 5.87 5.77 -0.05
C ASP A 48 4.98 6.88 -0.59
N GLU A 49 5.59 8.02 -0.91
CA GLU A 49 4.85 9.16 -1.44
C GLU A 49 4.85 9.14 -2.97
N GLY A 50 5.13 7.98 -3.54
CA GLY A 50 5.15 7.86 -4.99
C GLY A 50 3.86 7.29 -5.54
N VAL A 51 3.24 6.39 -4.79
CA VAL A 51 1.98 5.77 -5.21
C VAL A 51 0.78 6.51 -4.63
N GLU A 52 -0.17 6.85 -5.49
CA GLU A 52 -1.37 7.55 -5.05
C GLU A 52 -2.61 6.67 -5.22
N ILE A 53 -3.38 6.53 -4.15
CA ILE A 53 -4.60 5.73 -4.17
C ILE A 53 -5.83 6.60 -4.35
N SER A 54 -6.77 6.12 -5.16
CA SER A 54 -8.00 6.87 -5.42
C SER A 54 -9.19 5.91 -5.53
N GLY A 55 -10.29 6.28 -4.89
CA GLY A 55 -11.48 5.45 -4.93
C GLY A 55 -11.78 4.80 -3.60
N TYR A 56 -10.79 4.80 -2.71
CA TYR A 56 -10.94 4.20 -1.39
C TYR A 56 -11.38 5.24 -0.36
N ASP A 57 -12.28 4.85 0.53
CA ASP A 57 -12.77 5.75 1.56
C ASP A 57 -12.38 5.26 2.95
N ALA A 58 -11.27 5.79 3.47
CA ALA A 58 -10.78 5.40 4.79
C ALA A 58 -11.86 5.59 5.85
N GLN A 59 -12.75 6.56 5.62
CA GLN A 59 -13.83 6.84 6.56
C GLN A 59 -14.85 5.71 6.57
N LYS A 60 -14.91 4.96 5.46
CA LYS A 60 -15.85 3.85 5.35
C LYS A 60 -15.40 2.87 4.26
N THR A 61 -15.11 1.64 4.67
CA THR A 61 -14.66 0.61 3.74
C THR A 61 -15.85 -0.19 3.20
N GLY A 62 -16.27 -1.20 3.95
CA GLY A 62 -17.38 -2.02 3.54
C GLY A 62 -17.29 -2.43 2.09
N ARG A 63 -16.17 -3.05 1.72
CA ARG A 63 -15.95 -3.50 0.35
C ARG A 63 -15.89 -2.30 -0.60
N GLN A 64 -14.76 -1.62 -0.62
CA GLN A 64 -14.57 -0.46 -1.48
C GLN A 64 -13.46 -0.70 -2.49
N THR A 65 -13.61 -0.14 -3.69
CA THR A 65 -12.61 -0.30 -4.74
C THR A 65 -11.41 0.62 -4.51
N LEU A 66 -10.27 0.24 -5.05
CA LEU A 66 -9.05 1.04 -4.91
C LEU A 66 -8.20 0.97 -6.18
N THR A 67 -7.69 2.12 -6.61
CA THR A 67 -6.87 2.19 -7.80
C THR A 67 -5.61 3.02 -7.55
N LEU A 68 -4.47 2.36 -7.52
CA LEU A 68 -3.19 3.03 -7.29
C LEU A 68 -2.46 3.27 -8.60
N HIS A 69 -1.95 4.48 -8.79
CA HIS A 69 -1.23 4.84 -10.00
C HIS A 69 0.18 5.36 -9.66
N TYR A 70 1.19 4.61 -10.07
CA TYR A 70 2.57 4.98 -9.81
C TYR A 70 3.46 4.65 -11.00
N GLN A 71 4.25 5.62 -11.44
CA GLN A 71 5.16 5.44 -12.56
C GLN A 71 4.38 5.03 -13.81
N GLY A 72 3.08 5.30 -13.82
CA GLY A 72 2.24 4.96 -14.95
C GLY A 72 1.49 3.66 -14.74
N HIS A 73 2.03 2.79 -13.90
CA HIS A 73 1.40 1.50 -13.63
C HIS A 73 0.15 1.69 -12.77
N GLU A 74 -0.90 0.95 -13.10
CA GLU A 74 -2.15 1.04 -12.37
C GLU A 74 -2.56 -0.32 -11.80
N VAL A 75 -3.00 -0.33 -10.55
CA VAL A 75 -3.41 -1.56 -9.89
C VAL A 75 -4.78 -1.40 -9.22
N SER A 76 -5.67 -2.36 -9.48
CA SER A 76 -7.01 -2.32 -8.90
C SER A 76 -7.19 -3.43 -7.89
N PHE A 77 -7.82 -3.11 -6.76
CA PHE A 77 -8.06 -4.09 -5.71
C PHE A 77 -9.24 -3.66 -4.83
N ASP A 78 -9.67 -4.56 -3.95
CA ASP A 78 -10.78 -4.28 -3.05
C ASP A 78 -10.33 -4.28 -1.60
N VAL A 79 -10.99 -3.48 -0.78
CA VAL A 79 -10.64 -3.38 0.64
C VAL A 79 -11.83 -3.78 1.52
N LEU A 80 -11.55 -4.53 2.58
CA LEU A 80 -12.58 -4.98 3.50
C LEU A 80 -12.11 -4.89 4.95
N VAL A 81 -12.89 -4.20 5.78
CA VAL A 81 -12.55 -4.04 7.19
C VAL A 81 -13.30 -5.04 8.05
N SER A 82 -12.59 -5.65 9.01
CA SER A 82 -13.19 -6.63 9.89
C SER A 82 -13.56 -5.99 11.24
N PRO A 83 -14.46 -6.66 11.97
CA PRO A 83 -14.92 -6.18 13.28
C PRO A 83 -13.83 -6.28 14.34
N LYS A 84 -13.64 -5.19 15.09
CA LYS A 84 -12.63 -5.15 16.14
C LYS A 84 -12.80 -6.34 17.09
N ALA A 85 -11.70 -6.71 17.75
CA ALA A 85 -11.73 -7.83 18.68
C ALA A 85 -10.65 -7.67 19.76
N ALA A 86 -10.67 -8.55 20.75
CA ALA A 86 -9.70 -8.50 21.84
C ALA A 86 -8.37 -9.09 21.40
N LEU A 87 -7.28 -8.52 21.90
CA LEU A 87 -5.94 -8.98 21.56
C LEU A 87 -5.18 -9.41 22.81
N ASN A 88 -3.98 -9.96 22.61
CA ASN A 88 -3.15 -10.41 23.72
C ASN A 88 -1.68 -10.37 23.34
N ASP A 89 -0.83 -10.07 24.32
CA ASP A 89 0.61 -10.01 24.09
C ASP A 89 1.30 -11.27 24.60
N GLU A 90 2.62 -11.29 24.53
CA GLU A 90 3.40 -12.44 24.98
C GLU A 90 3.11 -12.74 26.45
N SER A 2 26.07 13.53 -5.51
CA SER A 2 25.23 13.44 -6.70
C SER A 2 23.78 13.18 -6.32
N PRO A 3 22.85 13.47 -7.25
CA PRO A 3 21.42 13.27 -7.03
C PRO A 3 21.04 11.80 -7.00
N LYS A 4 20.13 11.45 -6.10
CA LYS A 4 19.68 10.07 -5.95
C LYS A 4 18.20 9.94 -6.32
N THR A 5 17.93 9.42 -7.50
CA THR A 5 16.55 9.24 -7.96
C THR A 5 16.27 7.78 -8.30
N ILE A 6 15.00 7.45 -8.46
CA ILE A 6 14.60 6.09 -8.79
C ILE A 6 14.96 5.74 -10.24
N LEU A 7 14.71 4.49 -10.62
CA LEU A 7 15.00 4.03 -11.97
C LEU A 7 14.27 2.74 -12.27
N GLY A 8 14.25 1.82 -11.31
CA GLY A 8 13.58 0.55 -11.50
C GLY A 8 12.30 0.45 -10.69
N ILE A 9 11.43 -0.48 -11.08
CA ILE A 9 10.17 -0.67 -10.38
C ILE A 9 9.86 -2.16 -10.20
N GLU A 10 9.54 -2.55 -8.97
CA GLU A 10 9.22 -3.94 -8.68
C GLU A 10 8.02 -4.05 -7.74
N VAL A 11 7.01 -4.80 -8.15
CA VAL A 11 5.81 -4.98 -7.34
C VAL A 11 6.04 -5.97 -6.21
N SER A 12 5.67 -5.58 -5.01
CA SER A 12 5.85 -6.44 -3.83
C SER A 12 4.70 -6.23 -2.85
N GLN A 13 3.55 -5.81 -3.34
CA GLN A 13 2.38 -5.58 -2.51
C GLN A 13 1.46 -6.80 -2.51
N GLU A 14 1.05 -7.22 -1.31
CA GLU A 14 0.17 -8.38 -1.18
C GLU A 14 -1.24 -7.94 -0.80
N PRO A 15 -2.24 -8.76 -1.18
CA PRO A 15 -3.65 -8.48 -0.90
C PRO A 15 -3.98 -8.61 0.59
N LYS A 16 -4.65 -7.60 1.13
CA LYS A 16 -5.03 -7.60 2.54
C LYS A 16 -5.99 -6.45 2.84
N LYS A 17 -5.43 -5.26 3.05
CA LYS A 17 -6.24 -4.08 3.34
C LYS A 17 -7.31 -4.40 4.38
N ASP A 18 -6.96 -5.25 5.34
CA ASP A 18 -7.90 -5.64 6.39
C ASP A 18 -7.49 -5.01 7.72
N TYR A 19 -8.42 -4.27 8.33
CA TYR A 19 -8.16 -3.62 9.60
C TYR A 19 -9.39 -3.66 10.49
N LEU A 20 -9.18 -3.58 11.81
CA LEU A 20 -10.27 -3.61 12.77
C LEU A 20 -10.43 -2.26 13.46
N VAL A 21 -11.61 -2.02 14.01
CA VAL A 21 -11.89 -0.76 14.70
C VAL A 21 -10.77 -0.42 15.70
N GLY A 22 -10.44 0.86 15.79
CA GLY A 22 -9.40 1.29 16.70
C GLY A 22 -8.13 1.71 15.97
N ASP A 23 -7.95 1.19 14.76
CA ASP A 23 -6.76 1.51 13.97
C ASP A 23 -7.17 2.21 12.67
N SER A 24 -8.37 1.91 12.19
CA SER A 24 -8.87 2.51 10.96
C SER A 24 -8.02 2.07 9.77
N LEU A 25 -8.40 2.53 8.58
CA LEU A 25 -7.67 2.19 7.36
C LEU A 25 -6.17 2.48 7.52
N ASP A 26 -5.35 1.48 7.20
CA ASP A 26 -3.91 1.62 7.31
C ASP A 26 -3.21 0.36 6.82
N LEU A 27 -3.53 -0.05 5.60
CA LEU A 27 -2.93 -1.25 5.01
C LEU A 27 -1.41 -1.22 5.16
N SER A 28 -0.84 -2.37 5.52
CA SER A 28 0.61 -2.48 5.69
C SER A 28 1.17 -3.64 4.88
N GLU A 29 0.29 -4.34 4.18
CA GLU A 29 0.70 -5.49 3.36
C GLU A 29 0.95 -5.05 1.92
N GLY A 30 0.45 -3.87 1.56
CA GLY A 30 0.63 -3.36 0.21
C GLY A 30 1.84 -2.46 0.09
N ARG A 31 3.01 -3.06 0.03
CA ARG A 31 4.26 -2.31 -0.08
C ARG A 31 4.90 -2.51 -1.45
N PHE A 32 5.68 -1.53 -1.88
CA PHE A 32 6.33 -1.59 -3.18
C PHE A 32 7.84 -1.35 -3.03
N ALA A 33 8.62 -1.98 -3.91
CA ALA A 33 10.07 -1.83 -3.88
C ALA A 33 10.56 -1.00 -5.05
N VAL A 34 11.29 0.07 -4.74
CA VAL A 34 11.82 0.95 -5.78
C VAL A 34 13.34 0.86 -5.86
N ALA A 35 13.86 0.87 -7.08
CA ALA A 35 15.30 0.78 -7.29
C ALA A 35 15.89 2.15 -7.64
N TYR A 36 16.90 2.57 -6.88
CA TYR A 36 17.54 3.85 -7.11
C TYR A 36 18.65 3.73 -8.16
N SER A 37 18.88 4.81 -8.89
CA SER A 37 19.91 4.83 -9.93
C SER A 37 21.29 4.65 -9.31
N ASN A 38 21.38 4.84 -8.01
CA ASN A 38 22.65 4.69 -7.30
C ASN A 38 22.79 3.30 -6.71
N ASP A 39 22.08 2.34 -7.29
CA ASP A 39 22.12 0.96 -6.83
C ASP A 39 21.61 0.85 -5.39
N THR A 40 20.31 1.07 -5.23
CA THR A 40 19.69 1.00 -3.91
C THR A 40 18.24 0.53 -4.00
N MET A 41 17.72 0.01 -2.90
CA MET A 41 16.35 -0.48 -2.86
C MET A 41 15.66 -0.04 -1.57
N GLU A 42 14.40 0.39 -1.71
CA GLU A 42 13.63 0.85 -0.55
C GLU A 42 12.23 0.23 -0.56
N GLU A 43 11.80 -0.26 0.60
CA GLU A 43 10.49 -0.88 0.72
C GLU A 43 9.63 -0.12 1.71
N HIS A 44 8.37 0.11 1.34
CA HIS A 44 7.44 0.83 2.21
C HIS A 44 5.99 0.42 1.90
N SER A 45 5.18 0.31 2.95
CA SER A 45 3.78 -0.07 2.80
C SER A 45 2.86 1.08 3.19
N PHE A 46 2.01 1.50 2.25
CA PHE A 46 1.07 2.59 2.51
C PHE A 46 1.74 3.71 3.29
N THR A 47 2.67 4.41 2.64
CA THR A 47 3.38 5.50 3.28
C THR A 47 4.18 6.31 2.26
N ASP A 48 4.86 5.61 1.36
CA ASP A 48 5.66 6.26 0.33
C ASP A 48 4.79 7.11 -0.57
N GLU A 49 5.33 8.25 -1.02
CA GLU A 49 4.60 9.17 -1.88
C GLU A 49 4.91 8.88 -3.35
N GLY A 50 5.37 7.66 -3.63
CA GLY A 50 5.70 7.30 -5.00
C GLY A 50 4.49 6.81 -5.77
N VAL A 51 3.59 6.13 -5.08
CA VAL A 51 2.38 5.60 -5.71
C VAL A 51 1.14 6.37 -5.25
N GLU A 52 0.24 6.64 -6.19
CA GLU A 52 -0.99 7.35 -5.89
C GLU A 52 -2.19 6.42 -5.89
N ILE A 53 -3.08 6.60 -4.93
CA ILE A 53 -4.28 5.77 -4.83
C ILE A 53 -5.53 6.56 -5.17
N SER A 54 -6.45 5.93 -5.89
CA SER A 54 -7.69 6.58 -6.29
C SER A 54 -8.89 5.67 -6.04
N GLY A 55 -9.95 6.23 -5.48
CA GLY A 55 -11.15 5.46 -5.20
C GLY A 55 -11.21 4.99 -3.77
N TYR A 56 -10.15 5.28 -3.00
CA TYR A 56 -10.09 4.89 -1.59
C TYR A 56 -10.74 5.94 -0.71
N ASP A 57 -11.46 5.49 0.30
CA ASP A 57 -12.13 6.39 1.23
C ASP A 57 -11.55 6.26 2.64
N ALA A 58 -10.58 7.10 2.95
CA ALA A 58 -9.94 7.07 4.26
C ALA A 58 -10.98 7.11 5.38
N GLN A 59 -11.92 8.04 5.27
CA GLN A 59 -12.97 8.19 6.27
C GLN A 59 -14.21 7.37 5.89
N LYS A 60 -13.98 6.15 5.43
CA LYS A 60 -15.07 5.26 5.03
C LYS A 60 -14.54 3.92 4.55
N THR A 61 -14.66 2.91 5.40
CA THR A 61 -14.18 1.57 5.06
C THR A 61 -15.35 0.58 4.99
N GLY A 62 -15.03 -0.67 4.67
CA GLY A 62 -16.05 -1.69 4.57
C GLY A 62 -16.05 -2.40 3.23
N ARG A 63 -15.88 -1.63 2.16
CA ARG A 63 -15.86 -2.19 0.81
C ARG A 63 -15.58 -1.11 -0.23
N GLN A 64 -14.41 -0.48 -0.11
CA GLN A 64 -14.02 0.58 -1.04
C GLN A 64 -12.89 0.11 -1.94
N THR A 65 -12.93 0.55 -3.20
CA THR A 65 -11.91 0.18 -4.17
C THR A 65 -10.64 1.01 -3.98
N LEU A 66 -9.51 0.48 -4.43
CA LEU A 66 -8.23 1.17 -4.32
C LEU A 66 -7.33 0.84 -5.51
N THR A 67 -7.06 1.85 -6.33
CA THR A 67 -6.23 1.68 -7.50
C THR A 67 -4.90 2.43 -7.34
N LEU A 68 -3.81 1.68 -7.25
CA LEU A 68 -2.48 2.26 -7.10
C LEU A 68 -1.75 2.32 -8.43
N HIS A 69 -1.18 3.49 -8.74
CA HIS A 69 -0.44 3.67 -9.99
C HIS A 69 0.98 4.11 -9.71
N TYR A 70 1.94 3.42 -10.33
CA TYR A 70 3.35 3.74 -10.15
C TYR A 70 4.11 3.62 -11.46
N GLN A 71 4.64 4.74 -11.94
CA GLN A 71 5.39 4.75 -13.20
C GLN A 71 4.49 4.41 -14.38
N GLY A 72 4.24 3.12 -14.58
CA GLY A 72 3.40 2.68 -15.67
C GLY A 72 2.60 1.45 -15.34
N HIS A 73 2.57 1.09 -14.05
CA HIS A 73 1.84 -0.08 -13.59
C HIS A 73 0.63 0.33 -12.76
N GLU A 74 -0.40 -0.51 -12.77
CA GLU A 74 -1.61 -0.23 -12.00
C GLU A 74 -2.13 -1.50 -11.33
N VAL A 75 -2.52 -1.37 -10.06
CA VAL A 75 -3.04 -2.50 -9.30
C VAL A 75 -4.38 -2.17 -8.65
N SER A 76 -5.29 -3.13 -8.66
CA SER A 76 -6.62 -2.94 -8.08
C SER A 76 -6.77 -3.78 -6.82
N PHE A 77 -7.31 -3.16 -5.77
CA PHE A 77 -7.51 -3.85 -4.49
C PHE A 77 -8.79 -3.36 -3.81
N ASP A 78 -9.16 -4.04 -2.74
CA ASP A 78 -10.36 -3.66 -1.98
C ASP A 78 -10.06 -3.56 -0.50
N VAL A 79 -10.78 -2.67 0.19
CA VAL A 79 -10.59 -2.48 1.62
C VAL A 79 -11.87 -2.78 2.39
N LEU A 80 -11.72 -3.46 3.52
CA LEU A 80 -12.85 -3.82 4.36
C LEU A 80 -12.50 -3.72 5.83
N VAL A 81 -13.39 -3.12 6.61
CA VAL A 81 -13.18 -2.97 8.05
C VAL A 81 -14.25 -3.70 8.85
N SER A 82 -13.82 -4.40 9.90
CA SER A 82 -14.75 -5.14 10.74
C SER A 82 -14.44 -4.92 12.22
N PRO A 83 -15.42 -5.20 13.08
CA PRO A 83 -15.29 -5.04 14.53
C PRO A 83 -14.33 -6.05 15.14
N LYS A 84 -13.11 -5.61 15.42
CA LYS A 84 -12.09 -6.47 16.01
C LYS A 84 -12.24 -7.91 15.50
N ALA A 85 -12.26 -8.06 14.18
CA ALA A 85 -12.38 -9.38 13.58
C ALA A 85 -11.02 -9.94 13.16
N ALA A 86 -10.11 -10.03 14.13
CA ALA A 86 -8.77 -10.54 13.87
C ALA A 86 -8.22 -11.29 15.08
N LEU A 87 -6.96 -11.70 15.00
CA LEU A 87 -6.33 -12.42 16.09
C LEU A 87 -4.99 -11.78 16.46
N ASN A 88 -4.37 -12.29 17.52
CA ASN A 88 -3.09 -11.77 17.98
C ASN A 88 -2.31 -12.82 18.75
N ASP A 89 -0.99 -12.77 18.66
CA ASP A 89 -0.14 -13.73 19.36
C ASP A 89 1.17 -13.08 19.78
N GLU A 90 1.95 -13.78 20.60
CA GLU A 90 3.23 -13.27 21.07
C GLU A 90 4.31 -13.45 20.02
N SER A 2 24.37 14.47 -2.69
CA SER A 2 24.37 13.10 -3.18
C SER A 2 22.98 12.47 -3.01
N PRO A 3 22.02 12.95 -3.81
CA PRO A 3 20.64 12.46 -3.77
C PRO A 3 20.52 11.03 -4.31
N LYS A 4 19.50 10.31 -3.86
CA LYS A 4 19.27 8.94 -4.31
C LYS A 4 18.07 8.87 -5.23
N THR A 5 18.34 8.76 -6.54
CA THR A 5 17.28 8.68 -7.54
C THR A 5 17.26 7.31 -8.21
N ILE A 6 16.16 6.59 -8.05
CA ILE A 6 16.01 5.27 -8.64
C ILE A 6 15.74 5.37 -10.14
N LEU A 7 15.96 4.27 -10.85
CA LEU A 7 15.74 4.23 -12.29
C LEU A 7 14.74 3.13 -12.65
N GLY A 8 14.78 2.03 -11.91
CA GLY A 8 13.88 0.92 -12.17
C GLY A 8 12.95 0.64 -11.01
N ILE A 9 11.71 0.30 -11.32
CA ILE A 9 10.72 0.02 -10.29
C ILE A 9 10.03 -1.32 -10.54
N GLU A 10 9.83 -2.09 -9.47
CA GLU A 10 9.19 -3.39 -9.57
C GLU A 10 8.02 -3.50 -8.61
N VAL A 11 6.84 -3.85 -9.13
CA VAL A 11 5.65 -3.98 -8.31
C VAL A 11 5.68 -5.28 -7.52
N SER A 12 5.63 -5.15 -6.19
CA SER A 12 5.65 -6.32 -5.31
C SER A 12 4.57 -6.20 -4.23
N GLN A 13 3.57 -5.37 -4.48
CA GLN A 13 2.49 -5.17 -3.54
C GLN A 13 1.36 -6.16 -3.79
N GLU A 14 0.89 -6.81 -2.73
CA GLU A 14 -0.19 -7.78 -2.83
C GLU A 14 -1.50 -7.21 -2.28
N PRO A 15 -2.62 -7.73 -2.78
CA PRO A 15 -3.95 -7.28 -2.34
C PRO A 15 -4.28 -7.72 -0.92
N LYS A 16 -4.75 -6.78 -0.11
CA LYS A 16 -5.09 -7.08 1.27
C LYS A 16 -5.86 -5.91 1.89
N LYS A 17 -5.12 -4.91 2.36
CA LYS A 17 -5.73 -3.73 2.98
C LYS A 17 -6.84 -4.14 3.94
N ASP A 18 -6.47 -4.83 5.01
CA ASP A 18 -7.45 -5.27 6.00
C ASP A 18 -7.03 -4.82 7.41
N TYR A 19 -7.90 -4.05 8.04
CA TYR A 19 -7.63 -3.55 9.38
C TYR A 19 -8.92 -3.42 10.19
N LEU A 20 -8.79 -3.49 11.51
CA LEU A 20 -9.95 -3.38 12.39
C LEU A 20 -10.34 -1.92 12.60
N VAL A 21 -11.63 -1.68 12.83
CA VAL A 21 -12.13 -0.33 13.05
C VAL A 21 -11.35 0.37 14.15
N GLY A 22 -11.10 1.67 13.96
CA GLY A 22 -10.36 2.43 14.95
C GLY A 22 -9.01 2.89 14.44
N ASP A 23 -8.53 2.25 13.37
CA ASP A 23 -7.25 2.61 12.78
C ASP A 23 -7.43 3.45 11.53
N SER A 24 -8.17 2.91 10.56
CA SER A 24 -8.42 3.61 9.32
C SER A 24 -7.12 3.81 8.53
N LEU A 25 -7.01 3.14 7.40
CA LEU A 25 -5.82 3.24 6.56
C LEU A 25 -4.59 2.72 7.29
N ASP A 26 -4.18 1.51 6.95
CA ASP A 26 -3.01 0.88 7.56
C ASP A 26 -2.69 -0.46 6.89
N LEU A 27 -2.21 -0.38 5.66
CA LEU A 27 -1.85 -1.58 4.90
C LEU A 27 -0.37 -1.87 5.02
N SER A 28 -0.03 -3.15 5.15
CA SER A 28 1.36 -3.56 5.27
C SER A 28 1.69 -4.66 4.26
N GLU A 29 0.70 -5.05 3.47
CA GLU A 29 0.87 -6.10 2.47
C GLU A 29 1.09 -5.50 1.09
N GLY A 30 0.84 -4.19 0.97
CA GLY A 30 1.01 -3.51 -0.30
C GLY A 30 2.28 -2.68 -0.34
N ARG A 31 3.40 -3.32 -0.66
CA ARG A 31 4.68 -2.63 -0.75
C ARG A 31 5.35 -2.88 -2.09
N PHE A 32 6.19 -1.94 -2.51
CA PHE A 32 6.90 -2.06 -3.77
C PHE A 32 8.41 -2.04 -3.56
N ALA A 33 9.14 -2.73 -4.43
CA ALA A 33 10.59 -2.79 -4.34
C ALA A 33 11.24 -1.99 -5.46
N VAL A 34 12.02 -0.97 -5.08
CA VAL A 34 12.70 -0.13 -6.06
C VAL A 34 14.19 -0.39 -6.06
N ALA A 35 14.79 -0.40 -7.25
CA ALA A 35 16.22 -0.64 -7.38
C ALA A 35 16.97 0.67 -7.63
N TYR A 36 18.10 0.84 -6.95
CA TYR A 36 18.90 2.04 -7.10
C TYR A 36 20.06 1.81 -8.07
N SER A 37 20.43 2.85 -8.81
CA SER A 37 21.52 2.75 -9.77
C SER A 37 22.83 2.40 -9.07
N ASN A 38 22.87 2.61 -7.77
CA ASN A 38 24.07 2.30 -6.99
C ASN A 38 24.00 0.90 -6.40
N ASP A 39 23.23 0.03 -7.05
CA ASP A 39 23.08 -1.35 -6.60
C ASP A 39 22.47 -1.40 -5.20
N THR A 40 21.19 -1.04 -5.11
CA THR A 40 20.49 -1.04 -3.83
C THR A 40 19.01 -1.34 -4.02
N MET A 41 18.36 -1.79 -2.95
CA MET A 41 16.93 -2.11 -3.00
C MET A 41 16.23 -1.67 -1.72
N GLU A 42 15.06 -1.06 -1.87
CA GLU A 42 14.29 -0.58 -0.74
C GLU A 42 12.83 -1.00 -0.85
N GLU A 43 12.27 -1.52 0.24
CA GLU A 43 10.89 -1.95 0.26
C GLU A 43 10.07 -1.15 1.27
N HIS A 44 8.88 -0.73 0.87
CA HIS A 44 8.01 0.05 1.74
C HIS A 44 6.54 -0.15 1.34
N SER A 45 5.67 -0.23 2.35
CA SER A 45 4.24 -0.41 2.10
C SER A 45 3.48 0.88 2.38
N PHE A 46 2.75 1.35 1.36
CA PHE A 46 1.98 2.58 1.49
C PHE A 46 2.79 3.67 2.19
N THR A 47 4.07 3.72 1.89
CA THR A 47 4.96 4.71 2.48
C THR A 47 5.29 5.82 1.49
N ASP A 48 5.96 5.44 0.41
CA ASP A 48 6.34 6.40 -0.62
C ASP A 48 5.14 7.23 -1.07
N GLU A 49 5.38 8.51 -1.36
CA GLU A 49 4.32 9.40 -1.79
C GLU A 49 4.27 9.49 -3.31
N GLY A 50 4.59 8.38 -3.97
CA GLY A 50 4.57 8.35 -5.43
C GLY A 50 3.27 7.78 -5.97
N VAL A 51 2.70 6.82 -5.25
CA VAL A 51 1.45 6.20 -5.67
C VAL A 51 0.25 6.86 -4.99
N GLU A 52 -0.85 6.98 -5.74
CA GLU A 52 -2.07 7.60 -5.21
C GLU A 52 -3.26 6.69 -5.42
N ILE A 53 -3.93 6.33 -4.34
CA ILE A 53 -5.11 5.47 -4.41
C ILE A 53 -6.40 6.28 -4.28
N SER A 54 -7.40 5.91 -5.07
CA SER A 54 -8.68 6.60 -5.06
C SER A 54 -9.83 5.61 -5.10
N GLY A 55 -11.00 6.04 -4.64
CA GLY A 55 -12.17 5.17 -4.63
C GLY A 55 -12.49 4.64 -3.25
N TYR A 56 -11.50 4.64 -2.38
CA TYR A 56 -11.68 4.14 -1.02
C TYR A 56 -12.20 5.24 -0.11
N ASP A 57 -13.10 4.88 0.80
CA ASP A 57 -13.67 5.84 1.74
C ASP A 57 -12.92 5.82 3.07
N ALA A 58 -12.49 6.98 3.52
CA ALA A 58 -11.76 7.10 4.77
C ALA A 58 -12.47 6.34 5.89
N GLN A 59 -13.55 6.92 6.40
CA GLN A 59 -14.32 6.29 7.46
C GLN A 59 -15.44 5.42 6.91
N LYS A 60 -15.06 4.47 6.05
CA LYS A 60 -16.03 3.57 5.44
C LYS A 60 -15.34 2.60 4.48
N THR A 61 -15.51 1.31 4.74
CA THR A 61 -14.91 0.27 3.90
C THR A 61 -15.98 -0.65 3.32
N GLY A 62 -16.39 -1.63 4.10
CA GLY A 62 -17.40 -2.56 3.64
C GLY A 62 -17.16 -3.03 2.23
N ARG A 63 -15.97 -3.56 1.97
CA ARG A 63 -15.61 -4.04 0.64
C ARG A 63 -15.59 -2.89 -0.37
N GLN A 64 -14.61 -2.00 -0.23
CA GLN A 64 -14.49 -0.86 -1.13
C GLN A 64 -13.36 -1.09 -2.14
N THR A 65 -13.56 -0.57 -3.35
CA THR A 65 -12.57 -0.71 -4.41
C THR A 65 -11.49 0.36 -4.31
N LEU A 66 -10.27 -0.01 -4.69
CA LEU A 66 -9.15 0.92 -4.63
C LEU A 66 -8.29 0.81 -5.90
N THR A 67 -7.88 1.95 -6.43
CA THR A 67 -7.06 1.98 -7.63
C THR A 67 -5.88 2.93 -7.46
N LEU A 68 -4.66 2.38 -7.53
CA LEU A 68 -3.45 3.18 -7.38
C LEU A 68 -2.81 3.45 -8.74
N HIS A 69 -2.43 4.70 -8.97
CA HIS A 69 -1.81 5.09 -10.23
C HIS A 69 -0.44 5.73 -9.98
N TYR A 70 0.60 5.16 -10.58
CA TYR A 70 1.95 5.66 -10.43
C TYR A 70 2.71 5.60 -11.75
N GLN A 71 3.09 6.77 -12.26
CA GLN A 71 3.82 6.84 -13.52
C GLN A 71 2.98 6.30 -14.68
N GLY A 72 3.06 4.99 -14.89
CA GLY A 72 2.31 4.38 -15.96
C GLY A 72 1.71 3.04 -15.56
N HIS A 73 1.86 2.68 -14.29
CA HIS A 73 1.34 1.42 -13.78
C HIS A 73 0.13 1.66 -12.89
N GLU A 74 -0.89 0.82 -13.06
CA GLU A 74 -2.12 0.93 -12.28
C GLU A 74 -2.48 -0.40 -11.64
N VAL A 75 -2.86 -0.36 -10.36
CA VAL A 75 -3.24 -1.57 -9.64
C VAL A 75 -4.62 -1.43 -9.02
N SER A 76 -5.31 -2.55 -8.86
CA SER A 76 -6.65 -2.55 -8.29
C SER A 76 -6.77 -3.60 -7.18
N PHE A 77 -7.37 -3.22 -6.07
CA PHE A 77 -7.55 -4.14 -4.94
C PHE A 77 -8.80 -3.78 -4.15
N ASP A 78 -9.16 -4.64 -3.20
CA ASP A 78 -10.34 -4.42 -2.37
C ASP A 78 -9.96 -4.28 -0.90
N VAL A 79 -10.74 -3.51 -0.16
CA VAL A 79 -10.48 -3.29 1.25
C VAL A 79 -11.64 -3.79 2.11
N LEU A 80 -11.32 -4.44 3.22
CA LEU A 80 -12.34 -4.96 4.12
C LEU A 80 -11.95 -4.72 5.58
N VAL A 81 -12.88 -4.17 6.35
CA VAL A 81 -12.64 -3.90 7.76
C VAL A 81 -13.30 -4.95 8.65
N SER A 82 -12.56 -5.40 9.66
CA SER A 82 -13.07 -6.41 10.59
C SER A 82 -13.43 -5.78 11.93
N PRO A 83 -14.29 -6.48 12.69
CA PRO A 83 -14.73 -6.01 14.02
C PRO A 83 -13.61 -6.06 15.05
N LYS A 84 -13.05 -4.90 15.36
CA LYS A 84 -11.98 -4.80 16.34
C LYS A 84 -10.85 -5.78 16.01
N ALA A 85 -9.92 -5.93 16.94
CA ALA A 85 -8.80 -6.84 16.76
C ALA A 85 -9.10 -8.21 17.36
N ALA A 86 -8.43 -9.24 16.84
CA ALA A 86 -8.62 -10.60 17.33
C ALA A 86 -7.35 -11.43 17.17
N LEU A 87 -7.37 -12.64 17.73
CA LEU A 87 -6.21 -13.52 17.65
C LEU A 87 -5.06 -12.99 18.50
N ASN A 88 -4.40 -11.95 18.00
CA ASN A 88 -3.28 -11.34 18.71
C ASN A 88 -3.55 -9.88 19.02
N ASP A 89 -3.06 -9.41 20.17
CA ASP A 89 -3.24 -8.02 20.57
C ASP A 89 -2.00 -7.48 21.25
N GLU A 90 -1.93 -6.16 21.39
CA GLU A 90 -0.78 -5.51 22.01
C GLU A 90 -1.13 -5.03 23.42
N SER A 2 24.69 13.18 -0.80
CA SER A 2 24.58 11.85 -1.37
C SER A 2 23.12 11.47 -1.61
N PRO A 3 22.49 12.15 -2.59
CA PRO A 3 21.09 11.90 -2.93
C PRO A 3 20.89 10.55 -3.61
N LYS A 4 19.80 9.87 -3.26
CA LYS A 4 19.49 8.57 -3.83
C LYS A 4 18.25 8.64 -4.72
N THR A 5 18.47 8.65 -6.03
CA THR A 5 17.38 8.73 -6.98
C THR A 5 17.27 7.44 -7.80
N ILE A 6 16.14 6.75 -7.68
CA ILE A 6 15.92 5.50 -8.40
C ILE A 6 15.79 5.76 -9.90
N LEU A 7 15.86 4.69 -10.69
CA LEU A 7 15.75 4.79 -12.13
C LEU A 7 14.63 3.91 -12.67
N GLY A 8 14.46 2.75 -12.04
CA GLY A 8 13.42 1.83 -12.46
C GLY A 8 12.56 1.36 -11.31
N ILE A 9 11.26 1.18 -11.56
CA ILE A 9 10.33 0.73 -10.54
C ILE A 9 9.56 -0.51 -10.99
N GLU A 10 9.22 -1.36 -10.03
CA GLU A 10 8.49 -2.59 -10.34
C GLU A 10 7.41 -2.84 -9.29
N VAL A 11 6.17 -3.01 -9.76
CA VAL A 11 5.05 -3.27 -8.86
C VAL A 11 5.14 -4.66 -8.25
N SER A 12 5.18 -4.71 -6.92
CA SER A 12 5.27 -5.98 -6.20
C SER A 12 4.26 -6.04 -5.06
N GLN A 13 3.09 -5.44 -5.28
CA GLN A 13 2.04 -5.41 -4.27
C GLN A 13 1.25 -6.72 -4.28
N GLU A 14 1.02 -7.27 -3.09
CA GLU A 14 0.27 -8.51 -2.96
C GLU A 14 -1.17 -8.25 -2.55
N PRO A 15 -2.06 -9.21 -2.86
CA PRO A 15 -3.49 -9.10 -2.53
C PRO A 15 -3.74 -9.21 -1.03
N LYS A 16 -4.50 -8.26 -0.50
CA LYS A 16 -4.83 -8.25 0.93
C LYS A 16 -5.74 -7.08 1.27
N LYS A 17 -5.14 -5.92 1.46
CA LYS A 17 -5.91 -4.72 1.80
C LYS A 17 -7.00 -5.04 2.80
N ASP A 18 -6.61 -5.58 3.96
CA ASP A 18 -7.57 -5.92 4.99
C ASP A 18 -7.16 -5.28 6.33
N TYR A 19 -8.10 -4.56 6.94
CA TYR A 19 -7.83 -3.90 8.21
C TYR A 19 -9.03 -4.03 9.15
N LEU A 20 -8.76 -3.96 10.44
CA LEU A 20 -9.82 -4.08 11.44
C LEU A 20 -10.02 -2.75 12.18
N VAL A 21 -11.19 -2.59 12.79
CA VAL A 21 -11.50 -1.38 13.53
C VAL A 21 -10.45 -1.10 14.60
N GLY A 22 -10.10 0.18 14.77
CA GLY A 22 -9.11 0.56 15.75
C GLY A 22 -7.72 0.68 15.16
N ASP A 23 -7.65 0.75 13.83
CA ASP A 23 -6.37 0.86 13.14
C ASP A 23 -6.49 1.79 11.93
N SER A 24 -7.52 1.56 11.12
CA SER A 24 -7.75 2.37 9.93
C SER A 24 -6.62 2.19 8.93
N LEU A 25 -6.91 1.50 7.84
CA LEU A 25 -5.91 1.24 6.80
C LEU A 25 -4.76 0.41 7.34
N ASP A 26 -4.72 -0.86 6.97
CA ASP A 26 -3.67 -1.77 7.42
C ASP A 26 -2.98 -2.42 6.23
N LEU A 27 -3.06 -1.78 5.08
CA LEU A 27 -2.44 -2.31 3.86
C LEU A 27 -0.94 -2.49 4.05
N SER A 28 -0.51 -3.74 4.16
CA SER A 28 0.90 -4.04 4.35
C SER A 28 1.45 -4.83 3.16
N GLU A 29 0.55 -5.47 2.41
CA GLU A 29 0.94 -6.25 1.26
C GLU A 29 1.11 -5.35 0.03
N GLY A 30 0.52 -4.17 0.08
CA GLY A 30 0.63 -3.24 -1.03
C GLY A 30 1.94 -2.50 -1.05
N ARG A 31 3.03 -3.24 -1.21
CA ARG A 31 4.37 -2.65 -1.24
C ARG A 31 4.97 -2.75 -2.65
N PHE A 32 5.88 -1.83 -2.95
CA PHE A 32 6.54 -1.82 -4.26
C PHE A 32 8.05 -1.93 -4.11
N ALA A 33 8.69 -2.55 -5.09
CA ALA A 33 10.14 -2.73 -5.07
C ALA A 33 10.82 -1.83 -6.10
N VAL A 34 11.68 -0.94 -5.62
CA VAL A 34 12.39 -0.02 -6.50
C VAL A 34 13.88 -0.34 -6.54
N ALA A 35 14.48 -0.24 -7.72
CA ALA A 35 15.89 -0.52 -7.89
C ALA A 35 16.69 0.77 -8.02
N TYR A 36 17.83 0.83 -7.32
CA TYR A 36 18.68 2.01 -7.35
C TYR A 36 19.79 1.85 -8.39
N SER A 37 20.17 2.96 -9.02
CA SER A 37 21.22 2.95 -10.03
C SER A 37 22.54 2.46 -9.43
N ASN A 38 22.64 2.50 -8.11
CA ASN A 38 23.84 2.07 -7.42
C ASN A 38 23.74 0.60 -7.00
N ASP A 39 22.90 -0.15 -7.71
CA ASP A 39 22.71 -1.56 -7.43
C ASP A 39 22.12 -1.76 -6.02
N THR A 40 20.87 -1.36 -5.86
CA THR A 40 20.20 -1.49 -4.56
C THR A 40 18.70 -1.72 -4.74
N MET A 41 18.05 -2.24 -3.70
CA MET A 41 16.63 -2.51 -3.75
C MET A 41 15.97 -2.17 -2.41
N GLU A 42 14.83 -1.49 -2.48
CA GLU A 42 14.10 -1.11 -1.27
C GLU A 42 12.61 -1.38 -1.43
N GLU A 43 12.02 -2.00 -0.41
CA GLU A 43 10.60 -2.32 -0.44
C GLU A 43 9.87 -1.64 0.72
N HIS A 44 8.66 -1.13 0.44
CA HIS A 44 7.86 -0.45 1.44
C HIS A 44 6.38 -0.54 1.11
N SER A 45 5.55 -0.74 2.13
CA SER A 45 4.11 -0.86 1.94
C SER A 45 3.39 0.36 2.54
N PHE A 46 2.60 1.02 1.71
CA PHE A 46 1.85 2.20 2.14
C PHE A 46 2.77 3.18 2.87
N THR A 47 4.03 3.24 2.44
CA THR A 47 5.00 4.12 3.06
C THR A 47 5.33 5.29 2.15
N ASP A 48 5.86 4.98 0.97
CA ASP A 48 6.23 6.00 -0.01
C ASP A 48 5.06 6.95 -0.26
N GLU A 49 5.35 8.25 -0.29
CA GLU A 49 4.33 9.26 -0.52
C GLU A 49 4.24 9.64 -2.00
N GLY A 50 4.68 8.72 -2.85
CA GLY A 50 4.66 8.97 -4.28
C GLY A 50 3.43 8.37 -4.95
N VAL A 51 2.82 7.39 -4.29
CA VAL A 51 1.64 6.74 -4.82
C VAL A 51 0.38 7.22 -4.12
N GLU A 52 -0.71 7.34 -4.88
CA GLU A 52 -1.98 7.79 -4.32
C GLU A 52 -3.13 6.89 -4.76
N ILE A 53 -3.97 6.50 -3.82
CA ILE A 53 -5.12 5.64 -4.12
C ILE A 53 -6.43 6.40 -4.04
N SER A 54 -7.31 6.14 -4.99
CA SER A 54 -8.61 6.80 -5.03
C SER A 54 -9.75 5.79 -4.97
N GLY A 55 -10.87 6.20 -4.37
CA GLY A 55 -12.01 5.32 -4.24
C GLY A 55 -12.16 4.73 -2.86
N TYR A 56 -11.07 4.78 -2.08
CA TYR A 56 -11.07 4.24 -0.73
C TYR A 56 -11.67 5.26 0.25
N ASP A 57 -12.68 4.81 1.00
CA ASP A 57 -13.33 5.67 1.98
C ASP A 57 -12.95 5.27 3.39
N ALA A 58 -12.08 6.06 4.01
CA ALA A 58 -11.63 5.78 5.37
C ALA A 58 -12.81 5.68 6.33
N GLN A 59 -13.93 6.30 5.96
CA GLN A 59 -15.13 6.28 6.78
C GLN A 59 -15.87 4.96 6.63
N LYS A 60 -15.69 4.31 5.48
CA LYS A 60 -16.34 3.03 5.22
C LYS A 60 -15.76 2.38 3.97
N THR A 61 -15.54 1.07 4.04
CA THR A 61 -14.99 0.31 2.93
C THR A 61 -15.98 -0.71 2.39
N GLY A 62 -16.09 -1.84 3.09
CA GLY A 62 -17.02 -2.87 2.67
C GLY A 62 -16.98 -3.12 1.18
N ARG A 63 -15.92 -3.78 0.71
CA ARG A 63 -15.76 -4.07 -0.71
C ARG A 63 -15.63 -2.79 -1.52
N GLN A 64 -14.75 -1.89 -1.08
CA GLN A 64 -14.53 -0.62 -1.77
C GLN A 64 -13.44 -0.76 -2.82
N THR A 65 -13.57 0.00 -3.90
CA THR A 65 -12.60 -0.03 -4.99
C THR A 65 -11.44 0.91 -4.71
N LEU A 66 -10.25 0.51 -5.14
CA LEU A 66 -9.05 1.32 -4.93
C LEU A 66 -8.17 1.32 -6.19
N THR A 67 -7.67 2.49 -6.54
CA THR A 67 -6.82 2.63 -7.72
C THR A 67 -5.57 3.44 -7.40
N LEU A 68 -4.43 2.77 -7.33
CA LEU A 68 -3.16 3.43 -7.03
C LEU A 68 -2.44 3.82 -8.32
N HIS A 69 -2.05 5.08 -8.41
CA HIS A 69 -1.34 5.58 -9.59
C HIS A 69 0.00 6.20 -9.19
N TYR A 70 1.08 5.72 -9.81
CA TYR A 70 2.41 6.23 -9.52
C TYR A 70 3.24 6.33 -10.80
N GLN A 71 3.63 7.56 -11.14
CA GLN A 71 4.42 7.80 -12.34
C GLN A 71 3.62 7.46 -13.60
N GLY A 72 3.62 6.17 -13.95
CA GLY A 72 2.89 5.74 -15.14
C GLY A 72 2.27 4.36 -14.95
N HIS A 73 2.27 3.88 -13.72
CA HIS A 73 1.69 2.57 -13.42
C HIS A 73 0.41 2.71 -12.61
N GLU A 74 -0.58 1.89 -12.94
CA GLU A 74 -1.86 1.92 -12.25
C GLU A 74 -2.30 0.52 -11.84
N VAL A 75 -2.78 0.39 -10.61
CA VAL A 75 -3.24 -0.90 -10.09
C VAL A 75 -4.60 -0.78 -9.42
N SER A 76 -5.43 -1.80 -9.59
CA SER A 76 -6.77 -1.80 -9.00
C SER A 76 -6.92 -2.94 -8.00
N PHE A 77 -7.65 -2.68 -6.92
CA PHE A 77 -7.86 -3.68 -5.89
C PHE A 77 -9.10 -3.35 -5.06
N ASP A 78 -9.49 -4.28 -4.19
CA ASP A 78 -10.65 -4.08 -3.33
C ASP A 78 -10.26 -4.14 -1.86
N VAL A 79 -10.99 -3.42 -1.02
CA VAL A 79 -10.72 -3.38 0.41
C VAL A 79 -11.91 -3.90 1.20
N LEU A 80 -11.62 -4.60 2.31
CA LEU A 80 -12.66 -5.15 3.16
C LEU A 80 -12.33 -4.97 4.64
N VAL A 81 -13.16 -4.21 5.34
CA VAL A 81 -12.95 -3.95 6.77
C VAL A 81 -13.83 -4.86 7.62
N SER A 82 -13.24 -5.41 8.67
CA SER A 82 -13.97 -6.30 9.58
C SER A 82 -13.78 -5.88 11.03
N PRO A 83 -14.66 -6.38 11.91
CA PRO A 83 -14.61 -6.06 13.34
C PRO A 83 -13.42 -6.71 14.03
N LYS A 84 -12.55 -5.88 14.61
CA LYS A 84 -11.36 -6.37 15.30
C LYS A 84 -11.73 -7.48 16.28
N ALA A 85 -10.72 -8.25 16.69
CA ALA A 85 -10.93 -9.35 17.63
C ALA A 85 -9.61 -10.00 18.02
N ALA A 86 -8.73 -9.21 18.65
CA ALA A 86 -7.43 -9.71 19.08
C ALA A 86 -6.93 -8.95 20.30
N LEU A 87 -5.76 -9.35 20.79
CA LEU A 87 -5.16 -8.71 21.97
C LEU A 87 -4.21 -7.60 21.54
N ASN A 88 -3.68 -6.88 22.53
CA ASN A 88 -2.75 -5.79 22.26
C ASN A 88 -1.60 -5.79 23.27
N ASP A 89 -0.38 -5.62 22.78
CA ASP A 89 0.80 -5.60 23.63
C ASP A 89 1.44 -4.21 23.64
N GLU A 90 2.55 -4.09 24.35
CA GLU A 90 3.26 -2.82 24.45
C GLU A 90 4.17 -2.60 23.24
N SER A 2 24.98 12.20 0.55
CA SER A 2 24.26 12.66 -0.63
C SER A 2 22.88 12.03 -0.70
N PRO A 3 21.98 12.65 -1.48
CA PRO A 3 20.61 12.16 -1.65
C PRO A 3 20.55 10.86 -2.45
N LYS A 4 19.61 9.99 -2.09
CA LYS A 4 19.44 8.72 -2.78
C LYS A 4 18.12 8.67 -3.52
N THR A 5 18.17 8.85 -4.84
CA THR A 5 16.96 8.82 -5.66
C THR A 5 17.02 7.68 -6.68
N ILE A 6 16.08 6.76 -6.59
CA ILE A 6 16.02 5.63 -7.50
C ILE A 6 15.64 6.08 -8.90
N LEU A 7 15.88 5.20 -9.88
CA LEU A 7 15.55 5.51 -11.27
C LEU A 7 14.49 4.55 -11.80
N GLY A 8 14.76 3.25 -11.70
CA GLY A 8 13.81 2.26 -12.18
C GLY A 8 12.85 1.81 -11.09
N ILE A 9 11.61 1.54 -11.47
CA ILE A 9 10.59 1.10 -10.53
C ILE A 9 10.01 -0.25 -10.93
N GLU A 10 9.65 -1.06 -9.94
CA GLU A 10 9.08 -2.37 -10.20
C GLU A 10 7.90 -2.66 -9.26
N VAL A 11 6.76 -3.01 -9.84
CA VAL A 11 5.57 -3.30 -9.05
C VAL A 11 5.73 -4.61 -8.29
N SER A 12 5.32 -4.59 -7.02
CA SER A 12 5.42 -5.78 -6.17
C SER A 12 4.31 -5.80 -5.13
N GLN A 13 3.20 -5.14 -5.44
CA GLN A 13 2.06 -5.07 -4.53
C GLN A 13 1.13 -6.25 -4.74
N GLU A 14 0.74 -6.90 -3.65
CA GLU A 14 -0.16 -8.05 -3.72
C GLU A 14 -1.56 -7.68 -3.23
N PRO A 15 -2.57 -8.42 -3.69
CA PRO A 15 -3.96 -8.19 -3.31
C PRO A 15 -4.23 -8.55 -1.85
N LYS A 16 -4.88 -7.64 -1.13
CA LYS A 16 -5.20 -7.86 0.28
C LYS A 16 -5.98 -6.69 0.84
N LYS A 17 -5.29 -5.60 1.14
CA LYS A 17 -5.92 -4.41 1.69
C LYS A 17 -6.90 -4.78 2.80
N ASP A 18 -6.35 -5.23 3.93
CA ASP A 18 -7.17 -5.62 5.07
C ASP A 18 -6.72 -4.89 6.33
N TYR A 19 -7.64 -4.15 6.94
CA TYR A 19 -7.33 -3.41 8.16
C TYR A 19 -8.46 -3.52 9.17
N LEU A 20 -8.13 -3.38 10.45
CA LEU A 20 -9.11 -3.46 11.52
C LEU A 20 -9.71 -2.09 11.82
N VAL A 21 -11.00 -2.08 12.14
CA VAL A 21 -11.69 -0.83 12.46
C VAL A 21 -10.94 -0.04 13.53
N GLY A 22 -10.81 1.26 13.31
CA GLY A 22 -10.12 2.12 14.25
C GLY A 22 -8.63 2.21 13.97
N ASP A 23 -8.13 1.30 13.14
CA ASP A 23 -6.71 1.29 12.79
C ASP A 23 -6.43 2.20 11.60
N SER A 24 -7.48 2.49 10.83
CA SER A 24 -7.35 3.35 9.67
C SER A 24 -6.33 2.79 8.67
N LEU A 25 -6.81 1.96 7.75
CA LEU A 25 -5.96 1.35 6.75
C LEU A 25 -4.91 0.46 7.40
N ASP A 26 -4.31 -0.43 6.61
CA ASP A 26 -3.27 -1.33 7.11
C ASP A 26 -2.66 -2.14 5.97
N LEU A 27 -2.59 -1.52 4.80
CA LEU A 27 -2.02 -2.18 3.62
C LEU A 27 -0.60 -2.67 3.90
N SER A 28 -0.41 -3.99 3.87
CA SER A 28 0.91 -4.57 4.12
C SER A 28 1.43 -5.29 2.88
N GLU A 29 0.51 -5.83 2.09
CA GLU A 29 0.88 -6.55 0.87
C GLU A 29 1.12 -5.57 -0.28
N GLY A 30 0.62 -4.35 -0.13
CA GLY A 30 0.79 -3.35 -1.17
C GLY A 30 2.13 -2.65 -1.07
N ARG A 31 3.21 -3.39 -1.34
CA ARG A 31 4.55 -2.84 -1.28
C ARG A 31 5.16 -2.76 -2.68
N PHE A 32 6.10 -1.84 -2.85
CA PHE A 32 6.77 -1.66 -4.13
C PHE A 32 8.29 -1.67 -3.97
N ALA A 33 8.99 -2.14 -5.00
CA ALA A 33 10.44 -2.20 -4.97
C ALA A 33 11.05 -1.14 -5.88
N VAL A 34 12.15 -0.56 -5.44
CA VAL A 34 12.84 0.47 -6.21
C VAL A 34 14.33 0.17 -6.35
N ALA A 35 14.86 0.36 -7.54
CA ALA A 35 16.27 0.11 -7.80
C ALA A 35 17.07 1.40 -7.86
N TYR A 36 18.11 1.50 -7.06
CA TYR A 36 18.95 2.70 -7.02
C TYR A 36 20.07 2.60 -8.04
N SER A 37 20.45 3.75 -8.60
CA SER A 37 21.52 3.80 -9.60
C SER A 37 22.84 3.34 -9.01
N ASN A 38 22.91 3.29 -7.68
CA ASN A 38 24.12 2.87 -6.98
C ASN A 38 24.07 1.38 -6.68
N ASP A 39 23.30 0.63 -7.46
CA ASP A 39 23.16 -0.80 -7.27
C ASP A 39 22.58 -1.12 -5.90
N THR A 40 21.30 -0.80 -5.72
CA THR A 40 20.62 -1.05 -4.45
C THR A 40 19.13 -1.27 -4.66
N MET A 41 18.50 -1.95 -3.71
CA MET A 41 17.07 -2.23 -3.79
C MET A 41 16.41 -2.06 -2.42
N GLU A 42 15.28 -1.37 -2.40
CA GLU A 42 14.55 -1.14 -1.15
C GLU A 42 13.05 -1.37 -1.35
N GLU A 43 12.45 -2.11 -0.43
CA GLU A 43 11.03 -2.41 -0.50
C GLU A 43 10.29 -1.86 0.71
N HIS A 44 9.06 -1.40 0.50
CA HIS A 44 8.25 -0.84 1.57
C HIS A 44 6.76 -0.98 1.26
N SER A 45 5.98 -1.29 2.29
CA SER A 45 4.54 -1.46 2.12
C SER A 45 3.78 -0.32 2.79
N PHE A 46 2.94 0.35 2.02
CA PHE A 46 2.15 1.47 2.54
C PHE A 46 3.02 2.42 3.33
N THR A 47 4.26 2.58 2.90
CA THR A 47 5.21 3.47 3.58
C THR A 47 5.45 4.73 2.76
N ASP A 48 6.03 4.57 1.58
CA ASP A 48 6.31 5.70 0.70
C ASP A 48 5.04 6.19 0.02
N GLU A 49 5.01 7.47 -0.31
CA GLU A 49 3.85 8.06 -0.98
C GLU A 49 4.04 8.08 -2.49
N GLY A 50 4.88 7.18 -2.99
CA GLY A 50 5.13 7.10 -4.41
C GLY A 50 3.88 6.80 -5.21
N VAL A 51 2.99 5.99 -4.63
CA VAL A 51 1.75 5.63 -5.29
C VAL A 51 0.55 6.27 -4.61
N GLU A 52 -0.37 6.81 -5.42
CA GLU A 52 -1.56 7.46 -4.88
C GLU A 52 -2.80 6.59 -5.09
N ILE A 53 -3.58 6.42 -4.04
CA ILE A 53 -4.79 5.61 -4.09
C ILE A 53 -6.03 6.49 -4.11
N SER A 54 -6.99 6.13 -4.96
CA SER A 54 -8.24 6.89 -5.08
C SER A 54 -9.42 5.95 -5.30
N GLY A 55 -10.53 6.24 -4.62
CA GLY A 55 -11.72 5.42 -4.75
C GLY A 55 -12.11 4.77 -3.44
N TYR A 56 -11.14 4.58 -2.56
CA TYR A 56 -11.39 3.95 -1.26
C TYR A 56 -11.85 4.99 -0.24
N ASP A 57 -12.80 4.60 0.60
CA ASP A 57 -13.33 5.48 1.63
C ASP A 57 -12.80 5.10 3.01
N ALA A 58 -12.33 6.09 3.75
CA ALA A 58 -11.80 5.86 5.09
C ALA A 58 -12.91 5.57 6.08
N GLN A 59 -12.85 4.41 6.73
CA GLN A 59 -13.85 4.01 7.71
C GLN A 59 -15.18 3.72 7.03
N LYS A 60 -15.13 3.48 5.71
CA LYS A 60 -16.33 3.18 4.95
C LYS A 60 -16.04 2.14 3.86
N THR A 61 -14.95 1.40 4.04
CA THR A 61 -14.56 0.38 3.09
C THR A 61 -15.74 -0.51 2.71
N GLY A 62 -16.03 -1.49 3.55
CA GLY A 62 -17.15 -2.40 3.29
C GLY A 62 -17.20 -2.84 1.83
N ARG A 63 -16.14 -3.49 1.38
CA ARG A 63 -16.07 -3.96 0.00
C ARG A 63 -16.05 -2.78 -0.98
N GLN A 64 -15.01 -1.94 -0.86
CA GLN A 64 -14.88 -0.78 -1.74
C GLN A 64 -13.74 -0.98 -2.73
N THR A 65 -13.88 -0.41 -3.92
CA THR A 65 -12.87 -0.53 -4.95
C THR A 65 -11.71 0.43 -4.70
N LEU A 66 -10.57 0.16 -5.31
CA LEU A 66 -9.38 0.99 -5.15
C LEU A 66 -8.57 1.04 -6.45
N THR A 67 -8.06 2.22 -6.78
CA THR A 67 -7.27 2.40 -7.98
C THR A 67 -5.99 3.18 -7.68
N LEU A 68 -4.85 2.50 -7.73
CA LEU A 68 -3.56 3.13 -7.48
C LEU A 68 -2.85 3.45 -8.78
N HIS A 69 -2.31 4.67 -8.87
CA HIS A 69 -1.60 5.11 -10.06
C HIS A 69 -0.17 5.54 -9.71
N TYR A 70 0.80 4.99 -10.44
CA TYR A 70 2.20 5.31 -10.20
C TYR A 70 2.96 5.42 -11.52
N GLN A 71 3.56 6.59 -11.75
CA GLN A 71 4.31 6.83 -12.98
C GLN A 71 3.41 6.76 -14.20
N GLY A 72 3.19 5.55 -14.71
CA GLY A 72 2.35 5.37 -15.87
C GLY A 72 1.54 4.09 -15.81
N HIS A 73 1.55 3.44 -14.65
CA HIS A 73 0.81 2.19 -14.46
C HIS A 73 -0.34 2.38 -13.48
N GLU A 74 -1.33 1.50 -13.56
CA GLU A 74 -2.49 1.57 -12.68
C GLU A 74 -2.95 0.18 -12.27
N VAL A 75 -3.25 0.01 -10.99
CA VAL A 75 -3.71 -1.28 -10.48
C VAL A 75 -5.04 -1.14 -9.74
N SER A 76 -5.90 -2.14 -9.90
CA SER A 76 -7.20 -2.12 -9.25
C SER A 76 -7.33 -3.27 -8.24
N PHE A 77 -7.90 -2.95 -7.08
CA PHE A 77 -8.07 -3.95 -6.03
C PHE A 77 -9.26 -3.61 -5.13
N ASP A 78 -9.62 -4.52 -4.25
CA ASP A 78 -10.74 -4.31 -3.33
C ASP A 78 -10.26 -4.29 -1.89
N VAL A 79 -10.97 -3.55 -1.05
CA VAL A 79 -10.62 -3.45 0.37
C VAL A 79 -11.79 -3.85 1.25
N LEU A 80 -11.48 -4.54 2.35
CA LEU A 80 -12.51 -4.99 3.28
C LEU A 80 -12.03 -4.84 4.72
N VAL A 81 -12.81 -4.15 5.54
CA VAL A 81 -12.48 -3.93 6.94
C VAL A 81 -13.20 -4.93 7.84
N SER A 82 -12.48 -5.49 8.80
CA SER A 82 -13.04 -6.46 9.72
C SER A 82 -13.40 -5.81 11.05
N PRO A 83 -14.29 -6.47 11.81
CA PRO A 83 -14.73 -5.97 13.13
C PRO A 83 -13.63 -6.02 14.18
N LYS A 84 -13.49 -4.95 14.95
CA LYS A 84 -12.49 -4.87 15.99
C LYS A 84 -12.62 -6.03 16.96
N ALA A 85 -11.54 -6.77 17.15
CA ALA A 85 -11.54 -7.92 18.06
C ALA A 85 -10.12 -8.41 18.31
N ALA A 86 -9.25 -7.52 18.76
CA ALA A 86 -7.87 -7.87 19.04
C ALA A 86 -7.55 -7.75 20.52
N LEU A 87 -6.28 -7.90 20.88
CA LEU A 87 -5.85 -7.80 22.27
C LEU A 87 -4.67 -6.86 22.41
N ASN A 88 -4.10 -6.80 23.61
CA ASN A 88 -2.97 -5.92 23.88
C ASN A 88 -1.76 -6.73 24.35
N ASP A 89 -0.58 -6.30 23.96
CA ASP A 89 0.66 -6.99 24.35
C ASP A 89 1.72 -5.98 24.80
N GLU A 90 2.85 -6.50 25.27
CA GLU A 90 3.94 -5.65 25.74
C GLU A 90 4.66 -5.00 24.55
N SER A 2 23.62 15.69 -3.49
CA SER A 2 23.66 14.31 -3.96
C SER A 2 22.32 13.60 -3.71
N PRO A 3 21.28 14.04 -4.44
CA PRO A 3 19.94 13.48 -4.32
C PRO A 3 19.86 12.06 -4.87
N LYS A 4 19.00 11.25 -4.26
CA LYS A 4 18.81 9.86 -4.68
C LYS A 4 17.59 9.72 -5.58
N THR A 5 17.83 9.62 -6.88
CA THR A 5 16.74 9.49 -7.84
C THR A 5 16.73 8.09 -8.47
N ILE A 6 15.64 7.36 -8.25
CA ILE A 6 15.51 6.01 -8.78
C ILE A 6 15.41 6.03 -10.30
N LEU A 7 15.53 4.86 -10.92
CA LEU A 7 15.46 4.74 -12.37
C LEU A 7 14.60 3.55 -12.77
N GLY A 8 14.74 2.44 -12.05
CA GLY A 8 13.97 1.26 -12.36
C GLY A 8 12.77 1.10 -11.44
N ILE A 9 11.74 0.43 -11.93
CA ILE A 9 10.53 0.20 -11.14
C ILE A 9 10.03 -1.23 -11.28
N GLU A 10 9.75 -1.88 -10.15
CA GLU A 10 9.27 -3.25 -10.16
C GLU A 10 8.09 -3.41 -9.21
N VAL A 11 6.98 -3.94 -9.73
CA VAL A 11 5.78 -4.14 -8.94
C VAL A 11 5.91 -5.40 -8.07
N SER A 12 5.49 -5.28 -6.81
CA SER A 12 5.57 -6.40 -5.87
C SER A 12 4.43 -6.33 -4.86
N GLN A 13 3.32 -5.71 -5.26
CA GLN A 13 2.17 -5.58 -4.37
C GLN A 13 1.34 -6.87 -4.36
N GLU A 14 1.03 -7.34 -3.16
CA GLU A 14 0.25 -8.57 -3.01
C GLU A 14 -1.17 -8.25 -2.55
N PRO A 15 -2.11 -9.16 -2.85
CA PRO A 15 -3.51 -9.00 -2.48
C PRO A 15 -3.73 -9.13 -0.97
N LYS A 16 -4.43 -8.16 -0.39
CA LYS A 16 -4.71 -8.16 1.04
C LYS A 16 -5.66 -7.02 1.41
N LYS A 17 -5.10 -5.83 1.57
CA LYS A 17 -5.90 -4.66 1.93
C LYS A 17 -6.96 -5.02 2.97
N ASP A 18 -6.53 -5.62 4.06
CA ASP A 18 -7.45 -6.01 5.13
C ASP A 18 -7.00 -5.44 6.47
N TYR A 19 -7.89 -4.71 7.13
CA TYR A 19 -7.59 -4.10 8.42
C TYR A 19 -8.82 -4.13 9.33
N LEU A 20 -8.58 -4.44 10.60
CA LEU A 20 -9.66 -4.50 11.58
C LEU A 20 -9.95 -3.11 12.16
N VAL A 21 -11.16 -2.94 12.68
CA VAL A 21 -11.56 -1.67 13.27
C VAL A 21 -10.51 -1.17 14.26
N GLY A 22 -10.30 0.14 14.27
CA GLY A 22 -9.32 0.73 15.17
C GLY A 22 -7.95 0.87 14.54
N ASP A 23 -7.66 0.01 13.57
CA ASP A 23 -6.38 0.05 12.87
C ASP A 23 -6.36 1.15 11.82
N SER A 24 -7.41 1.21 11.01
CA SER A 24 -7.51 2.21 9.96
C SER A 24 -6.39 2.06 8.95
N LEU A 25 -6.68 1.43 7.82
CA LEU A 25 -5.69 1.22 6.77
C LEU A 25 -4.50 0.44 7.31
N ASP A 26 -4.50 -0.88 7.10
CA ASP A 26 -3.42 -1.73 7.55
C ASP A 26 -2.72 -2.41 6.37
N LEU A 27 -2.86 -1.81 5.20
CA LEU A 27 -2.24 -2.35 3.99
C LEU A 27 -0.76 -2.58 4.19
N SER A 28 -0.34 -3.85 4.10
CA SER A 28 1.07 -4.20 4.27
C SER A 28 1.56 -5.07 3.12
N GLU A 29 0.67 -5.32 2.16
CA GLU A 29 1.02 -6.13 1.00
C GLU A 29 1.26 -5.25 -0.23
N GLY A 30 0.71 -4.04 -0.20
CA GLY A 30 0.87 -3.12 -1.31
C GLY A 30 2.22 -2.42 -1.30
N ARG A 31 3.29 -3.21 -1.33
CA ARG A 31 4.64 -2.66 -1.34
C ARG A 31 5.32 -2.85 -2.69
N PHE A 32 6.09 -1.86 -3.11
CA PHE A 32 6.80 -1.92 -4.38
C PHE A 32 8.30 -1.81 -4.19
N ALA A 33 9.06 -2.44 -5.07
CA ALA A 33 10.51 -2.40 -5.00
C ALA A 33 11.10 -1.51 -6.09
N VAL A 34 11.81 -0.47 -5.67
CA VAL A 34 12.43 0.47 -6.61
C VAL A 34 13.93 0.27 -6.67
N ALA A 35 14.49 0.37 -7.88
CA ALA A 35 15.93 0.20 -8.07
C ALA A 35 16.61 1.55 -8.26
N TYR A 36 17.75 1.74 -7.59
CA TYR A 36 18.50 2.98 -7.68
C TYR A 36 19.63 2.86 -8.71
N SER A 37 19.90 3.96 -9.40
CA SER A 37 20.95 3.98 -10.42
C SER A 37 22.30 3.62 -9.79
N ASN A 38 22.40 3.75 -8.48
CA ASN A 38 23.64 3.44 -7.77
C ASN A 38 23.64 1.99 -7.29
N ASP A 39 22.87 1.15 -7.97
CA ASP A 39 22.79 -0.27 -7.61
C ASP A 39 22.24 -0.45 -6.21
N THR A 40 20.95 -0.15 -6.03
CA THR A 40 20.31 -0.27 -4.73
C THR A 40 18.83 -0.62 -4.89
N MET A 41 18.25 -1.15 -3.82
CA MET A 41 16.84 -1.52 -3.82
C MET A 41 16.17 -1.19 -2.50
N GLU A 42 14.96 -0.63 -2.56
CA GLU A 42 14.23 -0.26 -1.35
C GLU A 42 12.77 -0.69 -1.47
N GLU A 43 12.26 -1.32 -0.42
CA GLU A 43 10.87 -1.78 -0.40
C GLU A 43 10.10 -1.14 0.75
N HIS A 44 8.85 -0.77 0.49
CA HIS A 44 8.00 -0.15 1.50
C HIS A 44 6.53 -0.40 1.21
N SER A 45 5.76 -0.64 2.26
CA SER A 45 4.33 -0.90 2.13
C SER A 45 3.51 0.18 2.81
N PHE A 46 2.63 0.82 2.04
CA PHE A 46 1.79 1.88 2.58
C PHE A 46 2.61 3.12 2.91
N THR A 47 3.45 3.02 3.93
CA THR A 47 4.29 4.13 4.36
C THR A 47 4.90 4.83 3.15
N ASP A 48 5.28 4.06 2.15
CA ASP A 48 5.88 4.60 0.93
C ASP A 48 5.04 5.74 0.38
N GLU A 49 5.67 6.92 0.23
CA GLU A 49 4.97 8.09 -0.28
C GLU A 49 5.15 8.20 -1.80
N GLY A 50 5.51 7.09 -2.42
CA GLY A 50 5.71 7.08 -3.87
C GLY A 50 4.47 6.65 -4.62
N VAL A 51 3.58 5.94 -3.93
CA VAL A 51 2.35 5.46 -4.54
C VAL A 51 1.13 6.20 -3.98
N GLU A 52 0.16 6.46 -4.85
CA GLU A 52 -1.05 7.16 -4.44
C GLU A 52 -2.29 6.33 -4.75
N ILE A 53 -3.25 6.33 -3.83
CA ILE A 53 -4.49 5.58 -4.01
C ILE A 53 -5.69 6.51 -4.13
N SER A 54 -6.61 6.17 -5.02
CA SER A 54 -7.81 6.98 -5.24
C SER A 54 -9.06 6.12 -5.20
N GLY A 55 -10.14 6.67 -4.64
CA GLY A 55 -11.38 5.94 -4.55
C GLY A 55 -11.60 5.33 -3.18
N TYR A 56 -10.52 5.24 -2.40
CA TYR A 56 -10.60 4.66 -1.06
C TYR A 56 -11.05 5.71 -0.04
N ASP A 57 -11.89 5.29 0.89
CA ASP A 57 -12.40 6.18 1.92
C ASP A 57 -11.83 5.82 3.29
N ALA A 58 -11.10 6.76 3.89
CA ALA A 58 -10.50 6.54 5.20
C ALA A 58 -11.54 6.63 6.30
N GLN A 59 -12.74 7.06 5.94
CA GLN A 59 -13.83 7.19 6.90
C GLN A 59 -14.75 5.98 6.85
N LYS A 60 -14.60 5.16 5.81
CA LYS A 60 -15.42 3.96 5.64
C LYS A 60 -14.88 3.09 4.51
N THR A 61 -15.01 1.78 4.68
CA THR A 61 -14.53 0.84 3.67
C THR A 61 -15.68 0.04 3.09
N GLY A 62 -16.11 -0.99 3.81
CA GLY A 62 -17.21 -1.82 3.35
C GLY A 62 -17.08 -2.18 1.88
N ARG A 63 -15.97 -2.82 1.53
CA ARG A 63 -15.73 -3.22 0.15
C ARG A 63 -15.59 -1.99 -0.76
N GLN A 64 -14.54 -1.22 -0.53
CA GLN A 64 -14.29 -0.02 -1.33
C GLN A 64 -13.19 -0.26 -2.36
N THR A 65 -13.32 0.37 -3.51
CA THR A 65 -12.33 0.23 -4.58
C THR A 65 -11.09 1.05 -4.29
N LEU A 66 -9.96 0.64 -4.86
CA LEU A 66 -8.70 1.33 -4.66
C LEU A 66 -7.81 1.23 -5.90
N THR A 67 -7.41 2.38 -6.44
CA THR A 67 -6.57 2.42 -7.63
C THR A 67 -5.21 3.04 -7.31
N LEU A 68 -4.16 2.25 -7.45
CA LEU A 68 -2.80 2.72 -7.18
C LEU A 68 -2.11 3.13 -8.47
N HIS A 69 -1.53 4.33 -8.47
CA HIS A 69 -0.83 4.84 -9.64
C HIS A 69 0.61 5.20 -9.30
N TYR A 70 1.55 4.60 -10.02
CA TYR A 70 2.97 4.85 -9.79
C TYR A 70 3.73 4.92 -11.10
N GLN A 71 4.30 6.09 -11.39
CA GLN A 71 5.06 6.30 -12.62
C GLN A 71 4.15 6.16 -13.84
N GLY A 72 3.93 4.93 -14.28
CA GLY A 72 3.09 4.69 -15.44
C GLY A 72 2.29 3.41 -15.32
N HIS A 73 2.27 2.83 -14.12
CA HIS A 73 1.54 1.59 -13.88
C HIS A 73 0.35 1.84 -12.97
N GLU A 74 -0.77 1.21 -13.30
CA GLU A 74 -1.99 1.35 -12.51
C GLU A 74 -2.56 0.00 -12.11
N VAL A 75 -2.96 -0.13 -10.85
CA VAL A 75 -3.52 -1.38 -10.35
C VAL A 75 -4.85 -1.13 -9.63
N SER A 76 -5.72 -2.14 -9.66
CA SER A 76 -7.02 -2.03 -9.01
C SER A 76 -7.20 -3.13 -7.97
N PHE A 77 -7.75 -2.76 -6.82
CA PHE A 77 -7.98 -3.72 -5.74
C PHE A 77 -9.15 -3.27 -4.86
N ASP A 78 -9.57 -4.16 -3.97
CA ASP A 78 -10.68 -3.87 -3.06
C ASP A 78 -10.25 -4.00 -1.61
N VAL A 79 -10.87 -3.20 -0.74
CA VAL A 79 -10.54 -3.22 0.68
C VAL A 79 -11.76 -3.61 1.51
N LEU A 80 -11.52 -4.41 2.54
CA LEU A 80 -12.60 -4.87 3.42
C LEU A 80 -12.18 -4.80 4.89
N VAL A 81 -12.94 -4.07 5.69
CA VAL A 81 -12.64 -3.93 7.10
C VAL A 81 -13.48 -4.90 7.94
N SER A 82 -12.83 -5.54 8.91
CA SER A 82 -13.50 -6.50 9.78
C SER A 82 -14.07 -5.81 11.01
N PRO A 83 -15.05 -6.47 11.66
CA PRO A 83 -15.69 -5.95 12.86
C PRO A 83 -14.75 -5.92 14.06
N LYS A 84 -13.61 -6.59 13.93
CA LYS A 84 -12.63 -6.64 15.00
C LYS A 84 -13.20 -7.36 16.22
N ALA A 85 -12.30 -7.86 17.07
CA ALA A 85 -12.72 -8.57 18.27
C ALA A 85 -11.74 -8.33 19.43
N ALA A 86 -12.05 -8.90 20.59
CA ALA A 86 -11.20 -8.73 21.77
C ALA A 86 -9.77 -9.19 21.47
N LEU A 87 -8.81 -8.59 22.18
CA LEU A 87 -7.40 -8.92 21.99
C LEU A 87 -6.79 -9.41 23.30
N ASN A 88 -5.56 -9.91 23.22
CA ASN A 88 -4.86 -10.40 24.40
C ASN A 88 -3.96 -9.31 24.99
N ASP A 89 -3.89 -9.28 26.31
CA ASP A 89 -3.07 -8.30 27.01
C ASP A 89 -1.58 -8.59 26.81
N GLU A 90 -0.74 -7.76 27.42
CA GLU A 90 0.71 -7.92 27.31
C GLU A 90 1.15 -7.86 25.86
N SER A 2 23.73 13.86 -3.34
CA SER A 2 22.90 14.11 -4.51
C SER A 2 21.54 13.44 -4.36
N PRO A 3 20.55 13.91 -5.15
CA PRO A 3 19.20 13.35 -5.13
C PRO A 3 19.12 11.95 -5.73
N LYS A 4 18.27 11.12 -5.17
CA LYS A 4 18.11 9.75 -5.65
C LYS A 4 16.82 9.61 -6.46
N THR A 5 16.97 9.56 -7.78
CA THR A 5 15.82 9.43 -8.67
C THR A 5 15.82 8.07 -9.37
N ILE A 6 14.78 7.28 -9.12
CA ILE A 6 14.66 5.97 -9.72
C ILE A 6 14.23 6.07 -11.18
N LEU A 7 14.40 4.98 -11.92
CA LEU A 7 14.02 4.93 -13.32
C LEU A 7 13.10 3.75 -13.61
N GLY A 8 13.37 2.63 -12.95
CA GLY A 8 12.55 1.44 -13.15
C GLY A 8 11.72 1.11 -11.94
N ILE A 9 10.50 0.62 -12.17
CA ILE A 9 9.60 0.27 -11.08
C ILE A 9 9.04 -1.14 -11.27
N GLU A 10 8.85 -1.85 -10.17
CA GLU A 10 8.32 -3.22 -10.22
C GLU A 10 7.24 -3.42 -9.15
N VAL A 11 6.08 -3.87 -9.57
CA VAL A 11 4.96 -4.11 -8.66
C VAL A 11 5.19 -5.40 -7.86
N SER A 12 5.24 -5.27 -6.54
CA SER A 12 5.44 -6.42 -5.67
C SER A 12 4.47 -6.39 -4.49
N GLN A 13 3.27 -5.88 -4.73
CA GLN A 13 2.26 -5.80 -3.69
C GLN A 13 1.54 -7.13 -3.49
N GLU A 14 1.37 -7.52 -2.23
CA GLU A 14 0.70 -8.77 -1.92
C GLU A 14 -0.73 -8.53 -1.44
N PRO A 15 -1.59 -9.54 -1.63
CA PRO A 15 -3.00 -9.46 -1.23
C PRO A 15 -3.17 -9.48 0.28
N LYS A 16 -3.94 -8.53 0.80
CA LYS A 16 -4.19 -8.44 2.23
C LYS A 16 -5.10 -7.25 2.56
N LYS A 17 -4.52 -6.06 2.60
CA LYS A 17 -5.29 -4.85 2.89
C LYS A 17 -6.52 -5.18 3.73
N ASP A 18 -6.29 -5.73 4.91
CA ASP A 18 -7.38 -6.09 5.81
C ASP A 18 -7.17 -5.49 7.19
N TYR A 19 -8.12 -4.67 7.64
CA TYR A 19 -8.03 -4.04 8.94
C TYR A 19 -9.42 -3.90 9.58
N LEU A 20 -9.45 -3.85 10.91
CA LEU A 20 -10.70 -3.71 11.64
C LEU A 20 -10.82 -2.34 12.28
N VAL A 21 -12.04 -1.95 12.62
CA VAL A 21 -12.30 -0.65 13.25
C VAL A 21 -11.39 -0.45 14.45
N GLY A 22 -10.92 0.79 14.62
CA GLY A 22 -10.05 1.11 15.74
C GLY A 22 -8.61 1.32 15.31
N ASP A 23 -8.24 0.75 14.17
CA ASP A 23 -6.88 0.89 13.65
C ASP A 23 -6.89 1.60 12.30
N SER A 24 -8.05 1.61 11.65
CA SER A 24 -8.20 2.25 10.35
C SER A 24 -7.33 1.56 9.30
N LEU A 25 -7.64 1.80 8.03
CA LEU A 25 -6.88 1.20 6.93
C LEU A 25 -5.39 1.45 7.10
N ASP A 26 -4.60 0.39 7.02
CA ASP A 26 -3.15 0.49 7.15
C ASP A 26 -2.45 -0.69 6.49
N LEU A 27 -2.70 -0.86 5.19
CA LEU A 27 -2.10 -1.95 4.43
C LEU A 27 -0.59 -2.00 4.66
N SER A 28 -0.07 -3.20 4.90
CA SER A 28 1.36 -3.37 5.14
C SER A 28 1.91 -4.49 4.26
N GLU A 29 1.06 -5.06 3.42
CA GLU A 29 1.47 -6.14 2.53
C GLU A 29 1.62 -5.64 1.10
N GLY A 30 1.04 -4.48 0.82
CA GLY A 30 1.12 -3.91 -0.52
C GLY A 30 2.34 -3.02 -0.68
N ARG A 31 3.50 -3.63 -0.85
CA ARG A 31 4.74 -2.88 -1.02
C ARG A 31 5.27 -3.02 -2.44
N PHE A 32 6.03 -2.02 -2.87
CA PHE A 32 6.61 -2.03 -4.22
C PHE A 32 8.12 -1.93 -4.17
N ALA A 33 8.78 -2.54 -5.15
CA ALA A 33 10.24 -2.52 -5.21
C ALA A 33 10.73 -1.64 -6.36
N VAL A 34 11.49 -0.60 -6.00
CA VAL A 34 12.01 0.33 -7.00
C VAL A 34 13.52 0.16 -7.16
N ALA A 35 13.99 0.24 -8.40
CA ALA A 35 15.41 0.09 -8.68
C ALA A 35 16.05 1.45 -8.98
N TYR A 36 17.22 1.68 -8.40
CA TYR A 36 17.94 2.94 -8.59
C TYR A 36 19.00 2.80 -9.68
N SER A 37 19.21 3.88 -10.42
CA SER A 37 20.20 3.89 -11.49
C SER A 37 21.60 3.61 -10.94
N ASN A 38 21.76 3.78 -9.63
CA ASN A 38 23.05 3.56 -8.99
C ASN A 38 23.14 2.14 -8.45
N ASP A 39 22.36 1.24 -9.03
CA ASP A 39 22.35 -0.16 -8.61
C ASP A 39 21.88 -0.29 -7.15
N THR A 40 20.61 -0.02 -6.93
CA THR A 40 20.04 -0.10 -5.59
C THR A 40 18.56 -0.49 -5.63
N MET A 41 18.06 -1.00 -4.51
CA MET A 41 16.66 -1.42 -4.43
C MET A 41 16.06 -1.03 -3.08
N GLU A 42 14.85 -0.50 -3.11
CA GLU A 42 14.17 -0.09 -1.88
C GLU A 42 12.72 -0.60 -1.87
N GLU A 43 12.32 -1.18 -0.75
CA GLU A 43 10.97 -1.71 -0.60
C GLU A 43 10.22 -0.99 0.52
N HIS A 44 8.94 -0.69 0.28
CA HIS A 44 8.12 -0.01 1.27
C HIS A 44 6.64 -0.34 1.08
N SER A 45 5.93 -0.52 2.17
CA SER A 45 4.50 -0.84 2.11
C SER A 45 3.66 0.30 2.67
N PHE A 46 2.75 0.81 1.84
CA PHE A 46 1.89 1.91 2.25
C PHE A 46 2.64 2.92 3.11
N THR A 47 3.55 3.66 2.49
CA THR A 47 4.35 4.65 3.20
C THR A 47 5.04 5.59 2.23
N ASP A 48 5.63 5.03 1.17
CA ASP A 48 6.33 5.82 0.17
C ASP A 48 5.44 6.94 -0.35
N GLU A 49 6.04 8.10 -0.61
CA GLU A 49 5.30 9.25 -1.11
C GLU A 49 5.35 9.30 -2.63
N GLY A 50 5.68 8.17 -3.24
CA GLY A 50 5.76 8.11 -4.69
C GLY A 50 4.48 7.57 -5.32
N VAL A 51 3.78 6.71 -4.58
CA VAL A 51 2.55 6.11 -5.07
C VAL A 51 1.33 6.79 -4.46
N GLU A 52 0.45 7.29 -5.32
CA GLU A 52 -0.76 7.98 -4.86
C GLU A 52 -1.98 7.06 -5.02
N ILE A 53 -2.72 6.90 -3.93
CA ILE A 53 -3.91 6.06 -3.94
C ILE A 53 -5.17 6.88 -4.19
N SER A 54 -6.08 6.35 -5.00
CA SER A 54 -7.32 7.05 -5.32
C SER A 54 -8.49 6.06 -5.37
N GLY A 55 -9.63 6.49 -4.82
CA GLY A 55 -10.80 5.64 -4.81
C GLY A 55 -11.07 5.03 -3.46
N TYR A 56 -10.08 5.09 -2.57
CA TYR A 56 -10.21 4.54 -1.24
C TYR A 56 -10.82 5.56 -0.29
N ASP A 57 -11.76 5.11 0.54
CA ASP A 57 -12.43 5.98 1.50
C ASP A 57 -12.10 5.57 2.93
N ALA A 58 -11.10 6.21 3.52
CA ALA A 58 -10.69 5.90 4.87
C ALA A 58 -11.83 6.11 5.86
N GLN A 59 -12.70 7.07 5.56
CA GLN A 59 -13.85 7.36 6.41
C GLN A 59 -14.84 6.21 6.41
N LYS A 60 -14.75 5.35 5.40
CA LYS A 60 -15.63 4.20 5.29
C LYS A 60 -15.02 3.12 4.41
N THR A 61 -14.61 2.02 5.02
CA THR A 61 -14.00 0.91 4.29
C THR A 61 -15.01 -0.18 4.01
N GLY A 62 -14.59 -1.21 3.29
CA GLY A 62 -15.48 -2.31 2.95
C GLY A 62 -15.73 -2.42 1.47
N ARG A 63 -14.95 -3.27 0.79
CA ARG A 63 -15.10 -3.45 -0.65
C ARG A 63 -14.80 -2.17 -1.40
N GLN A 64 -13.82 -1.41 -0.91
CA GLN A 64 -13.43 -0.16 -1.53
C GLN A 64 -12.29 -0.38 -2.52
N THR A 65 -12.44 0.16 -3.74
CA THR A 65 -11.43 0.02 -4.77
C THR A 65 -10.28 0.99 -4.54
N LEU A 66 -9.05 0.50 -4.71
CA LEU A 66 -7.86 1.31 -4.53
C LEU A 66 -6.94 1.23 -5.74
N THR A 67 -6.59 2.39 -6.29
CA THR A 67 -5.71 2.44 -7.45
C THR A 67 -4.48 3.30 -7.18
N LEU A 68 -3.31 2.66 -7.14
CA LEU A 68 -2.07 3.36 -6.88
C LEU A 68 -1.32 3.64 -8.19
N HIS A 69 -0.97 4.91 -8.40
CA HIS A 69 -0.24 5.30 -9.61
C HIS A 69 1.06 6.00 -9.25
N TYR A 70 2.16 5.52 -9.82
CA TYR A 70 3.47 6.10 -9.57
C TYR A 70 4.31 6.15 -10.85
N GLN A 71 4.64 7.37 -11.29
CA GLN A 71 5.44 7.54 -12.49
C GLN A 71 4.68 7.06 -13.72
N GLY A 72 4.72 5.76 -13.97
CA GLY A 72 4.03 5.20 -15.11
C GLY A 72 3.43 3.84 -14.82
N HIS A 73 3.42 3.46 -13.54
CA HIS A 73 2.87 2.18 -13.14
C HIS A 73 1.54 2.36 -12.41
N GLU A 74 0.63 1.40 -12.59
CA GLU A 74 -0.67 1.46 -11.94
C GLU A 74 -1.08 0.09 -11.41
N VAL A 75 -1.60 0.06 -10.19
CA VAL A 75 -2.03 -1.18 -9.58
C VAL A 75 -3.42 -1.05 -8.97
N SER A 76 -4.22 -2.10 -9.07
CA SER A 76 -5.58 -2.09 -8.53
C SER A 76 -5.73 -3.16 -7.44
N PHE A 77 -6.44 -2.80 -6.37
CA PHE A 77 -6.66 -3.73 -5.26
C PHE A 77 -7.84 -3.27 -4.40
N ASP A 78 -8.64 -4.22 -3.96
CA ASP A 78 -9.80 -3.91 -3.12
C ASP A 78 -9.47 -4.11 -1.64
N VAL A 79 -10.11 -3.31 -0.79
CA VAL A 79 -9.88 -3.39 0.65
C VAL A 79 -11.16 -3.79 1.38
N LEU A 80 -11.00 -4.61 2.42
CA LEU A 80 -12.14 -5.07 3.21
C LEU A 80 -11.93 -4.77 4.69
N VAL A 81 -12.97 -4.24 5.34
CA VAL A 81 -12.90 -3.93 6.77
C VAL A 81 -13.87 -4.78 7.57
N SER A 82 -13.40 -5.29 8.70
CA SER A 82 -14.23 -6.14 9.56
C SER A 82 -14.37 -5.52 10.94
N PRO A 83 -15.37 -6.00 11.70
CA PRO A 83 -15.64 -5.51 13.06
C PRO A 83 -14.56 -5.92 14.05
N LYS A 84 -14.11 -4.96 14.86
CA LYS A 84 -13.08 -5.22 15.85
C LYS A 84 -13.41 -6.47 16.68
N ALA A 85 -12.40 -7.00 17.36
CA ALA A 85 -12.60 -8.19 18.18
C ALA A 85 -12.13 -7.94 19.62
N ALA A 86 -12.30 -8.95 20.47
CA ALA A 86 -11.90 -8.84 21.86
C ALA A 86 -10.57 -9.54 22.11
N LEU A 87 -9.70 -8.92 22.89
CA LEU A 87 -8.40 -9.48 23.20
C LEU A 87 -8.50 -10.52 24.31
N ASN A 88 -7.38 -11.18 24.60
CA ASN A 88 -7.35 -12.21 25.64
C ASN A 88 -5.94 -12.36 26.21
N ASP A 89 -5.86 -12.69 27.49
CA ASP A 89 -4.57 -12.87 28.15
C ASP A 89 -4.25 -14.35 28.32
N GLU A 90 -3.14 -14.64 28.98
CA GLU A 90 -2.71 -16.01 29.21
C GLU A 90 -3.75 -16.78 30.03
N SER A 2 25.81 13.29 -8.32
CA SER A 2 26.06 13.50 -6.90
C SER A 2 25.00 12.80 -6.06
N PRO A 3 23.73 13.20 -6.25
CA PRO A 3 22.60 12.62 -5.52
C PRO A 3 22.31 11.18 -5.94
N LYS A 4 21.89 10.36 -4.99
CA LYS A 4 21.58 8.95 -5.25
C LYS A 4 20.08 8.74 -5.34
N THR A 5 19.58 8.59 -6.56
CA THR A 5 18.15 8.37 -6.78
C THR A 5 17.90 7.08 -7.55
N ILE A 6 16.70 6.54 -7.41
CA ILE A 6 16.33 5.30 -8.09
C ILE A 6 16.13 5.55 -9.58
N LEU A 7 15.82 4.48 -10.31
CA LEU A 7 15.60 4.57 -11.75
C LEU A 7 14.51 3.60 -12.20
N GLY A 8 14.64 2.34 -11.78
CA GLY A 8 13.66 1.33 -12.15
C GLY A 8 12.72 1.00 -11.01
N ILE A 9 11.49 0.62 -11.36
CA ILE A 9 10.49 0.28 -10.36
C ILE A 9 9.76 -1.01 -10.72
N GLU A 10 9.42 -1.80 -9.72
CA GLU A 10 8.71 -3.07 -9.94
C GLU A 10 7.58 -3.23 -8.94
N VAL A 11 6.37 -3.48 -9.45
CA VAL A 11 5.20 -3.66 -8.59
C VAL A 11 5.23 -5.02 -7.91
N SER A 12 5.18 -5.01 -6.59
CA SER A 12 5.19 -6.24 -5.81
C SER A 12 4.14 -6.21 -4.71
N GLN A 13 3.00 -5.61 -5.00
CA GLN A 13 1.92 -5.50 -4.03
C GLN A 13 1.12 -6.79 -3.98
N GLU A 14 0.78 -7.22 -2.76
CA GLU A 14 0.02 -8.45 -2.57
C GLU A 14 -1.42 -8.14 -2.17
N PRO A 15 -2.34 -9.07 -2.47
CA PRO A 15 -3.76 -8.91 -2.16
C PRO A 15 -4.04 -9.00 -0.66
N LYS A 16 -4.79 -8.04 -0.14
CA LYS A 16 -5.13 -8.00 1.27
C LYS A 16 -6.11 -6.86 1.57
N LYS A 17 -5.57 -5.66 1.76
CA LYS A 17 -6.39 -4.49 2.05
C LYS A 17 -7.48 -4.83 3.08
N ASP A 18 -7.08 -5.47 4.16
CA ASP A 18 -8.02 -5.85 5.22
C ASP A 18 -7.56 -5.31 6.56
N TYR A 19 -8.45 -4.61 7.25
CA TYR A 19 -8.14 -4.04 8.56
C TYR A 19 -9.26 -4.31 9.55
N LEU A 20 -8.91 -4.41 10.82
CA LEU A 20 -9.88 -4.66 11.88
C LEU A 20 -10.51 -3.36 12.37
N VAL A 21 -11.73 -3.46 12.88
CA VAL A 21 -12.45 -2.28 13.38
C VAL A 21 -11.57 -1.49 14.35
N GLY A 22 -11.48 -0.18 14.12
CA GLY A 22 -10.67 0.66 14.98
C GLY A 22 -9.26 0.84 14.47
N ASP A 23 -8.77 -0.16 13.74
CA ASP A 23 -7.42 -0.11 13.19
C ASP A 23 -7.34 0.85 12.01
N SER A 24 -8.48 1.11 11.39
CA SER A 24 -8.55 2.01 10.25
C SER A 24 -7.75 1.45 9.07
N LEU A 25 -8.15 1.84 7.85
CA LEU A 25 -7.46 1.38 6.65
C LEU A 25 -5.96 1.58 6.76
N ASP A 26 -5.20 0.53 6.46
CA ASP A 26 -3.74 0.60 6.53
C ASP A 26 -3.12 -0.64 5.90
N LEU A 27 -3.23 -0.75 4.58
CA LEU A 27 -2.68 -1.89 3.86
C LEU A 27 -1.21 -2.10 4.21
N SER A 28 -0.81 -3.35 4.31
CA SER A 28 0.58 -3.70 4.64
C SER A 28 1.10 -4.82 3.75
N GLU A 29 0.28 -5.22 2.78
CA GLU A 29 0.66 -6.28 1.86
C GLU A 29 1.01 -5.71 0.48
N GLY A 30 0.56 -4.49 0.23
CA GLY A 30 0.83 -3.85 -1.04
C GLY A 30 2.09 -3.02 -1.02
N ARG A 31 3.24 -3.68 -1.14
CA ARG A 31 4.53 -3.00 -1.12
C ARG A 31 5.19 -3.05 -2.50
N PHE A 32 6.05 -2.08 -2.77
CA PHE A 32 6.75 -2.01 -4.06
C PHE A 32 8.26 -2.06 -3.85
N ALA A 33 8.96 -2.65 -4.82
CA ALA A 33 10.41 -2.75 -4.75
C ALA A 33 11.08 -1.82 -5.76
N VAL A 34 11.88 -0.89 -5.26
CA VAL A 34 12.58 0.06 -6.11
C VAL A 34 14.08 -0.24 -6.16
N ALA A 35 14.66 -0.12 -7.34
CA ALA A 35 16.08 -0.37 -7.53
C ALA A 35 16.86 0.94 -7.67
N TYR A 36 18.00 1.02 -6.98
CA TYR A 36 18.83 2.21 -7.02
C TYR A 36 19.99 2.02 -7.98
N SER A 37 20.63 3.13 -8.36
CA SER A 37 21.75 3.10 -9.28
C SER A 37 23.05 2.81 -8.55
N ASN A 38 23.02 2.93 -7.22
CA ASN A 38 24.19 2.69 -6.39
C ASN A 38 24.19 1.26 -5.86
N ASP A 39 23.49 0.37 -6.56
CA ASP A 39 23.41 -1.03 -6.16
C ASP A 39 22.70 -1.16 -4.81
N THR A 40 21.41 -0.85 -4.79
CA THR A 40 20.62 -0.93 -3.57
C THR A 40 19.13 -1.06 -3.89
N MET A 41 18.36 -1.51 -2.90
CA MET A 41 16.92 -1.67 -3.07
C MET A 41 16.17 -1.25 -1.83
N GLU A 42 14.95 -0.75 -2.00
CA GLU A 42 14.12 -0.31 -0.88
C GLU A 42 12.71 -0.87 -1.00
N GLU A 43 12.20 -1.39 0.12
CA GLU A 43 10.86 -1.95 0.15
C GLU A 43 9.97 -1.19 1.13
N HIS A 44 8.74 -0.92 0.71
CA HIS A 44 7.79 -0.20 1.56
C HIS A 44 6.36 -0.56 1.18
N SER A 45 5.50 -0.69 2.19
CA SER A 45 4.10 -1.03 1.97
C SER A 45 3.18 0.08 2.46
N PHE A 46 2.34 0.59 1.57
CA PHE A 46 1.42 1.66 1.91
C PHE A 46 2.08 2.68 2.84
N THR A 47 2.99 3.47 2.28
CA THR A 47 3.71 4.48 3.05
C THR A 47 4.40 5.49 2.13
N ASP A 48 5.04 4.98 1.08
CA ASP A 48 5.73 5.83 0.13
C ASP A 48 4.82 6.94 -0.38
N GLU A 49 5.41 8.10 -0.64
CA GLU A 49 4.65 9.25 -1.12
C GLU A 49 4.71 9.33 -2.65
N GLY A 50 4.90 8.19 -3.29
CA GLY A 50 4.97 8.15 -4.74
C GLY A 50 3.68 7.64 -5.36
N VAL A 51 2.92 6.86 -4.61
CA VAL A 51 1.66 6.31 -5.10
C VAL A 51 0.47 6.99 -4.43
N GLU A 52 -0.59 7.18 -5.20
CA GLU A 52 -1.80 7.81 -4.67
C GLU A 52 -3.04 6.97 -4.99
N ILE A 53 -3.76 6.59 -3.95
CA ILE A 53 -4.96 5.79 -4.11
C ILE A 53 -6.22 6.64 -4.02
N SER A 54 -7.18 6.37 -4.90
CA SER A 54 -8.43 7.12 -4.93
C SER A 54 -9.63 6.19 -4.81
N GLY A 55 -10.71 6.69 -4.24
CA GLY A 55 -11.92 5.89 -4.08
C GLY A 55 -12.00 5.22 -2.72
N TYR A 56 -10.88 5.20 -2.01
CA TYR A 56 -10.83 4.59 -0.69
C TYR A 56 -11.21 5.60 0.39
N ASP A 57 -12.08 5.17 1.30
CA ASP A 57 -12.53 6.04 2.40
C ASP A 57 -11.94 5.58 3.72
N ALA A 58 -11.14 6.46 4.33
CA ALA A 58 -10.51 6.15 5.60
C ALA A 58 -11.50 6.29 6.76
N GLN A 59 -12.58 5.51 6.71
CA GLN A 59 -13.60 5.55 7.74
C GLN A 59 -14.72 4.55 7.43
N LYS A 60 -15.13 4.50 6.17
CA LYS A 60 -16.19 3.58 5.75
C LYS A 60 -15.74 2.74 4.56
N THR A 61 -15.46 1.47 4.82
CA THR A 61 -15.01 0.56 3.77
C THR A 61 -16.20 -0.10 3.07
N GLY A 62 -16.75 -1.14 3.70
CA GLY A 62 -17.88 -1.84 3.13
C GLY A 62 -17.70 -2.12 1.65
N ARG A 63 -16.59 -2.77 1.32
CA ARG A 63 -16.30 -3.10 -0.08
C ARG A 63 -16.06 -1.84 -0.90
N GLN A 64 -14.95 -1.16 -0.61
CA GLN A 64 -14.59 0.06 -1.33
C GLN A 64 -13.50 -0.21 -2.36
N THR A 65 -13.57 0.51 -3.47
CA THR A 65 -12.59 0.36 -4.54
C THR A 65 -11.39 1.26 -4.33
N LEU A 66 -10.21 0.78 -4.73
CA LEU A 66 -8.98 1.54 -4.58
C LEU A 66 -8.15 1.52 -5.87
N THR A 67 -7.75 2.70 -6.32
CA THR A 67 -6.96 2.81 -7.54
C THR A 67 -5.67 3.60 -7.29
N LEU A 68 -4.55 2.88 -7.24
CA LEU A 68 -3.25 3.52 -7.01
C LEU A 68 -2.57 3.84 -8.34
N HIS A 69 -2.05 5.07 -8.44
CA HIS A 69 -1.36 5.51 -9.65
C HIS A 69 0.06 5.95 -9.33
N TYR A 70 1.03 5.41 -10.07
CA TYR A 70 2.43 5.75 -9.87
C TYR A 70 3.16 5.88 -11.20
N GLN A 71 3.63 7.08 -11.50
CA GLN A 71 4.35 7.33 -12.75
C GLN A 71 3.43 7.15 -13.95
N GLY A 72 3.25 5.91 -14.37
CA GLY A 72 2.40 5.63 -15.52
C GLY A 72 1.66 4.32 -15.37
N HIS A 73 1.70 3.75 -14.17
CA HIS A 73 1.02 2.48 -13.91
C HIS A 73 -0.17 2.68 -12.97
N GLU A 74 -1.17 1.82 -13.11
CA GLU A 74 -2.36 1.91 -12.27
C GLU A 74 -2.80 0.52 -11.81
N VAL A 75 -3.15 0.41 -10.53
CA VAL A 75 -3.60 -0.86 -9.97
C VAL A 75 -4.92 -0.70 -9.24
N SER A 76 -5.82 -1.66 -9.46
CA SER A 76 -7.14 -1.63 -8.83
C SER A 76 -7.29 -2.78 -7.84
N PHE A 77 -7.89 -2.48 -6.69
CA PHE A 77 -8.10 -3.49 -5.65
C PHE A 77 -9.35 -3.18 -4.83
N ASP A 78 -9.73 -4.10 -3.97
CA ASP A 78 -10.90 -3.92 -3.12
C ASP A 78 -10.53 -4.03 -1.65
N VAL A 79 -11.21 -3.24 -0.82
CA VAL A 79 -10.95 -3.23 0.62
C VAL A 79 -12.19 -3.64 1.40
N LEU A 80 -11.99 -4.45 2.44
CA LEU A 80 -13.09 -4.91 3.27
C LEU A 80 -12.69 -4.94 4.74
N VAL A 81 -13.55 -4.39 5.59
CA VAL A 81 -13.29 -4.35 7.03
C VAL A 81 -13.99 -5.49 7.75
N SER A 82 -13.28 -6.13 8.66
CA SER A 82 -13.84 -7.25 9.43
C SER A 82 -13.80 -6.96 10.93
N PRO A 83 -14.61 -7.70 11.69
CA PRO A 83 -14.68 -7.55 13.15
C PRO A 83 -13.43 -8.04 13.85
N LYS A 84 -13.02 -7.31 14.89
CA LYS A 84 -11.82 -7.67 15.65
C LYS A 84 -11.87 -9.14 16.08
N ALA A 85 -10.70 -9.77 16.16
CA ALA A 85 -10.62 -11.16 16.56
C ALA A 85 -9.17 -11.58 16.77
N ALA A 86 -8.35 -10.65 17.25
CA ALA A 86 -6.94 -10.92 17.49
C ALA A 86 -6.53 -10.47 18.89
N LEU A 87 -5.24 -10.60 19.19
CA LEU A 87 -4.72 -10.19 20.49
C LEU A 87 -3.54 -9.24 20.34
N ASN A 88 -3.51 -8.21 21.17
CA ASN A 88 -2.43 -7.22 21.12
C ASN A 88 -2.15 -6.66 22.51
N ASP A 89 -0.88 -6.37 22.78
CA ASP A 89 -0.47 -5.84 24.08
C ASP A 89 0.54 -4.70 23.90
N GLU A 90 0.71 -3.90 24.94
CA GLU A 90 1.65 -2.79 24.90
C GLU A 90 3.06 -3.24 25.24
#